data_6ABR
# 
_entry.id   6ABR 
# 
_audit_conform.dict_name       mmcif_pdbx.dic 
_audit_conform.dict_version    5.387 
_audit_conform.dict_location   http://mmcif.pdb.org/dictionaries/ascii/mmcif_pdbx.dic 
# 
loop_
_database_2.database_id 
_database_2.database_code 
_database_2.pdbx_database_accession 
_database_2.pdbx_DOI 
PDB   6ABR         pdb_00006abr 10.2210/pdb6abr/pdb 
WWPDB D_1300008473 ?            ?                   
# 
loop_
_pdbx_audit_revision_history.ordinal 
_pdbx_audit_revision_history.data_content_type 
_pdbx_audit_revision_history.major_revision 
_pdbx_audit_revision_history.minor_revision 
_pdbx_audit_revision_history.revision_date 
1 'Structure model' 1 0 2019-11-20 
2 'Structure model' 1 1 2024-03-27 
# 
_pdbx_audit_revision_details.ordinal             1 
_pdbx_audit_revision_details.revision_ordinal    1 
_pdbx_audit_revision_details.data_content_type   'Structure model' 
_pdbx_audit_revision_details.provider            repository 
_pdbx_audit_revision_details.type                'Initial release' 
_pdbx_audit_revision_details.description         ? 
_pdbx_audit_revision_details.details             ? 
# 
loop_
_pdbx_audit_revision_group.ordinal 
_pdbx_audit_revision_group.revision_ordinal 
_pdbx_audit_revision_group.data_content_type 
_pdbx_audit_revision_group.group 
1 2 'Structure model' 'Data collection'     
2 2 'Structure model' 'Database references' 
# 
loop_
_pdbx_audit_revision_category.ordinal 
_pdbx_audit_revision_category.revision_ordinal 
_pdbx_audit_revision_category.data_content_type 
_pdbx_audit_revision_category.category 
1 2 'Structure model' chem_comp_atom 
2 2 'Structure model' chem_comp_bond 
3 2 'Structure model' database_2     
# 
loop_
_pdbx_audit_revision_item.ordinal 
_pdbx_audit_revision_item.revision_ordinal 
_pdbx_audit_revision_item.data_content_type 
_pdbx_audit_revision_item.item 
1 2 'Structure model' '_database_2.pdbx_DOI'                
2 2 'Structure model' '_database_2.pdbx_database_accession' 
# 
_pdbx_database_status.status_code                     REL 
_pdbx_database_status.status_code_sf                  REL 
_pdbx_database_status.status_code_mr                  ? 
_pdbx_database_status.entry_id                        6ABR 
_pdbx_database_status.recvd_initial_deposition_date   2018-07-23 
_pdbx_database_status.SG_entry                        N 
_pdbx_database_status.deposit_site                    PDBJ 
_pdbx_database_status.process_site                    PDBJ 
_pdbx_database_status.status_code_cs                  ? 
_pdbx_database_status.methods_development_category    ? 
_pdbx_database_status.pdb_format_compatible           Y 
_pdbx_database_status.status_code_nmr_data            ? 
# 
loop_
_audit_author.name 
_audit_author.pdbx_ordinal 
_audit_author.identifier_ORCID 
'Sun, J.'     1 ? 
'Xie, Y.'     2 ? 
'Toh, J.D.W.' 3 ? 
'Hong, W.'    4 ? 
'MIao, Y.'    5 ? 
'Gao, Y.G.'   6 ? 
# 
_citation.abstract                  ? 
_citation.abstract_id_CAS           ? 
_citation.book_id_ISBN              ? 
_citation.book_publisher            ? 
_citation.book_publisher_city       ? 
_citation.book_title                ? 
_citation.coordinate_linkage        ? 
_citation.country                   UK 
_citation.database_id_Medline       ? 
_citation.details                   ? 
_citation.id                        primary 
_citation.journal_abbrev            'Nat Commun' 
_citation.journal_id_ASTM           ? 
_citation.journal_id_CSD            ? 
_citation.journal_id_ISSN           2041-1723 
_citation.journal_full              ? 
_citation.journal_issue             ? 
_citation.journal_volume            10 
_citation.language                  ? 
_citation.page_first                5078 
_citation.page_last                 5078 
_citation.title                     
'Polarisome scaffolder Spa2-mediated macromolecular condensation of Aip5 for actin polymerization.' 
_citation.year                      2019 
_citation.database_id_CSD           ? 
_citation.pdbx_database_id_DOI      10.1038/s41467-019-13125-1 
_citation.pdbx_database_id_PubMed   31699995 
_citation.unpublished_flag          ? 
# 
loop_
_citation_author.citation_id 
_citation_author.name 
_citation_author.ordinal 
_citation_author.identifier_ORCID 
primary 'Xie, Y.'           1 0000-0002-9992-3504 
primary 'Sun, J.'           2 ?                   
primary 'Han, X.'           3 ?                   
primary 'Tursic-Wunder, A.' 4 ?                   
primary 'Toh, J.D.W.'       5 ?                   
primary 'Hong, W.'          6 0000-0002-1719-8960 
primary 'Gao, Y.G.'         7 ?                   
primary 'Miao, Y.'          8 0000-0003-1551-7873 
# 
loop_
_entity.id 
_entity.type 
_entity.src_method 
_entity.pdbx_description 
_entity.formula_weight 
_entity.pdbx_number_of_molecules 
_entity.pdbx_ec 
_entity.pdbx_mutation 
_entity.pdbx_fragment 
_entity.details 
1 polymer man 'Actin binding protein' 14282.879 2  ? ? 'UNP residues 1110-1233' ? 
2 water   nat water                   18.015    74 ? ? ?                        ? 
# 
_entity_poly.entity_id                      1 
_entity_poly.type                           'polypeptide(L)' 
_entity_poly.nstd_linkage                   no 
_entity_poly.nstd_monomer                   no 
_entity_poly.pdbx_seq_one_letter_code       
;DSTTQTTEQSKKNNDKPQDVITTSEIRKLNEKEPVYIYTSLAGGGFHMIPRTNRLSTILTANRIPFTYRDLGTDDEARKV
WKTFSKGRSLPGVVRGHNDLIGNWEEIEEANEDYKLRELIYDTI
;
_entity_poly.pdbx_seq_one_letter_code_can   
;DSTTQTTEQSKKNNDKPQDVITTSEIRKLNEKEPVYIYTSLAGGGFHMIPRTNRLSTILTANRIPFTYRDLGTDDEARKV
WKTFSKGRSLPGVVRGHNDLIGNWEEIEEANEDYKLRELIYDTI
;
_entity_poly.pdbx_strand_id                 A,B 
_entity_poly.pdbx_target_identifier         ? 
# 
_pdbx_entity_nonpoly.entity_id   2 
_pdbx_entity_nonpoly.name        water 
_pdbx_entity_nonpoly.comp_id     HOH 
# 
loop_
_entity_poly_seq.entity_id 
_entity_poly_seq.num 
_entity_poly_seq.mon_id 
_entity_poly_seq.hetero 
1 1   ASP n 
1 2   SER n 
1 3   THR n 
1 4   THR n 
1 5   GLN n 
1 6   THR n 
1 7   THR n 
1 8   GLU n 
1 9   GLN n 
1 10  SER n 
1 11  LYS n 
1 12  LYS n 
1 13  ASN n 
1 14  ASN n 
1 15  ASP n 
1 16  LYS n 
1 17  PRO n 
1 18  GLN n 
1 19  ASP n 
1 20  VAL n 
1 21  ILE n 
1 22  THR n 
1 23  THR n 
1 24  SER n 
1 25  GLU n 
1 26  ILE n 
1 27  ARG n 
1 28  LYS n 
1 29  LEU n 
1 30  ASN n 
1 31  GLU n 
1 32  LYS n 
1 33  GLU n 
1 34  PRO n 
1 35  VAL n 
1 36  TYR n 
1 37  ILE n 
1 38  TYR n 
1 39  THR n 
1 40  SER n 
1 41  LEU n 
1 42  ALA n 
1 43  GLY n 
1 44  GLY n 
1 45  GLY n 
1 46  PHE n 
1 47  HIS n 
1 48  MET n 
1 49  ILE n 
1 50  PRO n 
1 51  ARG n 
1 52  THR n 
1 53  ASN n 
1 54  ARG n 
1 55  LEU n 
1 56  SER n 
1 57  THR n 
1 58  ILE n 
1 59  LEU n 
1 60  THR n 
1 61  ALA n 
1 62  ASN n 
1 63  ARG n 
1 64  ILE n 
1 65  PRO n 
1 66  PHE n 
1 67  THR n 
1 68  TYR n 
1 69  ARG n 
1 70  ASP n 
1 71  LEU n 
1 72  GLY n 
1 73  THR n 
1 74  ASP n 
1 75  ASP n 
1 76  GLU n 
1 77  ALA n 
1 78  ARG n 
1 79  LYS n 
1 80  VAL n 
1 81  TRP n 
1 82  LYS n 
1 83  THR n 
1 84  PHE n 
1 85  SER n 
1 86  LYS n 
1 87  GLY n 
1 88  ARG n 
1 89  SER n 
1 90  LEU n 
1 91  PRO n 
1 92  GLY n 
1 93  VAL n 
1 94  VAL n 
1 95  ARG n 
1 96  GLY n 
1 97  HIS n 
1 98  ASN n 
1 99  ASP n 
1 100 LEU n 
1 101 ILE n 
1 102 GLY n 
1 103 ASN n 
1 104 TRP n 
1 105 GLU n 
1 106 GLU n 
1 107 ILE n 
1 108 GLU n 
1 109 GLU n 
1 110 ALA n 
1 111 ASN n 
1 112 GLU n 
1 113 ASP n 
1 114 TYR n 
1 115 LYS n 
1 116 LEU n 
1 117 ARG n 
1 118 GLU n 
1 119 LEU n 
1 120 ILE n 
1 121 TYR n 
1 122 ASP n 
1 123 THR n 
1 124 ILE n 
# 
_entity_src_gen.entity_id                          1 
_entity_src_gen.pdbx_src_id                        1 
_entity_src_gen.pdbx_alt_source_flag               sample 
_entity_src_gen.pdbx_seq_type                      'Biological sequence' 
_entity_src_gen.pdbx_beg_seq_num                   1 
_entity_src_gen.pdbx_end_seq_num                   124 
_entity_src_gen.gene_src_common_name               
;Baker's yeast
;
_entity_src_gen.gene_src_genus                     ? 
_entity_src_gen.pdbx_gene_src_gene                 YFR016C 
_entity_src_gen.gene_src_species                   ? 
_entity_src_gen.gene_src_strain                    S288c 
_entity_src_gen.gene_src_tissue                    ? 
_entity_src_gen.gene_src_tissue_fraction           ? 
_entity_src_gen.gene_src_details                   ? 
_entity_src_gen.pdbx_gene_src_fragment             ? 
_entity_src_gen.pdbx_gene_src_scientific_name      'Saccharomyces cerevisiae S288C' 
_entity_src_gen.pdbx_gene_src_ncbi_taxonomy_id     559292 
_entity_src_gen.pdbx_gene_src_variant              ? 
_entity_src_gen.pdbx_gene_src_cell_line            ? 
_entity_src_gen.pdbx_gene_src_atcc                 ? 
_entity_src_gen.pdbx_gene_src_organ                ? 
_entity_src_gen.pdbx_gene_src_organelle            ? 
_entity_src_gen.pdbx_gene_src_cell                 ? 
_entity_src_gen.pdbx_gene_src_cellular_location    ? 
_entity_src_gen.host_org_common_name               ? 
_entity_src_gen.pdbx_host_org_scientific_name      'Escherichia coli' 
_entity_src_gen.pdbx_host_org_ncbi_taxonomy_id     562 
_entity_src_gen.host_org_genus                     ? 
_entity_src_gen.pdbx_host_org_gene                 ? 
_entity_src_gen.pdbx_host_org_organ                ? 
_entity_src_gen.host_org_species                   ? 
_entity_src_gen.pdbx_host_org_tissue               ? 
_entity_src_gen.pdbx_host_org_tissue_fraction      ? 
_entity_src_gen.pdbx_host_org_strain               ? 
_entity_src_gen.pdbx_host_org_variant              ? 
_entity_src_gen.pdbx_host_org_cell_line            ? 
_entity_src_gen.pdbx_host_org_atcc                 ? 
_entity_src_gen.pdbx_host_org_culture_collection   ? 
_entity_src_gen.pdbx_host_org_cell                 ? 
_entity_src_gen.pdbx_host_org_organelle            ? 
_entity_src_gen.pdbx_host_org_cellular_location    ? 
_entity_src_gen.pdbx_host_org_vector_type          ? 
_entity_src_gen.pdbx_host_org_vector               ? 
_entity_src_gen.host_org_details                   ? 
_entity_src_gen.expression_system_id               ? 
_entity_src_gen.plasmid_name                       ? 
_entity_src_gen.plasmid_details                    ? 
_entity_src_gen.pdbx_description                   ? 
# 
loop_
_chem_comp.id 
_chem_comp.type 
_chem_comp.mon_nstd_flag 
_chem_comp.name 
_chem_comp.pdbx_synonyms 
_chem_comp.formula 
_chem_comp.formula_weight 
ALA 'L-peptide linking' y ALANINE         ? 'C3 H7 N O2'     89.093  
ARG 'L-peptide linking' y ARGININE        ? 'C6 H15 N4 O2 1' 175.209 
ASN 'L-peptide linking' y ASPARAGINE      ? 'C4 H8 N2 O3'    132.118 
ASP 'L-peptide linking' y 'ASPARTIC ACID' ? 'C4 H7 N O4'     133.103 
GLN 'L-peptide linking' y GLUTAMINE       ? 'C5 H10 N2 O3'   146.144 
GLU 'L-peptide linking' y 'GLUTAMIC ACID' ? 'C5 H9 N O4'     147.129 
GLY 'peptide linking'   y GLYCINE         ? 'C2 H5 N O2'     75.067  
HIS 'L-peptide linking' y HISTIDINE       ? 'C6 H10 N3 O2 1' 156.162 
HOH non-polymer         . WATER           ? 'H2 O'           18.015  
ILE 'L-peptide linking' y ISOLEUCINE      ? 'C6 H13 N O2'    131.173 
LEU 'L-peptide linking' y LEUCINE         ? 'C6 H13 N O2'    131.173 
LYS 'L-peptide linking' y LYSINE          ? 'C6 H15 N2 O2 1' 147.195 
MET 'L-peptide linking' y METHIONINE      ? 'C5 H11 N O2 S'  149.211 
PHE 'L-peptide linking' y PHENYLALANINE   ? 'C9 H11 N O2'    165.189 
PRO 'L-peptide linking' y PROLINE         ? 'C5 H9 N O2'     115.130 
SER 'L-peptide linking' y SERINE          ? 'C3 H7 N O3'     105.093 
THR 'L-peptide linking' y THREONINE       ? 'C4 H9 N O3'     119.119 
TRP 'L-peptide linking' y TRYPTOPHAN      ? 'C11 H12 N2 O2'  204.225 
TYR 'L-peptide linking' y TYROSINE        ? 'C9 H11 N O3'    181.189 
VAL 'L-peptide linking' y VALINE          ? 'C5 H11 N O2'    117.146 
# 
loop_
_pdbx_poly_seq_scheme.asym_id 
_pdbx_poly_seq_scheme.entity_id 
_pdbx_poly_seq_scheme.seq_id 
_pdbx_poly_seq_scheme.mon_id 
_pdbx_poly_seq_scheme.ndb_seq_num 
_pdbx_poly_seq_scheme.pdb_seq_num 
_pdbx_poly_seq_scheme.auth_seq_num 
_pdbx_poly_seq_scheme.pdb_mon_id 
_pdbx_poly_seq_scheme.auth_mon_id 
_pdbx_poly_seq_scheme.pdb_strand_id 
_pdbx_poly_seq_scheme.pdb_ins_code 
_pdbx_poly_seq_scheme.hetero 
A 1 1   ASP 1   1110 ?    ?   ?   A . n 
A 1 2   SER 2   1111 ?    ?   ?   A . n 
A 1 3   THR 3   1112 ?    ?   ?   A . n 
A 1 4   THR 4   1113 ?    ?   ?   A . n 
A 1 5   GLN 5   1114 ?    ?   ?   A . n 
A 1 6   THR 6   1115 ?    ?   ?   A . n 
A 1 7   THR 7   1116 ?    ?   ?   A . n 
A 1 8   GLU 8   1117 ?    ?   ?   A . n 
A 1 9   GLN 9   1118 ?    ?   ?   A . n 
A 1 10  SER 10  1119 ?    ?   ?   A . n 
A 1 11  LYS 11  1120 ?    ?   ?   A . n 
A 1 12  LYS 12  1121 ?    ?   ?   A . n 
A 1 13  ASN 13  1122 ?    ?   ?   A . n 
A 1 14  ASN 14  1123 ?    ?   ?   A . n 
A 1 15  ASP 15  1124 ?    ?   ?   A . n 
A 1 16  LYS 16  1125 ?    ?   ?   A . n 
A 1 17  PRO 17  1126 ?    ?   ?   A . n 
A 1 18  GLN 18  1127 ?    ?   ?   A . n 
A 1 19  ASP 19  1128 ?    ?   ?   A . n 
A 1 20  VAL 20  1129 ?    ?   ?   A . n 
A 1 21  ILE 21  1130 ?    ?   ?   A . n 
A 1 22  THR 22  1131 ?    ?   ?   A . n 
A 1 23  THR 23  1132 ?    ?   ?   A . n 
A 1 24  SER 24  1133 ?    ?   ?   A . n 
A 1 25  GLU 25  1134 ?    ?   ?   A . n 
A 1 26  ILE 26  1135 1135 ILE ILE A . n 
A 1 27  ARG 27  1136 1136 ARG ARG A . n 
A 1 28  LYS 28  1137 1137 LYS LYS A . n 
A 1 29  LEU 29  1138 1138 LEU LEU A . n 
A 1 30  ASN 30  1139 1139 ASN ASN A . n 
A 1 31  GLU 31  1140 1140 GLU GLU A . n 
A 1 32  LYS 32  1141 1141 LYS LYS A . n 
A 1 33  GLU 33  1142 1142 GLU GLU A . n 
A 1 34  PRO 34  1143 1143 PRO PRO A . n 
A 1 35  VAL 35  1144 1144 VAL VAL A . n 
A 1 36  TYR 36  1145 1145 TYR TYR A . n 
A 1 37  ILE 37  1146 1146 ILE ILE A . n 
A 1 38  TYR 38  1147 1147 TYR TYR A . n 
A 1 39  THR 39  1148 1148 THR THR A . n 
A 1 40  SER 40  1149 1149 SER SER A . n 
A 1 41  LEU 41  1150 1150 LEU LEU A . n 
A 1 42  ALA 42  1151 1151 ALA ALA A . n 
A 1 43  GLY 43  1152 1152 GLY GLY A . n 
A 1 44  GLY 44  1153 1153 GLY GLY A . n 
A 1 45  GLY 45  1154 1154 GLY GLY A . n 
A 1 46  PHE 46  1155 1155 PHE PHE A . n 
A 1 47  HIS 47  1156 1156 HIS HIS A . n 
A 1 48  MET 48  1157 1157 MET MET A . n 
A 1 49  ILE 49  1158 1158 ILE ILE A . n 
A 1 50  PRO 50  1159 1159 PRO PRO A . n 
A 1 51  ARG 51  1160 1160 ARG ARG A . n 
A 1 52  THR 52  1161 1161 THR THR A . n 
A 1 53  ASN 53  1162 1162 ASN ASN A . n 
A 1 54  ARG 54  1163 1163 ARG ARG A . n 
A 1 55  LEU 55  1164 1164 LEU LEU A . n 
A 1 56  SER 56  1165 1165 SER SER A . n 
A 1 57  THR 57  1166 1166 THR THR A . n 
A 1 58  ILE 58  1167 1167 ILE ILE A . n 
A 1 59  LEU 59  1168 1168 LEU LEU A . n 
A 1 60  THR 60  1169 1169 THR THR A . n 
A 1 61  ALA 61  1170 1170 ALA ALA A . n 
A 1 62  ASN 62  1171 1171 ASN ASN A . n 
A 1 63  ARG 63  1172 1172 ARG ARG A . n 
A 1 64  ILE 64  1173 1173 ILE ILE A . n 
A 1 65  PRO 65  1174 1174 PRO PRO A . n 
A 1 66  PHE 66  1175 1175 PHE PHE A . n 
A 1 67  THR 67  1176 1176 THR THR A . n 
A 1 68  TYR 68  1177 1177 TYR TYR A . n 
A 1 69  ARG 69  1178 1178 ARG ARG A . n 
A 1 70  ASP 70  1179 1179 ASP ASP A . n 
A 1 71  LEU 71  1180 1180 LEU LEU A . n 
A 1 72  GLY 72  1181 1181 GLY GLY A . n 
A 1 73  THR 73  1182 1182 THR THR A . n 
A 1 74  ASP 74  1183 1183 ASP ASP A . n 
A 1 75  ASP 75  1184 1184 ASP ASP A . n 
A 1 76  GLU 76  1185 1185 GLU GLU A . n 
A 1 77  ALA 77  1186 1186 ALA ALA A . n 
A 1 78  ARG 78  1187 1187 ARG ARG A . n 
A 1 79  LYS 79  1188 1188 LYS LYS A . n 
A 1 80  VAL 80  1189 1189 VAL VAL A . n 
A 1 81  TRP 81  1190 1190 TRP TRP A . n 
A 1 82  LYS 82  1191 1191 LYS LYS A . n 
A 1 83  THR 83  1192 1192 THR THR A . n 
A 1 84  PHE 84  1193 1193 PHE PHE A . n 
A 1 85  SER 85  1194 1194 SER SER A . n 
A 1 86  LYS 86  1195 1195 LYS LYS A . n 
A 1 87  GLY 87  1196 1196 GLY GLY A . n 
A 1 88  ARG 88  1197 1197 ARG ARG A . n 
A 1 89  SER 89  1198 1198 SER SER A . n 
A 1 90  LEU 90  1199 1199 LEU LEU A . n 
A 1 91  PRO 91  1200 1200 PRO PRO A . n 
A 1 92  GLY 92  1201 1201 GLY GLY A . n 
A 1 93  VAL 93  1202 1202 VAL VAL A . n 
A 1 94  VAL 94  1203 1203 VAL VAL A . n 
A 1 95  ARG 95  1204 1204 ARG ARG A . n 
A 1 96  GLY 96  1205 1205 GLY GLY A . n 
A 1 97  HIS 97  1206 1206 HIS HIS A . n 
A 1 98  ASN 98  1207 1207 ASN ASN A . n 
A 1 99  ASP 99  1208 1208 ASP ASP A . n 
A 1 100 LEU 100 1209 1209 LEU LEU A . n 
A 1 101 ILE 101 1210 1210 ILE ILE A . n 
A 1 102 GLY 102 1211 1211 GLY GLY A . n 
A 1 103 ASN 103 1212 1212 ASN ASN A . n 
A 1 104 TRP 104 1213 1213 TRP TRP A . n 
A 1 105 GLU 105 1214 1214 GLU GLU A . n 
A 1 106 GLU 106 1215 1215 GLU GLU A . n 
A 1 107 ILE 107 1216 1216 ILE ILE A . n 
A 1 108 GLU 108 1217 1217 GLU GLU A . n 
A 1 109 GLU 109 1218 1218 GLU GLU A . n 
A 1 110 ALA 110 1219 1219 ALA ALA A . n 
A 1 111 ASN 111 1220 1220 ASN ASN A . n 
A 1 112 GLU 112 1221 1221 GLU GLU A . n 
A 1 113 ASP 113 1222 1222 ASP ASP A . n 
A 1 114 TYR 114 1223 1223 TYR TYR A . n 
A 1 115 LYS 115 1224 1224 LYS LYS A . n 
A 1 116 LEU 116 1225 1225 LEU LEU A . n 
A 1 117 ARG 117 1226 1226 ARG ARG A . n 
A 1 118 GLU 118 1227 1227 GLU GLU A . n 
A 1 119 LEU 119 1228 1228 LEU LEU A . n 
A 1 120 ILE 120 1229 1229 ILE ILE A . n 
A 1 121 TYR 121 1230 1230 TYR TYR A . n 
A 1 122 ASP 122 1231 ?    ?   ?   A . n 
A 1 123 THR 123 1232 ?    ?   ?   A . n 
A 1 124 ILE 124 1233 ?    ?   ?   A . n 
B 1 1   ASP 1   1110 ?    ?   ?   B . n 
B 1 2   SER 2   1111 ?    ?   ?   B . n 
B 1 3   THR 3   1112 ?    ?   ?   B . n 
B 1 4   THR 4   1113 ?    ?   ?   B . n 
B 1 5   GLN 5   1114 ?    ?   ?   B . n 
B 1 6   THR 6   1115 ?    ?   ?   B . n 
B 1 7   THR 7   1116 ?    ?   ?   B . n 
B 1 8   GLU 8   1117 ?    ?   ?   B . n 
B 1 9   GLN 9   1118 ?    ?   ?   B . n 
B 1 10  SER 10  1119 ?    ?   ?   B . n 
B 1 11  LYS 11  1120 ?    ?   ?   B . n 
B 1 12  LYS 12  1121 ?    ?   ?   B . n 
B 1 13  ASN 13  1122 ?    ?   ?   B . n 
B 1 14  ASN 14  1123 ?    ?   ?   B . n 
B 1 15  ASP 15  1124 ?    ?   ?   B . n 
B 1 16  LYS 16  1125 ?    ?   ?   B . n 
B 1 17  PRO 17  1126 ?    ?   ?   B . n 
B 1 18  GLN 18  1127 ?    ?   ?   B . n 
B 1 19  ASP 19  1128 ?    ?   ?   B . n 
B 1 20  VAL 20  1129 ?    ?   ?   B . n 
B 1 21  ILE 21  1130 ?    ?   ?   B . n 
B 1 22  THR 22  1131 ?    ?   ?   B . n 
B 1 23  THR 23  1132 ?    ?   ?   B . n 
B 1 24  SER 24  1133 ?    ?   ?   B . n 
B 1 25  GLU 25  1134 ?    ?   ?   B . n 
B 1 26  ILE 26  1135 ?    ?   ?   B . n 
B 1 27  ARG 27  1136 ?    ?   ?   B . n 
B 1 28  LYS 28  1137 ?    ?   ?   B . n 
B 1 29  LEU 29  1138 ?    ?   ?   B . n 
B 1 30  ASN 30  1139 ?    ?   ?   B . n 
B 1 31  GLU 31  1140 ?    ?   ?   B . n 
B 1 32  LYS 32  1141 ?    ?   ?   B . n 
B 1 33  GLU 33  1142 1142 GLU GLU B . n 
B 1 34  PRO 34  1143 1143 PRO PRO B . n 
B 1 35  VAL 35  1144 1144 VAL VAL B . n 
B 1 36  TYR 36  1145 1145 TYR TYR B . n 
B 1 37  ILE 37  1146 1146 ILE ILE B . n 
B 1 38  TYR 38  1147 1147 TYR TYR B . n 
B 1 39  THR 39  1148 1148 THR THR B . n 
B 1 40  SER 40  1149 1149 SER SER B . n 
B 1 41  LEU 41  1150 1150 LEU LEU B . n 
B 1 42  ALA 42  1151 1151 ALA ALA B . n 
B 1 43  GLY 43  1152 1152 GLY GLY B . n 
B 1 44  GLY 44  1153 ?    ?   ?   B . n 
B 1 45  GLY 45  1154 ?    ?   ?   B . n 
B 1 46  PHE 46  1155 ?    ?   ?   B . n 
B 1 47  HIS 47  1156 ?    ?   ?   B . n 
B 1 48  MET 48  1157 1157 MET MET B . n 
B 1 49  ILE 49  1158 1158 ILE ILE B . n 
B 1 50  PRO 50  1159 1159 PRO PRO B . n 
B 1 51  ARG 51  1160 1160 ARG ARG B . n 
B 1 52  THR 52  1161 1161 THR THR B . n 
B 1 53  ASN 53  1162 1162 ASN ASN B . n 
B 1 54  ARG 54  1163 1163 ARG ARG B . n 
B 1 55  LEU 55  1164 1164 LEU LEU B . n 
B 1 56  SER 56  1165 1165 SER SER B . n 
B 1 57  THR 57  1166 1166 THR THR B . n 
B 1 58  ILE 58  1167 1167 ILE ILE B . n 
B 1 59  LEU 59  1168 1168 LEU LEU B . n 
B 1 60  THR 60  1169 1169 THR THR B . n 
B 1 61  ALA 61  1170 1170 ALA ALA B . n 
B 1 62  ASN 62  1171 1171 ASN ASN B . n 
B 1 63  ARG 63  1172 1172 ARG ARG B . n 
B 1 64  ILE 64  1173 1173 ILE ILE B . n 
B 1 65  PRO 65  1174 1174 PRO PRO B . n 
B 1 66  PHE 66  1175 1175 PHE PHE B . n 
B 1 67  THR 67  1176 1176 THR THR B . n 
B 1 68  TYR 68  1177 1177 TYR TYR B . n 
B 1 69  ARG 69  1178 1178 ARG ARG B . n 
B 1 70  ASP 70  1179 1179 ASP ASP B . n 
B 1 71  LEU 71  1180 1180 LEU LEU B . n 
B 1 72  GLY 72  1181 1181 GLY GLY B . n 
B 1 73  THR 73  1182 1182 THR THR B . n 
B 1 74  ASP 74  1183 1183 ASP ASP B . n 
B 1 75  ASP 75  1184 1184 ASP ASP B . n 
B 1 76  GLU 76  1185 1185 GLU GLU B . n 
B 1 77  ALA 77  1186 1186 ALA ALA B . n 
B 1 78  ARG 78  1187 1187 ARG ARG B . n 
B 1 79  LYS 79  1188 1188 LYS LYS B . n 
B 1 80  VAL 80  1189 1189 VAL VAL B . n 
B 1 81  TRP 81  1190 1190 TRP TRP B . n 
B 1 82  LYS 82  1191 1191 LYS LYS B . n 
B 1 83  THR 83  1192 1192 THR THR B . n 
B 1 84  PHE 84  1193 1193 PHE PHE B . n 
B 1 85  SER 85  1194 1194 SER SER B . n 
B 1 86  LYS 86  1195 1195 LYS LYS B . n 
B 1 87  GLY 87  1196 1196 GLY GLY B . n 
B 1 88  ARG 88  1197 1197 ARG ARG B . n 
B 1 89  SER 89  1198 1198 SER SER B . n 
B 1 90  LEU 90  1199 1199 LEU LEU B . n 
B 1 91  PRO 91  1200 1200 PRO PRO B . n 
B 1 92  GLY 92  1201 1201 GLY GLY B . n 
B 1 93  VAL 93  1202 1202 VAL VAL B . n 
B 1 94  VAL 94  1203 1203 VAL VAL B . n 
B 1 95  ARG 95  1204 1204 ARG ARG B . n 
B 1 96  GLY 96  1205 1205 GLY GLY B . n 
B 1 97  HIS 97  1206 1206 HIS HIS B . n 
B 1 98  ASN 98  1207 1207 ASN ASN B . n 
B 1 99  ASP 99  1208 1208 ASP ASP B . n 
B 1 100 LEU 100 1209 1209 LEU LEU B . n 
B 1 101 ILE 101 1210 1210 ILE ILE B . n 
B 1 102 GLY 102 1211 1211 GLY GLY B . n 
B 1 103 ASN 103 1212 1212 ASN ASN B . n 
B 1 104 TRP 104 1213 1213 TRP TRP B . n 
B 1 105 GLU 105 1214 1214 GLU GLU B . n 
B 1 106 GLU 106 1215 1215 GLU GLU B . n 
B 1 107 ILE 107 1216 1216 ILE ILE B . n 
B 1 108 GLU 108 1217 1217 GLU GLU B . n 
B 1 109 GLU 109 1218 1218 GLU GLU B . n 
B 1 110 ALA 110 1219 1219 ALA ALA B . n 
B 1 111 ASN 111 1220 1220 ASN ASN B . n 
B 1 112 GLU 112 1221 1221 GLU GLU B . n 
B 1 113 ASP 113 1222 1222 ASP ASP B . n 
B 1 114 TYR 114 1223 1223 TYR TYR B . n 
B 1 115 LYS 115 1224 1224 LYS LYS B . n 
B 1 116 LEU 116 1225 1225 LEU LEU B . n 
B 1 117 ARG 117 1226 1226 ARG ARG B . n 
B 1 118 GLU 118 1227 1227 GLU GLU B . n 
B 1 119 LEU 119 1228 1228 LEU LEU B . n 
B 1 120 ILE 120 1229 1229 ILE ILE B . n 
B 1 121 TYR 121 1230 1230 TYR TYR B . n 
B 1 122 ASP 122 1231 1231 ASP ASP B . n 
B 1 123 THR 123 1232 ?    ?   ?   B . n 
B 1 124 ILE 124 1233 ?    ?   ?   B . n 
# 
loop_
_pdbx_nonpoly_scheme.asym_id 
_pdbx_nonpoly_scheme.entity_id 
_pdbx_nonpoly_scheme.mon_id 
_pdbx_nonpoly_scheme.ndb_seq_num 
_pdbx_nonpoly_scheme.pdb_seq_num 
_pdbx_nonpoly_scheme.auth_seq_num 
_pdbx_nonpoly_scheme.pdb_mon_id 
_pdbx_nonpoly_scheme.auth_mon_id 
_pdbx_nonpoly_scheme.pdb_strand_id 
_pdbx_nonpoly_scheme.pdb_ins_code 
C 2 HOH 1  1301 41 HOH HOH A . 
C 2 HOH 2  1302 71 HOH HOH A . 
C 2 HOH 3  1303 66 HOH HOH A . 
C 2 HOH 4  1304 48 HOH HOH A . 
C 2 HOH 5  1305 14 HOH HOH A . 
C 2 HOH 6  1306 50 HOH HOH A . 
C 2 HOH 7  1307 30 HOH HOH A . 
C 2 HOH 8  1308 20 HOH HOH A . 
C 2 HOH 9  1309 2  HOH HOH A . 
C 2 HOH 10 1310 35 HOH HOH A . 
C 2 HOH 11 1311 39 HOH HOH A . 
C 2 HOH 12 1312 27 HOH HOH A . 
C 2 HOH 13 1313 68 HOH HOH A . 
C 2 HOH 14 1314 7  HOH HOH A . 
C 2 HOH 15 1315 45 HOH HOH A . 
C 2 HOH 16 1316 21 HOH HOH A . 
C 2 HOH 17 1317 17 HOH HOH A . 
C 2 HOH 18 1318 62 HOH HOH A . 
C 2 HOH 19 1319 10 HOH HOH A . 
C 2 HOH 20 1320 78 HOH HOH A . 
C 2 HOH 21 1321 4  HOH HOH A . 
C 2 HOH 22 1322 5  HOH HOH A . 
C 2 HOH 23 1323 3  HOH HOH A . 
C 2 HOH 24 1324 32 HOH HOH A . 
C 2 HOH 25 1325 34 HOH HOH A . 
C 2 HOH 26 1326 57 HOH HOH A . 
C 2 HOH 27 1327 9  HOH HOH A . 
C 2 HOH 28 1328 77 HOH HOH A . 
C 2 HOH 29 1329 22 HOH HOH A . 
C 2 HOH 30 1330 73 HOH HOH A . 
C 2 HOH 31 1331 42 HOH HOH A . 
C 2 HOH 32 1332 65 HOH HOH A . 
C 2 HOH 33 1333 58 HOH HOH A . 
C 2 HOH 34 1334 54 HOH HOH A . 
C 2 HOH 35 1335 70 HOH HOH A . 
C 2 HOH 36 1336 49 HOH HOH A . 
C 2 HOH 37 1337 69 HOH HOH A . 
C 2 HOH 38 1338 19 HOH HOH A . 
C 2 HOH 39 1339 74 HOH HOH A . 
D 2 HOH 1  1301 67 HOH HOH B . 
D 2 HOH 2  1302 12 HOH HOH B . 
D 2 HOH 3  1303 63 HOH HOH B . 
D 2 HOH 4  1304 13 HOH HOH B . 
D 2 HOH 5  1305 8  HOH HOH B . 
D 2 HOH 6  1306 36 HOH HOH B . 
D 2 HOH 7  1307 37 HOH HOH B . 
D 2 HOH 8  1308 11 HOH HOH B . 
D 2 HOH 9  1309 23 HOH HOH B . 
D 2 HOH 10 1310 72 HOH HOH B . 
D 2 HOH 11 1311 38 HOH HOH B . 
D 2 HOH 12 1312 15 HOH HOH B . 
D 2 HOH 13 1313 6  HOH HOH B . 
D 2 HOH 14 1314 53 HOH HOH B . 
D 2 HOH 15 1315 46 HOH HOH B . 
D 2 HOH 16 1316 64 HOH HOH B . 
D 2 HOH 17 1317 52 HOH HOH B . 
D 2 HOH 18 1318 16 HOH HOH B . 
D 2 HOH 19 1319 60 HOH HOH B . 
D 2 HOH 20 1320 18 HOH HOH B . 
D 2 HOH 21 1321 40 HOH HOH B . 
D 2 HOH 22 1322 59 HOH HOH B . 
D 2 HOH 23 1323 26 HOH HOH B . 
D 2 HOH 24 1324 28 HOH HOH B . 
D 2 HOH 25 1325 55 HOH HOH B . 
D 2 HOH 26 1326 24 HOH HOH B . 
D 2 HOH 27 1327 25 HOH HOH B . 
D 2 HOH 28 1328 47 HOH HOH B . 
D 2 HOH 29 1329 44 HOH HOH B . 
D 2 HOH 30 1330 1  HOH HOH B . 
D 2 HOH 31 1331 31 HOH HOH B . 
D 2 HOH 32 1332 29 HOH HOH B . 
D 2 HOH 33 1333 75 HOH HOH B . 
D 2 HOH 34 1334 76 HOH HOH B . 
D 2 HOH 35 1335 51 HOH HOH B . 
# 
loop_
_pdbx_unobs_or_zero_occ_atoms.id 
_pdbx_unobs_or_zero_occ_atoms.PDB_model_num 
_pdbx_unobs_or_zero_occ_atoms.polymer_flag 
_pdbx_unobs_or_zero_occ_atoms.occupancy_flag 
_pdbx_unobs_or_zero_occ_atoms.auth_asym_id 
_pdbx_unobs_or_zero_occ_atoms.auth_comp_id 
_pdbx_unobs_or_zero_occ_atoms.auth_seq_id 
_pdbx_unobs_or_zero_occ_atoms.PDB_ins_code 
_pdbx_unobs_or_zero_occ_atoms.auth_atom_id 
_pdbx_unobs_or_zero_occ_atoms.label_alt_id 
_pdbx_unobs_or_zero_occ_atoms.label_asym_id 
_pdbx_unobs_or_zero_occ_atoms.label_comp_id 
_pdbx_unobs_or_zero_occ_atoms.label_seq_id 
_pdbx_unobs_or_zero_occ_atoms.label_atom_id 
1  1 Y 1 A LEU 1228 ? CG  ? A LEU 119 CG  
2  1 Y 1 A LEU 1228 ? CD1 ? A LEU 119 CD1 
3  1 Y 1 A LEU 1228 ? CD2 ? A LEU 119 CD2 
4  1 Y 1 A TYR 1230 ? CG  ? A TYR 121 CG  
5  1 Y 1 A TYR 1230 ? CD1 ? A TYR 121 CD1 
6  1 Y 1 A TYR 1230 ? CD2 ? A TYR 121 CD2 
7  1 Y 1 A TYR 1230 ? CE1 ? A TYR 121 CE1 
8  1 Y 1 A TYR 1230 ? CE2 ? A TYR 121 CE2 
9  1 Y 1 A TYR 1230 ? CZ  ? A TYR 121 CZ  
10 1 Y 1 A TYR 1230 ? OH  ? A TYR 121 OH  
11 1 Y 1 B GLY 1152 ? CA  ? B GLY 43  CA  
12 1 Y 1 B GLY 1152 ? C   ? B GLY 43  C   
13 1 Y 1 B GLY 1152 ? O   ? B GLY 43  O   
14 1 Y 1 B MET 1157 ? SD  ? B MET 48  SD  
15 1 Y 1 B MET 1157 ? CE  ? B MET 48  CE  
# 
loop_
_software.citation_id 
_software.classification 
_software.compiler_name 
_software.compiler_version 
_software.contact_author 
_software.contact_author_email 
_software.date 
_software.description 
_software.dependencies 
_software.hardware 
_software.language 
_software.location 
_software.mods 
_software.name 
_software.os 
_software.os_version 
_software.type 
_software.version 
_software.pdbx_ordinal 
? refinement       ? ? ? ? ? ? ? ? ? ? ? PHENIX   ? ? ? 1.9_1692 1 
? 'data reduction' ? ? ? ? ? ? ? ? ? ? ? HKL-2000 ? ? ? .        2 
? 'data scaling'   ? ? ? ? ? ? ? ? ? ? ? HKL-2000 ? ? ? .        3 
? phasing          ? ? ? ? ? ? ? ? ? ? ? PHASER   ? ? ? .        4 
# 
_cell.angle_alpha                  90.00 
_cell.angle_alpha_esd              ? 
_cell.angle_beta                   107.37 
_cell.angle_beta_esd               ? 
_cell.angle_gamma                  90.00 
_cell.angle_gamma_esd              ? 
_cell.entry_id                     6ABR 
_cell.details                      ? 
_cell.formula_units_Z              ? 
_cell.length_a                     32.573 
_cell.length_a_esd                 ? 
_cell.length_b                     82.775 
_cell.length_b_esd                 ? 
_cell.length_c                     34.278 
_cell.length_c_esd                 ? 
_cell.volume                       ? 
_cell.volume_esd                   ? 
_cell.Z_PDB                        4 
_cell.reciprocal_angle_alpha       ? 
_cell.reciprocal_angle_beta        ? 
_cell.reciprocal_angle_gamma       ? 
_cell.reciprocal_angle_alpha_esd   ? 
_cell.reciprocal_angle_beta_esd    ? 
_cell.reciprocal_angle_gamma_esd   ? 
_cell.reciprocal_length_a          ? 
_cell.reciprocal_length_b          ? 
_cell.reciprocal_length_c          ? 
_cell.reciprocal_length_a_esd      ? 
_cell.reciprocal_length_b_esd      ? 
_cell.reciprocal_length_c_esd      ? 
_cell.pdbx_unique_axis             ? 
# 
_symmetry.entry_id                         6ABR 
_symmetry.cell_setting                     ? 
_symmetry.Int_Tables_number                4 
_symmetry.space_group_name_Hall            ? 
_symmetry.space_group_name_H-M             'P 1 21 1' 
_symmetry.pdbx_full_space_group_name_H-M   ? 
# 
_exptl.absorpt_coefficient_mu     ? 
_exptl.absorpt_correction_T_max   ? 
_exptl.absorpt_correction_T_min   ? 
_exptl.absorpt_correction_type    ? 
_exptl.absorpt_process_details    ? 
_exptl.entry_id                   6ABR 
_exptl.crystals_number            1 
_exptl.details                    ? 
_exptl.method                     'X-RAY DIFFRACTION' 
_exptl.method_details             ? 
# 
_exptl_crystal.colour                      ? 
_exptl_crystal.density_diffrn              ? 
_exptl_crystal.density_Matthews            1.54 
_exptl_crystal.density_method              ? 
_exptl_crystal.density_percent_sol         20.33 
_exptl_crystal.description                 ? 
_exptl_crystal.F_000                       ? 
_exptl_crystal.id                          1 
_exptl_crystal.preparation                 ? 
_exptl_crystal.size_max                    ? 
_exptl_crystal.size_mid                    ? 
_exptl_crystal.size_min                    ? 
_exptl_crystal.size_rad                    ? 
_exptl_crystal.colour_lustre               ? 
_exptl_crystal.colour_modifier             ? 
_exptl_crystal.colour_primary              ? 
_exptl_crystal.density_meas                ? 
_exptl_crystal.density_meas_esd            ? 
_exptl_crystal.density_meas_gt             ? 
_exptl_crystal.density_meas_lt             ? 
_exptl_crystal.density_meas_temp           ? 
_exptl_crystal.density_meas_temp_esd       ? 
_exptl_crystal.density_meas_temp_gt        ? 
_exptl_crystal.density_meas_temp_lt        ? 
_exptl_crystal.pdbx_crystal_image_url      ? 
_exptl_crystal.pdbx_crystal_image_format   ? 
_exptl_crystal.pdbx_mosaicity              ? 
_exptl_crystal.pdbx_mosaicity_esd          ? 
# 
_exptl_crystal_grow.apparatus       ? 
_exptl_crystal_grow.atmosphere      ? 
_exptl_crystal_grow.crystal_id      1 
_exptl_crystal_grow.details         ? 
_exptl_crystal_grow.method          'VAPOR DIFFUSION, HANGING DROP' 
_exptl_crystal_grow.method_ref      ? 
_exptl_crystal_grow.pH              ? 
_exptl_crystal_grow.pressure        ? 
_exptl_crystal_grow.pressure_esd    ? 
_exptl_crystal_grow.seeding         ? 
_exptl_crystal_grow.seeding_ref     ? 
_exptl_crystal_grow.temp            293 
_exptl_crystal_grow.temp_details    ? 
_exptl_crystal_grow.temp_esd        ? 
_exptl_crystal_grow.time            ? 
_exptl_crystal_grow.pdbx_details    '0.1M Tris-HCL pH 7.0, 20% PEG1000' 
_exptl_crystal_grow.pdbx_pH_range   ? 
# 
_diffrn.ambient_environment              ? 
_diffrn.ambient_temp                     100 
_diffrn.ambient_temp_details             ? 
_diffrn.ambient_temp_esd                 ? 
_diffrn.crystal_id                       1 
_diffrn.crystal_support                  ? 
_diffrn.crystal_treatment                ? 
_diffrn.details                          ? 
_diffrn.id                               1 
_diffrn.ambient_pressure                 ? 
_diffrn.ambient_pressure_esd             ? 
_diffrn.ambient_pressure_gt              ? 
_diffrn.ambient_pressure_lt              ? 
_diffrn.ambient_temp_gt                  ? 
_diffrn.ambient_temp_lt                  ? 
_diffrn.pdbx_serial_crystal_experiment   ? 
# 
_diffrn_detector.details                      ? 
_diffrn_detector.detector                     CCD 
_diffrn_detector.diffrn_id                    1 
_diffrn_detector.type                         'ADSC QUANTUM 315' 
_diffrn_detector.area_resol_mean              ? 
_diffrn_detector.dtime                        ? 
_diffrn_detector.pdbx_frames_total            ? 
_diffrn_detector.pdbx_collection_time_total   ? 
_diffrn_detector.pdbx_collection_date         2016-12-29 
_diffrn_detector.pdbx_frequency               ? 
# 
_diffrn_radiation.collimation                      ? 
_diffrn_radiation.diffrn_id                        1 
_diffrn_radiation.filter_edge                      ? 
_diffrn_radiation.inhomogeneity                    ? 
_diffrn_radiation.monochromator                    ? 
_diffrn_radiation.polarisn_norm                    ? 
_diffrn_radiation.polarisn_ratio                   ? 
_diffrn_radiation.probe                            ? 
_diffrn_radiation.type                             ? 
_diffrn_radiation.xray_symbol                      ? 
_diffrn_radiation.wavelength_id                    1 
_diffrn_radiation.pdbx_monochromatic_or_laue_m_l   M 
_diffrn_radiation.pdbx_wavelength_list             ? 
_diffrn_radiation.pdbx_wavelength                  ? 
_diffrn_radiation.pdbx_diffrn_protocol             MAD 
_diffrn_radiation.pdbx_analyzer                    ? 
_diffrn_radiation.pdbx_scattering_type             x-ray 
# 
loop_
_diffrn_radiation_wavelength.id 
_diffrn_radiation_wavelength.wavelength 
_diffrn_radiation_wavelength.wt 
1 1.000  1.0 
2 0.9788 1.0 
3 0.9636 1.0 
# 
_diffrn_source.current                     ? 
_diffrn_source.details                     ? 
_diffrn_source.diffrn_id                   1 
_diffrn_source.power                       ? 
_diffrn_source.size                        ? 
_diffrn_source.source                      SYNCHROTRON 
_diffrn_source.target                      ? 
_diffrn_source.type                        'NSRRC BEAMLINE BL13B1' 
_diffrn_source.voltage                     ? 
_diffrn_source.take-off_angle              ? 
_diffrn_source.pdbx_wavelength_list        1.000,0.9788,0.9636 
_diffrn_source.pdbx_wavelength             ? 
_diffrn_source.pdbx_synchrotron_beamline   BL13B1 
_diffrn_source.pdbx_synchrotron_site       NSRRC 
# 
_reflns.B_iso_Wilson_estimate            ? 
_reflns.entry_id                         6ABR 
_reflns.data_reduction_details           ? 
_reflns.data_reduction_method            ? 
_reflns.d_resolution_high                2.0 
_reflns.d_resolution_low                 50 
_reflns.details                          ? 
_reflns.limit_h_max                      ? 
_reflns.limit_h_min                      ? 
_reflns.limit_k_max                      ? 
_reflns.limit_k_min                      ? 
_reflns.limit_l_max                      ? 
_reflns.limit_l_min                      ? 
_reflns.number_all                       ? 
_reflns.number_obs                       11332 
_reflns.observed_criterion               ? 
_reflns.observed_criterion_F_max         ? 
_reflns.observed_criterion_F_min         ? 
_reflns.observed_criterion_I_max         ? 
_reflns.observed_criterion_I_min         ? 
_reflns.observed_criterion_sigma_F       ? 
_reflns.observed_criterion_sigma_I       ? 
_reflns.percent_possible_obs             96.8 
_reflns.R_free_details                   ? 
_reflns.Rmerge_F_all                     ? 
_reflns.Rmerge_F_obs                     ? 
_reflns.Friedel_coverage                 ? 
_reflns.number_gt                        ? 
_reflns.threshold_expression             ? 
_reflns.pdbx_redundancy                  3.8 
_reflns.pdbx_Rmerge_I_obs                ? 
_reflns.pdbx_Rmerge_I_all                ? 
_reflns.pdbx_Rsym_value                  0.052 
_reflns.pdbx_netI_over_av_sigmaI         ? 
_reflns.pdbx_netI_over_sigmaI            19.4 
_reflns.pdbx_res_netI_over_av_sigmaI_2   ? 
_reflns.pdbx_res_netI_over_sigmaI_2      ? 
_reflns.pdbx_chi_squared                 ? 
_reflns.pdbx_scaling_rejects             ? 
_reflns.pdbx_d_res_high_opt              ? 
_reflns.pdbx_d_res_low_opt               ? 
_reflns.pdbx_d_res_opt_method            ? 
_reflns.phase_calculation_details        ? 
_reflns.pdbx_Rrim_I_all                  ? 
_reflns.pdbx_Rpim_I_all                  ? 
_reflns.pdbx_d_opt                       ? 
_reflns.pdbx_number_measured_all         ? 
_reflns.pdbx_diffrn_id                   1 
_reflns.pdbx_ordinal                     1 
_reflns.pdbx_CC_half                     ? 
_reflns.pdbx_R_split                     ? 
# 
_reflns_shell.d_res_high                  2.0 
_reflns_shell.d_res_low                   2.1 
_reflns_shell.meanI_over_sigI_all         ? 
_reflns_shell.meanI_over_sigI_obs         ? 
_reflns_shell.number_measured_all         ? 
_reflns_shell.number_measured_obs         ? 
_reflns_shell.number_possible             ? 
_reflns_shell.number_unique_all           ? 
_reflns_shell.number_unique_obs           943 
_reflns_shell.percent_possible_all        ? 
_reflns_shell.percent_possible_obs        ? 
_reflns_shell.Rmerge_F_all                ? 
_reflns_shell.Rmerge_F_obs                ? 
_reflns_shell.Rmerge_I_all                ? 
_reflns_shell.Rmerge_I_obs                ? 
_reflns_shell.meanI_over_sigI_gt          ? 
_reflns_shell.meanI_over_uI_all           ? 
_reflns_shell.meanI_over_uI_gt            ? 
_reflns_shell.number_measured_gt          ? 
_reflns_shell.number_unique_gt            ? 
_reflns_shell.percent_possible_gt         ? 
_reflns_shell.Rmerge_F_gt                 ? 
_reflns_shell.Rmerge_I_gt                 ? 
_reflns_shell.pdbx_redundancy             ? 
_reflns_shell.pdbx_Rsym_value             0.142 
_reflns_shell.pdbx_chi_squared            ? 
_reflns_shell.pdbx_netI_over_sigmaI_all   ? 
_reflns_shell.pdbx_netI_over_sigmaI_obs   ? 
_reflns_shell.pdbx_Rrim_I_all             ? 
_reflns_shell.pdbx_Rpim_I_all             ? 
_reflns_shell.pdbx_rejects                ? 
_reflns_shell.pdbx_ordinal                1 
_reflns_shell.pdbx_diffrn_id              1 
_reflns_shell.pdbx_CC_half                ? 
_reflns_shell.pdbx_R_split                ? 
# 
_refine.aniso_B[1][1]                            ? 
_refine.aniso_B[1][2]                            ? 
_refine.aniso_B[1][3]                            ? 
_refine.aniso_B[2][2]                            ? 
_refine.aniso_B[2][3]                            ? 
_refine.aniso_B[3][3]                            ? 
_refine.B_iso_max                                ? 
_refine.B_iso_mean                               ? 
_refine.B_iso_min                                ? 
_refine.correlation_coeff_Fo_to_Fc               ? 
_refine.correlation_coeff_Fo_to_Fc_free          ? 
_refine.details                                  ? 
_refine.diff_density_max                         ? 
_refine.diff_density_max_esd                     ? 
_refine.diff_density_min                         ? 
_refine.diff_density_min_esd                     ? 
_refine.diff_density_rms                         ? 
_refine.diff_density_rms_esd                     ? 
_refine.entry_id                                 6ABR 
_refine.pdbx_refine_id                           'X-RAY DIFFRACTION' 
_refine.ls_abs_structure_details                 ? 
_refine.ls_abs_structure_Flack                   ? 
_refine.ls_abs_structure_Flack_esd               ? 
_refine.ls_abs_structure_Rogers                  ? 
_refine.ls_abs_structure_Rogers_esd              ? 
_refine.ls_d_res_high                            2.002 
_refine.ls_d_res_low                             32.715 
_refine.ls_extinction_coef                       ? 
_refine.ls_extinction_coef_esd                   ? 
_refine.ls_extinction_expression                 ? 
_refine.ls_extinction_method                     ? 
_refine.ls_goodness_of_fit_all                   ? 
_refine.ls_goodness_of_fit_all_esd               ? 
_refine.ls_goodness_of_fit_obs                   ? 
_refine.ls_goodness_of_fit_obs_esd               ? 
_refine.ls_hydrogen_treatment                    ? 
_refine.ls_matrix_type                           ? 
_refine.ls_number_constraints                    ? 
_refine.ls_number_parameters                     ? 
_refine.ls_number_reflns_all                     ? 
_refine.ls_number_reflns_obs                     11303 
_refine.ls_number_reflns_R_free                  1141 
_refine.ls_number_reflns_R_work                  ? 
_refine.ls_number_restraints                     ? 
_refine.ls_percent_reflns_obs                    96.63 
_refine.ls_percent_reflns_R_free                 10.09 
_refine.ls_R_factor_all                          ? 
_refine.ls_R_factor_obs                          0.2300 
_refine.ls_R_factor_R_free                       0.2618 
_refine.ls_R_factor_R_free_error                 ? 
_refine.ls_R_factor_R_free_error_details         ? 
_refine.ls_R_factor_R_work                       0.2264 
_refine.ls_R_Fsqd_factor_obs                     ? 
_refine.ls_R_I_factor_obs                        ? 
_refine.ls_redundancy_reflns_all                 ? 
_refine.ls_redundancy_reflns_obs                 ? 
_refine.ls_restrained_S_all                      ? 
_refine.ls_restrained_S_obs                      ? 
_refine.ls_shift_over_esd_max                    ? 
_refine.ls_shift_over_esd_mean                   ? 
_refine.ls_structure_factor_coef                 ? 
_refine.ls_weighting_details                     ? 
_refine.ls_weighting_scheme                      ? 
_refine.ls_wR_factor_all                         ? 
_refine.ls_wR_factor_obs                         ? 
_refine.ls_wR_factor_R_free                      ? 
_refine.ls_wR_factor_R_work                      ? 
_refine.occupancy_max                            ? 
_refine.occupancy_min                            ? 
_refine.solvent_model_details                    ? 
_refine.solvent_model_param_bsol                 ? 
_refine.solvent_model_param_ksol                 ? 
_refine.ls_R_factor_gt                           ? 
_refine.ls_goodness_of_fit_gt                    ? 
_refine.ls_goodness_of_fit_ref                   ? 
_refine.ls_shift_over_su_max                     ? 
_refine.ls_shift_over_su_max_lt                  ? 
_refine.ls_shift_over_su_mean                    ? 
_refine.ls_shift_over_su_mean_lt                 ? 
_refine.pdbx_ls_sigma_I                          ? 
_refine.pdbx_ls_sigma_F                          1.38 
_refine.pdbx_ls_sigma_Fsqd                       ? 
_refine.pdbx_data_cutoff_high_absF               ? 
_refine.pdbx_data_cutoff_high_rms_absF           ? 
_refine.pdbx_data_cutoff_low_absF                ? 
_refine.pdbx_isotropic_thermal_model             ? 
_refine.pdbx_ls_cross_valid_method               'FREE R-VALUE' 
_refine.pdbx_method_to_determine_struct          MAD 
_refine.pdbx_starting_model                      ? 
_refine.pdbx_stereochemistry_target_values       ? 
_refine.pdbx_R_Free_selection_details            ? 
_refine.pdbx_stereochem_target_val_spec_case     ? 
_refine.pdbx_overall_ESU_R                       ? 
_refine.pdbx_overall_ESU_R_Free                  ? 
_refine.pdbx_solvent_vdw_probe_radii             1.11 
_refine.pdbx_solvent_ion_probe_radii             ? 
_refine.pdbx_solvent_shrinkage_radii             0.90 
_refine.pdbx_real_space_R                        ? 
_refine.pdbx_density_correlation                 ? 
_refine.pdbx_pd_number_of_powder_patterns        ? 
_refine.pdbx_pd_number_of_points                 ? 
_refine.pdbx_pd_meas_number_of_points            ? 
_refine.pdbx_pd_proc_ls_prof_R_factor            ? 
_refine.pdbx_pd_proc_ls_prof_wR_factor           ? 
_refine.pdbx_pd_Marquardt_correlation_coeff      ? 
_refine.pdbx_pd_Fsqrd_R_factor                   ? 
_refine.pdbx_pd_ls_matrix_band_width             ? 
_refine.pdbx_overall_phase_error                 30.93 
_refine.pdbx_overall_SU_R_free_Cruickshank_DPI   ? 
_refine.pdbx_overall_SU_R_free_Blow_DPI          ? 
_refine.pdbx_overall_SU_R_Blow_DPI               ? 
_refine.pdbx_TLS_residual_ADP_flag               ? 
_refine.pdbx_diffrn_id                           1 
_refine.overall_SU_B                             ? 
_refine.overall_SU_ML                            0.22 
_refine.overall_SU_R_Cruickshank_DPI             ? 
_refine.overall_SU_R_free                        ? 
_refine.overall_FOM_free_R_set                   ? 
_refine.overall_FOM_work_R_set                   ? 
_refine.pdbx_average_fsc_overall                 ? 
_refine.pdbx_average_fsc_work                    ? 
_refine.pdbx_average_fsc_free                    ? 
# 
_refine_hist.pdbx_refine_id                   'X-RAY DIFFRACTION' 
_refine_hist.cycle_id                         LAST 
_refine_hist.pdbx_number_atoms_protein        1478 
_refine_hist.pdbx_number_atoms_nucleic_acid   0 
_refine_hist.pdbx_number_atoms_ligand         0 
_refine_hist.number_atoms_solvent             74 
_refine_hist.number_atoms_total               1552 
_refine_hist.d_res_high                       2.002 
_refine_hist.d_res_low                        32.715 
# 
loop_
_refine_ls_restr.pdbx_refine_id 
_refine_ls_restr.criterion 
_refine_ls_restr.dev_ideal 
_refine_ls_restr.dev_ideal_target 
_refine_ls_restr.number 
_refine_ls_restr.rejects 
_refine_ls_restr.type 
_refine_ls_restr.weight 
_refine_ls_restr.pdbx_restraint_function 
'X-RAY DIFFRACTION' ? 0.007  ? 1510 ? f_bond_d           ? ? 
'X-RAY DIFFRACTION' ? 1.293  ? 2042 ? f_angle_d          ? ? 
'X-RAY DIFFRACTION' ? 15.639 ? 571  ? f_dihedral_angle_d ? ? 
'X-RAY DIFFRACTION' ? 0.053  ? 221  ? f_chiral_restr     ? ? 
'X-RAY DIFFRACTION' ? 0.007  ? 264  ? f_plane_restr      ? ? 
# 
loop_
_refine_ls_shell.pdbx_refine_id 
_refine_ls_shell.d_res_high 
_refine_ls_shell.d_res_low 
_refine_ls_shell.number_reflns_all 
_refine_ls_shell.number_reflns_obs 
_refine_ls_shell.number_reflns_R_free 
_refine_ls_shell.number_reflns_R_work 
_refine_ls_shell.percent_reflns_obs 
_refine_ls_shell.percent_reflns_R_free 
_refine_ls_shell.R_factor_all 
_refine_ls_shell.R_factor_obs 
_refine_ls_shell.R_factor_R_free 
_refine_ls_shell.R_factor_R_free_error 
_refine_ls_shell.R_factor_R_work 
_refine_ls_shell.redundancy_reflns_all 
_refine_ls_shell.redundancy_reflns_obs 
_refine_ls_shell.wR_factor_all 
_refine_ls_shell.wR_factor_obs 
_refine_ls_shell.wR_factor_R_free 
_refine_ls_shell.wR_factor_R_work 
_refine_ls_shell.pdbx_total_number_of_bins_used 
_refine_ls_shell.pdbx_phase_error 
_refine_ls_shell.pdbx_fsc_work 
_refine_ls_shell.pdbx_fsc_free 
'X-RAY DIFFRACTION' 2.0024 2.0935  . . 134 1194 93.00 . . . 0.3049 . 0.2397 . . . . . . . . . . 
'X-RAY DIFFRACTION' 2.0935 2.2039  . . 141 1250 95.00 . . . 0.2718 . 0.2297 . . . . . . . . . . 
'X-RAY DIFFRACTION' 2.2039 2.3419  . . 139 1283 97.00 . . . 0.2959 . 0.2274 . . . . . . . . . . 
'X-RAY DIFFRACTION' 2.3419 2.5227  . . 145 1256 97.00 . . . 0.2874 . 0.2436 . . . . . . . . . . 
'X-RAY DIFFRACTION' 2.5227 2.7764  . . 145 1293 98.00 . . . 0.2743 . 0.2410 . . . . . . . . . . 
'X-RAY DIFFRACTION' 2.7764 3.1779  . . 147 1299 98.00 . . . 0.2890 . 0.2377 . . . . . . . . . . 
'X-RAY DIFFRACTION' 3.1779 4.0027  . . 144 1291 98.00 . . . 0.2387 . 0.2283 . . . . . . . . . . 
'X-RAY DIFFRACTION' 4.0027 32.7197 . . 146 1296 97.00 . . . 0.2355 . 0.2065 . . . . . . . . . . 
# 
_struct.entry_id                     6ABR 
_struct.title                        'Actin interacting protein 5 (Aip5, wild type)' 
_struct.pdbx_model_details           ? 
_struct.pdbx_formula_weight          ? 
_struct.pdbx_formula_weight_method   ? 
_struct.pdbx_model_type_details      ? 
_struct.pdbx_CASP_flag               N 
# 
_struct_keywords.entry_id        6ABR 
_struct_keywords.text            'STRUCTURAL PROTEIN' 
_struct_keywords.pdbx_keywords   'STRUCTURAL PROTEIN' 
# 
loop_
_struct_asym.id 
_struct_asym.pdbx_blank_PDB_chainid_flag 
_struct_asym.pdbx_modified 
_struct_asym.entity_id 
_struct_asym.details 
A N N 1 ? 
B N N 1 ? 
C N N 2 ? 
D N N 2 ? 
# 
_struct_ref.id                         1 
_struct_ref.db_name                    UNP 
_struct_ref.db_code                    YFI6_YEAST 
_struct_ref.pdbx_db_accession          P43597 
_struct_ref.pdbx_db_isoform            ? 
_struct_ref.entity_id                  1 
_struct_ref.pdbx_seq_one_letter_code   
;DSTTQTTEQSKKNNDKPQDVITTSEIRKLNEKEPVYIYTSLAGGGFHMIPRTNRLSTILTANRIPFTYRDLGTDDEARKV
WKTFSKGRSLPGVVRGHNDLIGNWEEIEEANEDYKLRELIYDTI
;
_struct_ref.pdbx_align_begin           1110 
# 
loop_
_struct_ref_seq.align_id 
_struct_ref_seq.ref_id 
_struct_ref_seq.pdbx_PDB_id_code 
_struct_ref_seq.pdbx_strand_id 
_struct_ref_seq.seq_align_beg 
_struct_ref_seq.pdbx_seq_align_beg_ins_code 
_struct_ref_seq.seq_align_end 
_struct_ref_seq.pdbx_seq_align_end_ins_code 
_struct_ref_seq.pdbx_db_accession 
_struct_ref_seq.db_align_beg 
_struct_ref_seq.pdbx_db_align_beg_ins_code 
_struct_ref_seq.db_align_end 
_struct_ref_seq.pdbx_db_align_end_ins_code 
_struct_ref_seq.pdbx_auth_seq_align_beg 
_struct_ref_seq.pdbx_auth_seq_align_end 
1 1 6ABR A 1 ? 124 ? P43597 1110 ? 1233 ? 1110 1233 
2 1 6ABR B 1 ? 124 ? P43597 1110 ? 1233 ? 1110 1233 
# 
_pdbx_struct_assembly.id                   1 
_pdbx_struct_assembly.details              author_defined_assembly 
_pdbx_struct_assembly.method_details       ? 
_pdbx_struct_assembly.oligomeric_details   dimeric 
_pdbx_struct_assembly.oligomeric_count     2 
# 
loop_
_pdbx_struct_assembly_prop.biol_id 
_pdbx_struct_assembly_prop.type 
_pdbx_struct_assembly_prop.value 
_pdbx_struct_assembly_prop.details 
1 'ABSA (A^2)' 570   ? 
1 MORE         -6    ? 
1 'SSA (A^2)'  11080 ? 
# 
_pdbx_struct_assembly_gen.assembly_id       1 
_pdbx_struct_assembly_gen.oper_expression   1 
_pdbx_struct_assembly_gen.asym_id_list      A,B,C,D 
# 
_pdbx_struct_assembly_auth_evidence.id                     1 
_pdbx_struct_assembly_auth_evidence.assembly_id            1 
_pdbx_struct_assembly_auth_evidence.experimental_support   'gel filtration' 
_pdbx_struct_assembly_auth_evidence.details                ? 
# 
_pdbx_struct_oper_list.id                   1 
_pdbx_struct_oper_list.type                 'identity operation' 
_pdbx_struct_oper_list.name                 1_555 
_pdbx_struct_oper_list.symmetry_operation   x,y,z 
_pdbx_struct_oper_list.matrix[1][1]         1.0000000000 
_pdbx_struct_oper_list.matrix[1][2]         0.0000000000 
_pdbx_struct_oper_list.matrix[1][3]         0.0000000000 
_pdbx_struct_oper_list.vector[1]            0.0000000000 
_pdbx_struct_oper_list.matrix[2][1]         0.0000000000 
_pdbx_struct_oper_list.matrix[2][2]         1.0000000000 
_pdbx_struct_oper_list.matrix[2][3]         0.0000000000 
_pdbx_struct_oper_list.vector[2]            0.0000000000 
_pdbx_struct_oper_list.matrix[3][1]         0.0000000000 
_pdbx_struct_oper_list.matrix[3][2]         0.0000000000 
_pdbx_struct_oper_list.matrix[3][3]         1.0000000000 
_pdbx_struct_oper_list.vector[3]            0.0000000000 
# 
loop_
_struct_conf.conf_type_id 
_struct_conf.id 
_struct_conf.pdbx_PDB_helix_id 
_struct_conf.beg_label_comp_id 
_struct_conf.beg_label_asym_id 
_struct_conf.beg_label_seq_id 
_struct_conf.pdbx_beg_PDB_ins_code 
_struct_conf.end_label_comp_id 
_struct_conf.end_label_asym_id 
_struct_conf.end_label_seq_id 
_struct_conf.pdbx_end_PDB_ins_code 
_struct_conf.beg_auth_comp_id 
_struct_conf.beg_auth_asym_id 
_struct_conf.beg_auth_seq_id 
_struct_conf.end_auth_comp_id 
_struct_conf.end_auth_asym_id 
_struct_conf.end_auth_seq_id 
_struct_conf.pdbx_PDB_helix_class 
_struct_conf.details 
_struct_conf.pdbx_PDB_helix_length 
HELX_P HELX_P1 AA1 HIS A 47  ? ASN A 62  ? HIS A 1156 ASN A 1171 1 ? 16 
HELX_P HELX_P2 AA2 ASP A 74  ? SER A 85  ? ASP A 1183 SER A 1194 1 ? 12 
HELX_P HELX_P3 AA3 TRP A 104 ? ASN A 111 ? TRP A 1213 ASN A 1220 1 ? 8  
HELX_P HELX_P4 AA4 TYR A 114 ? ILE A 120 ? TYR A 1223 ILE A 1229 1 ? 7  
HELX_P HELX_P5 AA5 PRO B 50  ? ASN B 62  ? PRO B 1159 ASN B 1171 1 ? 13 
HELX_P HELX_P6 AA6 ASP B 74  ? SER B 85  ? ASP B 1183 SER B 1194 1 ? 12 
HELX_P HELX_P7 AA7 TRP B 104 ? ASP B 113 ? TRP B 1213 ASP B 1222 1 ? 10 
# 
_struct_conf_type.id          HELX_P 
_struct_conf_type.criteria    ? 
_struct_conf_type.reference   ? 
# 
loop_
_struct_mon_prot_cis.pdbx_id 
_struct_mon_prot_cis.label_comp_id 
_struct_mon_prot_cis.label_seq_id 
_struct_mon_prot_cis.label_asym_id 
_struct_mon_prot_cis.label_alt_id 
_struct_mon_prot_cis.pdbx_PDB_ins_code 
_struct_mon_prot_cis.auth_comp_id 
_struct_mon_prot_cis.auth_seq_id 
_struct_mon_prot_cis.auth_asym_id 
_struct_mon_prot_cis.pdbx_label_comp_id_2 
_struct_mon_prot_cis.pdbx_label_seq_id_2 
_struct_mon_prot_cis.pdbx_label_asym_id_2 
_struct_mon_prot_cis.pdbx_PDB_ins_code_2 
_struct_mon_prot_cis.pdbx_auth_comp_id_2 
_struct_mon_prot_cis.pdbx_auth_seq_id_2 
_struct_mon_prot_cis.pdbx_auth_asym_id_2 
_struct_mon_prot_cis.pdbx_PDB_model_num 
_struct_mon_prot_cis.pdbx_omega_angle 
1 LEU 90 A . ? LEU 1199 A PRO 91 A ? PRO 1200 A 1 -1.95 
2 LEU 90 B . ? LEU 1199 B PRO 91 B ? PRO 1200 B 1 0.36  
# 
loop_
_struct_sheet.id 
_struct_sheet.type 
_struct_sheet.number_strands 
_struct_sheet.details 
AA1 ? 4 ? 
AA2 ? 4 ? 
# 
loop_
_struct_sheet_order.sheet_id 
_struct_sheet_order.range_id_1 
_struct_sheet_order.range_id_2 
_struct_sheet_order.offset 
_struct_sheet_order.sense 
AA1 1 2 ? parallel      
AA1 2 3 ? anti-parallel 
AA1 3 4 ? anti-parallel 
AA2 1 2 ? parallel      
AA2 2 3 ? anti-parallel 
AA2 3 4 ? anti-parallel 
# 
loop_
_struct_sheet_range.sheet_id 
_struct_sheet_range.id 
_struct_sheet_range.beg_label_comp_id 
_struct_sheet_range.beg_label_asym_id 
_struct_sheet_range.beg_label_seq_id 
_struct_sheet_range.pdbx_beg_PDB_ins_code 
_struct_sheet_range.end_label_comp_id 
_struct_sheet_range.end_label_asym_id 
_struct_sheet_range.end_label_seq_id 
_struct_sheet_range.pdbx_end_PDB_ins_code 
_struct_sheet_range.beg_auth_comp_id 
_struct_sheet_range.beg_auth_asym_id 
_struct_sheet_range.beg_auth_seq_id 
_struct_sheet_range.end_auth_comp_id 
_struct_sheet_range.end_auth_asym_id 
_struct_sheet_range.end_auth_seq_id 
AA1 1 THR A 67 ? ASP A 70  ? THR A 1176 ASP A 1179 
AA1 2 VAL A 35 ? THR A 39  ? VAL A 1144 THR A 1148 
AA1 3 GLY A 92 ? ARG A 95  ? GLY A 1201 ARG A 1204 
AA1 4 ASP A 99 ? ASN A 103 ? ASP A 1208 ASN A 1212 
AA2 1 THR B 67 ? ASP B 70  ? THR B 1176 ASP B 1179 
AA2 2 VAL B 35 ? THR B 39  ? VAL B 1144 THR B 1148 
AA2 3 GLY B 92 ? ARG B 95  ? GLY B 1201 ARG B 1204 
AA2 4 ASP B 99 ? ASN B 103 ? ASP B 1208 ASN B 1212 
# 
loop_
_pdbx_struct_sheet_hbond.sheet_id 
_pdbx_struct_sheet_hbond.range_id_1 
_pdbx_struct_sheet_hbond.range_id_2 
_pdbx_struct_sheet_hbond.range_1_label_atom_id 
_pdbx_struct_sheet_hbond.range_1_label_comp_id 
_pdbx_struct_sheet_hbond.range_1_label_asym_id 
_pdbx_struct_sheet_hbond.range_1_label_seq_id 
_pdbx_struct_sheet_hbond.range_1_PDB_ins_code 
_pdbx_struct_sheet_hbond.range_1_auth_atom_id 
_pdbx_struct_sheet_hbond.range_1_auth_comp_id 
_pdbx_struct_sheet_hbond.range_1_auth_asym_id 
_pdbx_struct_sheet_hbond.range_1_auth_seq_id 
_pdbx_struct_sheet_hbond.range_2_label_atom_id 
_pdbx_struct_sheet_hbond.range_2_label_comp_id 
_pdbx_struct_sheet_hbond.range_2_label_asym_id 
_pdbx_struct_sheet_hbond.range_2_label_seq_id 
_pdbx_struct_sheet_hbond.range_2_PDB_ins_code 
_pdbx_struct_sheet_hbond.range_2_auth_atom_id 
_pdbx_struct_sheet_hbond.range_2_auth_comp_id 
_pdbx_struct_sheet_hbond.range_2_auth_asym_id 
_pdbx_struct_sheet_hbond.range_2_auth_seq_id 
AA1 1 2 O ARG A 69 ? O ARG A 1178 N THR A 39  ? N THR A 1148 
AA1 2 3 N TYR A 36 ? N TYR A 1145 O VAL A 94  ? O VAL A 1203 
AA1 3 4 N ARG A 95 ? N ARG A 1204 O ASP A 99  ? O ASP A 1208 
AA2 1 2 O ARG B 69 ? O ARG B 1178 N THR B 39  ? N THR B 1148 
AA2 2 3 N TYR B 36 ? N TYR B 1145 O VAL B 94  ? O VAL B 1203 
AA2 3 4 N VAL B 93 ? N VAL B 1202 O GLY B 102 ? O GLY B 1211 
# 
_pdbx_validate_close_contact.id               1 
_pdbx_validate_close_contact.PDB_model_num    1 
_pdbx_validate_close_contact.auth_atom_id_1   O 
_pdbx_validate_close_contact.auth_asym_id_1   A 
_pdbx_validate_close_contact.auth_comp_id_1   ILE 
_pdbx_validate_close_contact.auth_seq_id_1    1216 
_pdbx_validate_close_contact.PDB_ins_code_1   ? 
_pdbx_validate_close_contact.label_alt_id_1   ? 
_pdbx_validate_close_contact.auth_atom_id_2   OH 
_pdbx_validate_close_contact.auth_asym_id_2   A 
_pdbx_validate_close_contact.auth_comp_id_2   TYR 
_pdbx_validate_close_contact.auth_seq_id_2    1223 
_pdbx_validate_close_contact.PDB_ins_code_2   ? 
_pdbx_validate_close_contact.label_alt_id_2   ? 
_pdbx_validate_close_contact.dist             1.95 
# 
loop_
_pdbx_validate_torsion.id 
_pdbx_validate_torsion.PDB_model_num 
_pdbx_validate_torsion.auth_comp_id 
_pdbx_validate_torsion.auth_asym_id 
_pdbx_validate_torsion.auth_seq_id 
_pdbx_validate_torsion.PDB_ins_code 
_pdbx_validate_torsion.label_alt_id 
_pdbx_validate_torsion.phi 
_pdbx_validate_torsion.psi 
1 1 ASN A 1207 ? ? -155.00 17.42  
2 1 ASN A 1220 ? ? -68.67  64.19  
3 1 GLU A 1221 ? ? -109.62 -85.89 
4 1 PRO B 1159 ? ? -34.04  -31.31 
5 1 ASN B 1207 ? ? -155.79 25.51  
# 
loop_
_pdbx_unobs_or_zero_occ_residues.id 
_pdbx_unobs_or_zero_occ_residues.PDB_model_num 
_pdbx_unobs_or_zero_occ_residues.polymer_flag 
_pdbx_unobs_or_zero_occ_residues.occupancy_flag 
_pdbx_unobs_or_zero_occ_residues.auth_asym_id 
_pdbx_unobs_or_zero_occ_residues.auth_comp_id 
_pdbx_unobs_or_zero_occ_residues.auth_seq_id 
_pdbx_unobs_or_zero_occ_residues.PDB_ins_code 
_pdbx_unobs_or_zero_occ_residues.label_asym_id 
_pdbx_unobs_or_zero_occ_residues.label_comp_id 
_pdbx_unobs_or_zero_occ_residues.label_seq_id 
1  1 Y 1 A ASP 1110 ? A ASP 1   
2  1 Y 1 A SER 1111 ? A SER 2   
3  1 Y 1 A THR 1112 ? A THR 3   
4  1 Y 1 A THR 1113 ? A THR 4   
5  1 Y 1 A GLN 1114 ? A GLN 5   
6  1 Y 1 A THR 1115 ? A THR 6   
7  1 Y 1 A THR 1116 ? A THR 7   
8  1 Y 1 A GLU 1117 ? A GLU 8   
9  1 Y 1 A GLN 1118 ? A GLN 9   
10 1 Y 1 A SER 1119 ? A SER 10  
11 1 Y 1 A LYS 1120 ? A LYS 11  
12 1 Y 1 A LYS 1121 ? A LYS 12  
13 1 Y 1 A ASN 1122 ? A ASN 13  
14 1 Y 1 A ASN 1123 ? A ASN 14  
15 1 Y 1 A ASP 1124 ? A ASP 15  
16 1 Y 1 A LYS 1125 ? A LYS 16  
17 1 Y 1 A PRO 1126 ? A PRO 17  
18 1 Y 1 A GLN 1127 ? A GLN 18  
19 1 Y 1 A ASP 1128 ? A ASP 19  
20 1 Y 1 A VAL 1129 ? A VAL 20  
21 1 Y 1 A ILE 1130 ? A ILE 21  
22 1 Y 1 A THR 1131 ? A THR 22  
23 1 Y 1 A THR 1132 ? A THR 23  
24 1 Y 1 A SER 1133 ? A SER 24  
25 1 Y 1 A GLU 1134 ? A GLU 25  
26 1 Y 1 A ASP 1231 ? A ASP 122 
27 1 Y 1 A THR 1232 ? A THR 123 
28 1 Y 1 A ILE 1233 ? A ILE 124 
29 1 Y 1 B ASP 1110 ? B ASP 1   
30 1 Y 1 B SER 1111 ? B SER 2   
31 1 Y 1 B THR 1112 ? B THR 3   
32 1 Y 1 B THR 1113 ? B THR 4   
33 1 Y 1 B GLN 1114 ? B GLN 5   
34 1 Y 1 B THR 1115 ? B THR 6   
35 1 Y 1 B THR 1116 ? B THR 7   
36 1 Y 1 B GLU 1117 ? B GLU 8   
37 1 Y 1 B GLN 1118 ? B GLN 9   
38 1 Y 1 B SER 1119 ? B SER 10  
39 1 Y 1 B LYS 1120 ? B LYS 11  
40 1 Y 1 B LYS 1121 ? B LYS 12  
41 1 Y 1 B ASN 1122 ? B ASN 13  
42 1 Y 1 B ASN 1123 ? B ASN 14  
43 1 Y 1 B ASP 1124 ? B ASP 15  
44 1 Y 1 B LYS 1125 ? B LYS 16  
45 1 Y 1 B PRO 1126 ? B PRO 17  
46 1 Y 1 B GLN 1127 ? B GLN 18  
47 1 Y 1 B ASP 1128 ? B ASP 19  
48 1 Y 1 B VAL 1129 ? B VAL 20  
49 1 Y 1 B ILE 1130 ? B ILE 21  
50 1 Y 1 B THR 1131 ? B THR 22  
51 1 Y 1 B THR 1132 ? B THR 23  
52 1 Y 1 B SER 1133 ? B SER 24  
53 1 Y 1 B GLU 1134 ? B GLU 25  
54 1 Y 1 B ILE 1135 ? B ILE 26  
55 1 Y 1 B ARG 1136 ? B ARG 27  
56 1 Y 1 B LYS 1137 ? B LYS 28  
57 1 Y 1 B LEU 1138 ? B LEU 29  
58 1 Y 1 B ASN 1139 ? B ASN 30  
59 1 Y 1 B GLU 1140 ? B GLU 31  
60 1 Y 1 B LYS 1141 ? B LYS 32  
61 1 Y 1 B GLY 1153 ? B GLY 44  
62 1 Y 1 B GLY 1154 ? B GLY 45  
63 1 Y 1 B PHE 1155 ? B PHE 46  
64 1 Y 1 B HIS 1156 ? B HIS 47  
65 1 Y 1 B THR 1232 ? B THR 123 
66 1 Y 1 B ILE 1233 ? B ILE 124 
# 
loop_
_chem_comp_atom.comp_id 
_chem_comp_atom.atom_id 
_chem_comp_atom.type_symbol 
_chem_comp_atom.pdbx_aromatic_flag 
_chem_comp_atom.pdbx_stereo_config 
_chem_comp_atom.pdbx_ordinal 
ALA N    N N N 1   
ALA CA   C N S 2   
ALA C    C N N 3   
ALA O    O N N 4   
ALA CB   C N N 5   
ALA OXT  O N N 6   
ALA H    H N N 7   
ALA H2   H N N 8   
ALA HA   H N N 9   
ALA HB1  H N N 10  
ALA HB2  H N N 11  
ALA HB3  H N N 12  
ALA HXT  H N N 13  
ARG N    N N N 14  
ARG CA   C N S 15  
ARG C    C N N 16  
ARG O    O N N 17  
ARG CB   C N N 18  
ARG CG   C N N 19  
ARG CD   C N N 20  
ARG NE   N N N 21  
ARG CZ   C N N 22  
ARG NH1  N N N 23  
ARG NH2  N N N 24  
ARG OXT  O N N 25  
ARG H    H N N 26  
ARG H2   H N N 27  
ARG HA   H N N 28  
ARG HB2  H N N 29  
ARG HB3  H N N 30  
ARG HG2  H N N 31  
ARG HG3  H N N 32  
ARG HD2  H N N 33  
ARG HD3  H N N 34  
ARG HE   H N N 35  
ARG HH11 H N N 36  
ARG HH12 H N N 37  
ARG HH21 H N N 38  
ARG HH22 H N N 39  
ARG HXT  H N N 40  
ASN N    N N N 41  
ASN CA   C N S 42  
ASN C    C N N 43  
ASN O    O N N 44  
ASN CB   C N N 45  
ASN CG   C N N 46  
ASN OD1  O N N 47  
ASN ND2  N N N 48  
ASN OXT  O N N 49  
ASN H    H N N 50  
ASN H2   H N N 51  
ASN HA   H N N 52  
ASN HB2  H N N 53  
ASN HB3  H N N 54  
ASN HD21 H N N 55  
ASN HD22 H N N 56  
ASN HXT  H N N 57  
ASP N    N N N 58  
ASP CA   C N S 59  
ASP C    C N N 60  
ASP O    O N N 61  
ASP CB   C N N 62  
ASP CG   C N N 63  
ASP OD1  O N N 64  
ASP OD2  O N N 65  
ASP OXT  O N N 66  
ASP H    H N N 67  
ASP H2   H N N 68  
ASP HA   H N N 69  
ASP HB2  H N N 70  
ASP HB3  H N N 71  
ASP HD2  H N N 72  
ASP HXT  H N N 73  
GLN N    N N N 74  
GLN CA   C N S 75  
GLN C    C N N 76  
GLN O    O N N 77  
GLN CB   C N N 78  
GLN CG   C N N 79  
GLN CD   C N N 80  
GLN OE1  O N N 81  
GLN NE2  N N N 82  
GLN OXT  O N N 83  
GLN H    H N N 84  
GLN H2   H N N 85  
GLN HA   H N N 86  
GLN HB2  H N N 87  
GLN HB3  H N N 88  
GLN HG2  H N N 89  
GLN HG3  H N N 90  
GLN HE21 H N N 91  
GLN HE22 H N N 92  
GLN HXT  H N N 93  
GLU N    N N N 94  
GLU CA   C N S 95  
GLU C    C N N 96  
GLU O    O N N 97  
GLU CB   C N N 98  
GLU CG   C N N 99  
GLU CD   C N N 100 
GLU OE1  O N N 101 
GLU OE2  O N N 102 
GLU OXT  O N N 103 
GLU H    H N N 104 
GLU H2   H N N 105 
GLU HA   H N N 106 
GLU HB2  H N N 107 
GLU HB3  H N N 108 
GLU HG2  H N N 109 
GLU HG3  H N N 110 
GLU HE2  H N N 111 
GLU HXT  H N N 112 
GLY N    N N N 113 
GLY CA   C N N 114 
GLY C    C N N 115 
GLY O    O N N 116 
GLY OXT  O N N 117 
GLY H    H N N 118 
GLY H2   H N N 119 
GLY HA2  H N N 120 
GLY HA3  H N N 121 
GLY HXT  H N N 122 
HIS N    N N N 123 
HIS CA   C N S 124 
HIS C    C N N 125 
HIS O    O N N 126 
HIS CB   C N N 127 
HIS CG   C Y N 128 
HIS ND1  N Y N 129 
HIS CD2  C Y N 130 
HIS CE1  C Y N 131 
HIS NE2  N Y N 132 
HIS OXT  O N N 133 
HIS H    H N N 134 
HIS H2   H N N 135 
HIS HA   H N N 136 
HIS HB2  H N N 137 
HIS HB3  H N N 138 
HIS HD1  H N N 139 
HIS HD2  H N N 140 
HIS HE1  H N N 141 
HIS HE2  H N N 142 
HIS HXT  H N N 143 
HOH O    O N N 144 
HOH H1   H N N 145 
HOH H2   H N N 146 
ILE N    N N N 147 
ILE CA   C N S 148 
ILE C    C N N 149 
ILE O    O N N 150 
ILE CB   C N S 151 
ILE CG1  C N N 152 
ILE CG2  C N N 153 
ILE CD1  C N N 154 
ILE OXT  O N N 155 
ILE H    H N N 156 
ILE H2   H N N 157 
ILE HA   H N N 158 
ILE HB   H N N 159 
ILE HG12 H N N 160 
ILE HG13 H N N 161 
ILE HG21 H N N 162 
ILE HG22 H N N 163 
ILE HG23 H N N 164 
ILE HD11 H N N 165 
ILE HD12 H N N 166 
ILE HD13 H N N 167 
ILE HXT  H N N 168 
LEU N    N N N 169 
LEU CA   C N S 170 
LEU C    C N N 171 
LEU O    O N N 172 
LEU CB   C N N 173 
LEU CG   C N N 174 
LEU CD1  C N N 175 
LEU CD2  C N N 176 
LEU OXT  O N N 177 
LEU H    H N N 178 
LEU H2   H N N 179 
LEU HA   H N N 180 
LEU HB2  H N N 181 
LEU HB3  H N N 182 
LEU HG   H N N 183 
LEU HD11 H N N 184 
LEU HD12 H N N 185 
LEU HD13 H N N 186 
LEU HD21 H N N 187 
LEU HD22 H N N 188 
LEU HD23 H N N 189 
LEU HXT  H N N 190 
LYS N    N N N 191 
LYS CA   C N S 192 
LYS C    C N N 193 
LYS O    O N N 194 
LYS CB   C N N 195 
LYS CG   C N N 196 
LYS CD   C N N 197 
LYS CE   C N N 198 
LYS NZ   N N N 199 
LYS OXT  O N N 200 
LYS H    H N N 201 
LYS H2   H N N 202 
LYS HA   H N N 203 
LYS HB2  H N N 204 
LYS HB3  H N N 205 
LYS HG2  H N N 206 
LYS HG3  H N N 207 
LYS HD2  H N N 208 
LYS HD3  H N N 209 
LYS HE2  H N N 210 
LYS HE3  H N N 211 
LYS HZ1  H N N 212 
LYS HZ2  H N N 213 
LYS HZ3  H N N 214 
LYS HXT  H N N 215 
MET N    N N N 216 
MET CA   C N S 217 
MET C    C N N 218 
MET O    O N N 219 
MET CB   C N N 220 
MET CG   C N N 221 
MET SD   S N N 222 
MET CE   C N N 223 
MET OXT  O N N 224 
MET H    H N N 225 
MET H2   H N N 226 
MET HA   H N N 227 
MET HB2  H N N 228 
MET HB3  H N N 229 
MET HG2  H N N 230 
MET HG3  H N N 231 
MET HE1  H N N 232 
MET HE2  H N N 233 
MET HE3  H N N 234 
MET HXT  H N N 235 
PHE N    N N N 236 
PHE CA   C N S 237 
PHE C    C N N 238 
PHE O    O N N 239 
PHE CB   C N N 240 
PHE CG   C Y N 241 
PHE CD1  C Y N 242 
PHE CD2  C Y N 243 
PHE CE1  C Y N 244 
PHE CE2  C Y N 245 
PHE CZ   C Y N 246 
PHE OXT  O N N 247 
PHE H    H N N 248 
PHE H2   H N N 249 
PHE HA   H N N 250 
PHE HB2  H N N 251 
PHE HB3  H N N 252 
PHE HD1  H N N 253 
PHE HD2  H N N 254 
PHE HE1  H N N 255 
PHE HE2  H N N 256 
PHE HZ   H N N 257 
PHE HXT  H N N 258 
PRO N    N N N 259 
PRO CA   C N S 260 
PRO C    C N N 261 
PRO O    O N N 262 
PRO CB   C N N 263 
PRO CG   C N N 264 
PRO CD   C N N 265 
PRO OXT  O N N 266 
PRO H    H N N 267 
PRO HA   H N N 268 
PRO HB2  H N N 269 
PRO HB3  H N N 270 
PRO HG2  H N N 271 
PRO HG3  H N N 272 
PRO HD2  H N N 273 
PRO HD3  H N N 274 
PRO HXT  H N N 275 
SER N    N N N 276 
SER CA   C N S 277 
SER C    C N N 278 
SER O    O N N 279 
SER CB   C N N 280 
SER OG   O N N 281 
SER OXT  O N N 282 
SER H    H N N 283 
SER H2   H N N 284 
SER HA   H N N 285 
SER HB2  H N N 286 
SER HB3  H N N 287 
SER HG   H N N 288 
SER HXT  H N N 289 
THR N    N N N 290 
THR CA   C N S 291 
THR C    C N N 292 
THR O    O N N 293 
THR CB   C N R 294 
THR OG1  O N N 295 
THR CG2  C N N 296 
THR OXT  O N N 297 
THR H    H N N 298 
THR H2   H N N 299 
THR HA   H N N 300 
THR HB   H N N 301 
THR HG1  H N N 302 
THR HG21 H N N 303 
THR HG22 H N N 304 
THR HG23 H N N 305 
THR HXT  H N N 306 
TRP N    N N N 307 
TRP CA   C N S 308 
TRP C    C N N 309 
TRP O    O N N 310 
TRP CB   C N N 311 
TRP CG   C Y N 312 
TRP CD1  C Y N 313 
TRP CD2  C Y N 314 
TRP NE1  N Y N 315 
TRP CE2  C Y N 316 
TRP CE3  C Y N 317 
TRP CZ2  C Y N 318 
TRP CZ3  C Y N 319 
TRP CH2  C Y N 320 
TRP OXT  O N N 321 
TRP H    H N N 322 
TRP H2   H N N 323 
TRP HA   H N N 324 
TRP HB2  H N N 325 
TRP HB3  H N N 326 
TRP HD1  H N N 327 
TRP HE1  H N N 328 
TRP HE3  H N N 329 
TRP HZ2  H N N 330 
TRP HZ3  H N N 331 
TRP HH2  H N N 332 
TRP HXT  H N N 333 
TYR N    N N N 334 
TYR CA   C N S 335 
TYR C    C N N 336 
TYR O    O N N 337 
TYR CB   C N N 338 
TYR CG   C Y N 339 
TYR CD1  C Y N 340 
TYR CD2  C Y N 341 
TYR CE1  C Y N 342 
TYR CE2  C Y N 343 
TYR CZ   C Y N 344 
TYR OH   O N N 345 
TYR OXT  O N N 346 
TYR H    H N N 347 
TYR H2   H N N 348 
TYR HA   H N N 349 
TYR HB2  H N N 350 
TYR HB3  H N N 351 
TYR HD1  H N N 352 
TYR HD2  H N N 353 
TYR HE1  H N N 354 
TYR HE2  H N N 355 
TYR HH   H N N 356 
TYR HXT  H N N 357 
VAL N    N N N 358 
VAL CA   C N S 359 
VAL C    C N N 360 
VAL O    O N N 361 
VAL CB   C N N 362 
VAL CG1  C N N 363 
VAL CG2  C N N 364 
VAL OXT  O N N 365 
VAL H    H N N 366 
VAL H2   H N N 367 
VAL HA   H N N 368 
VAL HB   H N N 369 
VAL HG11 H N N 370 
VAL HG12 H N N 371 
VAL HG13 H N N 372 
VAL HG21 H N N 373 
VAL HG22 H N N 374 
VAL HG23 H N N 375 
VAL HXT  H N N 376 
# 
loop_
_chem_comp_bond.comp_id 
_chem_comp_bond.atom_id_1 
_chem_comp_bond.atom_id_2 
_chem_comp_bond.value_order 
_chem_comp_bond.pdbx_aromatic_flag 
_chem_comp_bond.pdbx_stereo_config 
_chem_comp_bond.pdbx_ordinal 
ALA N   CA   sing N N 1   
ALA N   H    sing N N 2   
ALA N   H2   sing N N 3   
ALA CA  C    sing N N 4   
ALA CA  CB   sing N N 5   
ALA CA  HA   sing N N 6   
ALA C   O    doub N N 7   
ALA C   OXT  sing N N 8   
ALA CB  HB1  sing N N 9   
ALA CB  HB2  sing N N 10  
ALA CB  HB3  sing N N 11  
ALA OXT HXT  sing N N 12  
ARG N   CA   sing N N 13  
ARG N   H    sing N N 14  
ARG N   H2   sing N N 15  
ARG CA  C    sing N N 16  
ARG CA  CB   sing N N 17  
ARG CA  HA   sing N N 18  
ARG C   O    doub N N 19  
ARG C   OXT  sing N N 20  
ARG CB  CG   sing N N 21  
ARG CB  HB2  sing N N 22  
ARG CB  HB3  sing N N 23  
ARG CG  CD   sing N N 24  
ARG CG  HG2  sing N N 25  
ARG CG  HG3  sing N N 26  
ARG CD  NE   sing N N 27  
ARG CD  HD2  sing N N 28  
ARG CD  HD3  sing N N 29  
ARG NE  CZ   sing N N 30  
ARG NE  HE   sing N N 31  
ARG CZ  NH1  sing N N 32  
ARG CZ  NH2  doub N N 33  
ARG NH1 HH11 sing N N 34  
ARG NH1 HH12 sing N N 35  
ARG NH2 HH21 sing N N 36  
ARG NH2 HH22 sing N N 37  
ARG OXT HXT  sing N N 38  
ASN N   CA   sing N N 39  
ASN N   H    sing N N 40  
ASN N   H2   sing N N 41  
ASN CA  C    sing N N 42  
ASN CA  CB   sing N N 43  
ASN CA  HA   sing N N 44  
ASN C   O    doub N N 45  
ASN C   OXT  sing N N 46  
ASN CB  CG   sing N N 47  
ASN CB  HB2  sing N N 48  
ASN CB  HB3  sing N N 49  
ASN CG  OD1  doub N N 50  
ASN CG  ND2  sing N N 51  
ASN ND2 HD21 sing N N 52  
ASN ND2 HD22 sing N N 53  
ASN OXT HXT  sing N N 54  
ASP N   CA   sing N N 55  
ASP N   H    sing N N 56  
ASP N   H2   sing N N 57  
ASP CA  C    sing N N 58  
ASP CA  CB   sing N N 59  
ASP CA  HA   sing N N 60  
ASP C   O    doub N N 61  
ASP C   OXT  sing N N 62  
ASP CB  CG   sing N N 63  
ASP CB  HB2  sing N N 64  
ASP CB  HB3  sing N N 65  
ASP CG  OD1  doub N N 66  
ASP CG  OD2  sing N N 67  
ASP OD2 HD2  sing N N 68  
ASP OXT HXT  sing N N 69  
GLN N   CA   sing N N 70  
GLN N   H    sing N N 71  
GLN N   H2   sing N N 72  
GLN CA  C    sing N N 73  
GLN CA  CB   sing N N 74  
GLN CA  HA   sing N N 75  
GLN C   O    doub N N 76  
GLN C   OXT  sing N N 77  
GLN CB  CG   sing N N 78  
GLN CB  HB2  sing N N 79  
GLN CB  HB3  sing N N 80  
GLN CG  CD   sing N N 81  
GLN CG  HG2  sing N N 82  
GLN CG  HG3  sing N N 83  
GLN CD  OE1  doub N N 84  
GLN CD  NE2  sing N N 85  
GLN NE2 HE21 sing N N 86  
GLN NE2 HE22 sing N N 87  
GLN OXT HXT  sing N N 88  
GLU N   CA   sing N N 89  
GLU N   H    sing N N 90  
GLU N   H2   sing N N 91  
GLU CA  C    sing N N 92  
GLU CA  CB   sing N N 93  
GLU CA  HA   sing N N 94  
GLU C   O    doub N N 95  
GLU C   OXT  sing N N 96  
GLU CB  CG   sing N N 97  
GLU CB  HB2  sing N N 98  
GLU CB  HB3  sing N N 99  
GLU CG  CD   sing N N 100 
GLU CG  HG2  sing N N 101 
GLU CG  HG3  sing N N 102 
GLU CD  OE1  doub N N 103 
GLU CD  OE2  sing N N 104 
GLU OE2 HE2  sing N N 105 
GLU OXT HXT  sing N N 106 
GLY N   CA   sing N N 107 
GLY N   H    sing N N 108 
GLY N   H2   sing N N 109 
GLY CA  C    sing N N 110 
GLY CA  HA2  sing N N 111 
GLY CA  HA3  sing N N 112 
GLY C   O    doub N N 113 
GLY C   OXT  sing N N 114 
GLY OXT HXT  sing N N 115 
HIS N   CA   sing N N 116 
HIS N   H    sing N N 117 
HIS N   H2   sing N N 118 
HIS CA  C    sing N N 119 
HIS CA  CB   sing N N 120 
HIS CA  HA   sing N N 121 
HIS C   O    doub N N 122 
HIS C   OXT  sing N N 123 
HIS CB  CG   sing N N 124 
HIS CB  HB2  sing N N 125 
HIS CB  HB3  sing N N 126 
HIS CG  ND1  sing Y N 127 
HIS CG  CD2  doub Y N 128 
HIS ND1 CE1  doub Y N 129 
HIS ND1 HD1  sing N N 130 
HIS CD2 NE2  sing Y N 131 
HIS CD2 HD2  sing N N 132 
HIS CE1 NE2  sing Y N 133 
HIS CE1 HE1  sing N N 134 
HIS NE2 HE2  sing N N 135 
HIS OXT HXT  sing N N 136 
HOH O   H1   sing N N 137 
HOH O   H2   sing N N 138 
ILE N   CA   sing N N 139 
ILE N   H    sing N N 140 
ILE N   H2   sing N N 141 
ILE CA  C    sing N N 142 
ILE CA  CB   sing N N 143 
ILE CA  HA   sing N N 144 
ILE C   O    doub N N 145 
ILE C   OXT  sing N N 146 
ILE CB  CG1  sing N N 147 
ILE CB  CG2  sing N N 148 
ILE CB  HB   sing N N 149 
ILE CG1 CD1  sing N N 150 
ILE CG1 HG12 sing N N 151 
ILE CG1 HG13 sing N N 152 
ILE CG2 HG21 sing N N 153 
ILE CG2 HG22 sing N N 154 
ILE CG2 HG23 sing N N 155 
ILE CD1 HD11 sing N N 156 
ILE CD1 HD12 sing N N 157 
ILE CD1 HD13 sing N N 158 
ILE OXT HXT  sing N N 159 
LEU N   CA   sing N N 160 
LEU N   H    sing N N 161 
LEU N   H2   sing N N 162 
LEU CA  C    sing N N 163 
LEU CA  CB   sing N N 164 
LEU CA  HA   sing N N 165 
LEU C   O    doub N N 166 
LEU C   OXT  sing N N 167 
LEU CB  CG   sing N N 168 
LEU CB  HB2  sing N N 169 
LEU CB  HB3  sing N N 170 
LEU CG  CD1  sing N N 171 
LEU CG  CD2  sing N N 172 
LEU CG  HG   sing N N 173 
LEU CD1 HD11 sing N N 174 
LEU CD1 HD12 sing N N 175 
LEU CD1 HD13 sing N N 176 
LEU CD2 HD21 sing N N 177 
LEU CD2 HD22 sing N N 178 
LEU CD2 HD23 sing N N 179 
LEU OXT HXT  sing N N 180 
LYS N   CA   sing N N 181 
LYS N   H    sing N N 182 
LYS N   H2   sing N N 183 
LYS CA  C    sing N N 184 
LYS CA  CB   sing N N 185 
LYS CA  HA   sing N N 186 
LYS C   O    doub N N 187 
LYS C   OXT  sing N N 188 
LYS CB  CG   sing N N 189 
LYS CB  HB2  sing N N 190 
LYS CB  HB3  sing N N 191 
LYS CG  CD   sing N N 192 
LYS CG  HG2  sing N N 193 
LYS CG  HG3  sing N N 194 
LYS CD  CE   sing N N 195 
LYS CD  HD2  sing N N 196 
LYS CD  HD3  sing N N 197 
LYS CE  NZ   sing N N 198 
LYS CE  HE2  sing N N 199 
LYS CE  HE3  sing N N 200 
LYS NZ  HZ1  sing N N 201 
LYS NZ  HZ2  sing N N 202 
LYS NZ  HZ3  sing N N 203 
LYS OXT HXT  sing N N 204 
MET N   CA   sing N N 205 
MET N   H    sing N N 206 
MET N   H2   sing N N 207 
MET CA  C    sing N N 208 
MET CA  CB   sing N N 209 
MET CA  HA   sing N N 210 
MET C   O    doub N N 211 
MET C   OXT  sing N N 212 
MET CB  CG   sing N N 213 
MET CB  HB2  sing N N 214 
MET CB  HB3  sing N N 215 
MET CG  SD   sing N N 216 
MET CG  HG2  sing N N 217 
MET CG  HG3  sing N N 218 
MET SD  CE   sing N N 219 
MET CE  HE1  sing N N 220 
MET CE  HE2  sing N N 221 
MET CE  HE3  sing N N 222 
MET OXT HXT  sing N N 223 
PHE N   CA   sing N N 224 
PHE N   H    sing N N 225 
PHE N   H2   sing N N 226 
PHE CA  C    sing N N 227 
PHE CA  CB   sing N N 228 
PHE CA  HA   sing N N 229 
PHE C   O    doub N N 230 
PHE C   OXT  sing N N 231 
PHE CB  CG   sing N N 232 
PHE CB  HB2  sing N N 233 
PHE CB  HB3  sing N N 234 
PHE CG  CD1  doub Y N 235 
PHE CG  CD2  sing Y N 236 
PHE CD1 CE1  sing Y N 237 
PHE CD1 HD1  sing N N 238 
PHE CD2 CE2  doub Y N 239 
PHE CD2 HD2  sing N N 240 
PHE CE1 CZ   doub Y N 241 
PHE CE1 HE1  sing N N 242 
PHE CE2 CZ   sing Y N 243 
PHE CE2 HE2  sing N N 244 
PHE CZ  HZ   sing N N 245 
PHE OXT HXT  sing N N 246 
PRO N   CA   sing N N 247 
PRO N   CD   sing N N 248 
PRO N   H    sing N N 249 
PRO CA  C    sing N N 250 
PRO CA  CB   sing N N 251 
PRO CA  HA   sing N N 252 
PRO C   O    doub N N 253 
PRO C   OXT  sing N N 254 
PRO CB  CG   sing N N 255 
PRO CB  HB2  sing N N 256 
PRO CB  HB3  sing N N 257 
PRO CG  CD   sing N N 258 
PRO CG  HG2  sing N N 259 
PRO CG  HG3  sing N N 260 
PRO CD  HD2  sing N N 261 
PRO CD  HD3  sing N N 262 
PRO OXT HXT  sing N N 263 
SER N   CA   sing N N 264 
SER N   H    sing N N 265 
SER N   H2   sing N N 266 
SER CA  C    sing N N 267 
SER CA  CB   sing N N 268 
SER CA  HA   sing N N 269 
SER C   O    doub N N 270 
SER C   OXT  sing N N 271 
SER CB  OG   sing N N 272 
SER CB  HB2  sing N N 273 
SER CB  HB3  sing N N 274 
SER OG  HG   sing N N 275 
SER OXT HXT  sing N N 276 
THR N   CA   sing N N 277 
THR N   H    sing N N 278 
THR N   H2   sing N N 279 
THR CA  C    sing N N 280 
THR CA  CB   sing N N 281 
THR CA  HA   sing N N 282 
THR C   O    doub N N 283 
THR C   OXT  sing N N 284 
THR CB  OG1  sing N N 285 
THR CB  CG2  sing N N 286 
THR CB  HB   sing N N 287 
THR OG1 HG1  sing N N 288 
THR CG2 HG21 sing N N 289 
THR CG2 HG22 sing N N 290 
THR CG2 HG23 sing N N 291 
THR OXT HXT  sing N N 292 
TRP N   CA   sing N N 293 
TRP N   H    sing N N 294 
TRP N   H2   sing N N 295 
TRP CA  C    sing N N 296 
TRP CA  CB   sing N N 297 
TRP CA  HA   sing N N 298 
TRP C   O    doub N N 299 
TRP C   OXT  sing N N 300 
TRP CB  CG   sing N N 301 
TRP CB  HB2  sing N N 302 
TRP CB  HB3  sing N N 303 
TRP CG  CD1  doub Y N 304 
TRP CG  CD2  sing Y N 305 
TRP CD1 NE1  sing Y N 306 
TRP CD1 HD1  sing N N 307 
TRP CD2 CE2  doub Y N 308 
TRP CD2 CE3  sing Y N 309 
TRP NE1 CE2  sing Y N 310 
TRP NE1 HE1  sing N N 311 
TRP CE2 CZ2  sing Y N 312 
TRP CE3 CZ3  doub Y N 313 
TRP CE3 HE3  sing N N 314 
TRP CZ2 CH2  doub Y N 315 
TRP CZ2 HZ2  sing N N 316 
TRP CZ3 CH2  sing Y N 317 
TRP CZ3 HZ3  sing N N 318 
TRP CH2 HH2  sing N N 319 
TRP OXT HXT  sing N N 320 
TYR N   CA   sing N N 321 
TYR N   H    sing N N 322 
TYR N   H2   sing N N 323 
TYR CA  C    sing N N 324 
TYR CA  CB   sing N N 325 
TYR CA  HA   sing N N 326 
TYR C   O    doub N N 327 
TYR C   OXT  sing N N 328 
TYR CB  CG   sing N N 329 
TYR CB  HB2  sing N N 330 
TYR CB  HB3  sing N N 331 
TYR CG  CD1  doub Y N 332 
TYR CG  CD2  sing Y N 333 
TYR CD1 CE1  sing Y N 334 
TYR CD1 HD1  sing N N 335 
TYR CD2 CE2  doub Y N 336 
TYR CD2 HD2  sing N N 337 
TYR CE1 CZ   doub Y N 338 
TYR CE1 HE1  sing N N 339 
TYR CE2 CZ   sing Y N 340 
TYR CE2 HE2  sing N N 341 
TYR CZ  OH   sing N N 342 
TYR OH  HH   sing N N 343 
TYR OXT HXT  sing N N 344 
VAL N   CA   sing N N 345 
VAL N   H    sing N N 346 
VAL N   H2   sing N N 347 
VAL CA  C    sing N N 348 
VAL CA  CB   sing N N 349 
VAL CA  HA   sing N N 350 
VAL C   O    doub N N 351 
VAL C   OXT  sing N N 352 
VAL CB  CG1  sing N N 353 
VAL CB  CG2  sing N N 354 
VAL CB  HB   sing N N 355 
VAL CG1 HG11 sing N N 356 
VAL CG1 HG12 sing N N 357 
VAL CG1 HG13 sing N N 358 
VAL CG2 HG21 sing N N 359 
VAL CG2 HG22 sing N N 360 
VAL CG2 HG23 sing N N 361 
VAL OXT HXT  sing N N 362 
# 
_atom_sites.entry_id                    6ABR 
_atom_sites.fract_transf_matrix[1][1]   0.01358700 
_atom_sites.fract_transf_matrix[1][2]   0.02158777 
_atom_sites.fract_transf_matrix[1][3]   -0.01959670 
_atom_sites.fract_transf_matrix[2][1]   -0.00520347 
_atom_sites.fract_transf_matrix[2][2]   0.00894018 
_atom_sites.fract_transf_matrix[2][3]   0.00624080 
_atom_sites.fract_transf_matrix[3][1]   0.02712083 
_atom_sites.fract_transf_matrix[3][2]   0.00741271 
_atom_sites.fract_transf_matrix[3][3]   0.01199390 
_atom_sites.fract_transf_vector[1]      0.746942 
_atom_sites.fract_transf_vector[2]      0.318091 
_atom_sites.fract_transf_vector[3]      0.521472 
# 
loop_
_atom_type.symbol 
C  
N  
O  
S  
SE 
# 
loop_
_atom_site.group_PDB 
_atom_site.id 
_atom_site.type_symbol 
_atom_site.label_atom_id 
_atom_site.label_alt_id 
_atom_site.label_comp_id 
_atom_site.label_asym_id 
_atom_site.label_entity_id 
_atom_site.label_seq_id 
_atom_site.pdbx_PDB_ins_code 
_atom_site.Cartn_x 
_atom_site.Cartn_y 
_atom_site.Cartn_z 
_atom_site.occupancy 
_atom_site.B_iso_or_equiv 
_atom_site.pdbx_formal_charge 
_atom_site.auth_seq_id 
_atom_site.auth_comp_id 
_atom_site.auth_asym_id 
_atom_site.auth_atom_id 
_atom_site.pdbx_PDB_model_num 
ATOM   1    N N   . ILE A 1 26  ? -7.904  -14.495 14.178  1.00 32.85  ? 1135 ILE A N   1 
ATOM   2    C CA  . ILE A 1 26  ? -6.961  -14.161 15.237  1.00 37.59  ? 1135 ILE A CA  1 
ATOM   3    C C   . ILE A 1 26  ? -5.705  -13.482 14.693  1.00 38.53  ? 1135 ILE A C   1 
ATOM   4    O O   . ILE A 1 26  ? -5.353  -13.658 13.527  1.00 40.45  ? 1135 ILE A O   1 
ATOM   5    C CB  . ILE A 1 26  ? -6.548  -15.408 16.025  1.00 36.61  ? 1135 ILE A CB  1 
ATOM   6    C CG1 . ILE A 1 26  ? -5.720  -16.338 15.139  1.00 34.07  ? 1135 ILE A CG1 1 
ATOM   7    C CG2 . ILE A 1 26  ? -7.782  -16.121 16.560  1.00 33.47  ? 1135 ILE A CG2 1 
ATOM   8    C CD1 . ILE A 1 26  ? -5.054  -17.448 15.896  1.00 33.69  ? 1135 ILE A CD1 1 
ATOM   9    N N   . ARG A 1 27  ? -5.036  -12.708 15.546  1.00 38.73  ? 1136 ARG A N   1 
ATOM   10   C CA  . ARG A 1 27  ? -3.899  -11.887 15.127  1.00 44.26  ? 1136 ARG A CA  1 
ATOM   11   C C   . ARG A 1 27  ? -2.607  -12.268 15.850  1.00 39.96  ? 1136 ARG A C   1 
ATOM   12   O O   . ARG A 1 27  ? -2.634  -12.699 17.000  1.00 37.09  ? 1136 ARG A O   1 
ATOM   13   C CB  . ARG A 1 27  ? -4.196  -10.395 15.353  1.00 45.40  ? 1136 ARG A CB  1 
ATOM   14   C CG  . ARG A 1 27  ? -5.268  -9.781  14.434  1.00 55.79  ? 1136 ARG A CG  1 
ATOM   15   C CD  . ARG A 1 27  ? -5.495  -10.630 13.184  1.00 61.50  ? 1136 ARG A CD  1 
ATOM   16   N NE  . ARG A 1 27  ? -6.160  -9.946  12.078  1.00 81.53  ? 1136 ARG A NE  1 
ATOM   17   C CZ  . ARG A 1 27  ? -5.542  -9.531  10.975  1.00 84.72  ? 1136 ARG A CZ  1 
ATOM   18   N NH1 . ARG A 1 27  ? -4.239  -9.738  10.821  1.00 79.98  ? 1136 ARG A NH1 1 
ATOM   19   N NH2 . ARG A 1 27  ? -6.229  -8.923  10.017  1.00 88.39  ? 1136 ARG A NH2 1 
ATOM   20   N N   . LYS A 1 28  ? -1.477  -12.088 15.169  1.00 39.58  ? 1137 LYS A N   1 
ATOM   21   C CA  . LYS A 1 28  ? -0.171  -12.461 15.708  1.00 38.84  ? 1137 LYS A CA  1 
ATOM   22   C C   . LYS A 1 28  ? 0.226   -11.645 16.945  1.00 37.84  ? 1137 LYS A C   1 
ATOM   23   O O   . LYS A 1 28  ? -0.102  -10.461 17.069  1.00 33.66  ? 1137 LYS A O   1 
ATOM   24   C CB  . LYS A 1 28  ? 0.897   -12.339 14.609  1.00 43.22  ? 1137 LYS A CB  1 
ATOM   25   C CG  . LYS A 1 28  ? 1.862   -11.172 14.749  1.00 54.44  ? 1137 LYS A CG  1 
ATOM   26   C CD  . LYS A 1 28  ? 2.512   -10.841 13.409  1.00 60.60  ? 1137 LYS A CD  1 
ATOM   27   C CE  . LYS A 1 28  ? 3.317   -9.554  13.475  1.00 70.03  ? 1137 LYS A CE  1 
ATOM   28   N NZ  . LYS A 1 28  ? 4.107   -9.300  12.239  1.00 91.64  ? 1137 LYS A NZ  1 
ATOM   29   N N   . LEU A 1 29  ? 0.924   -12.302 17.865  1.00 32.97  ? 1138 LEU A N   1 
ATOM   30   C CA  . LEU A 1 29  ? 1.310   -11.685 19.125  1.00 32.65  ? 1138 LEU A CA  1 
ATOM   31   C C   . LEU A 1 29  ? 2.788   -11.304 19.147  1.00 35.71  ? 1138 LEU A C   1 
ATOM   32   O O   . LEU A 1 29  ? 3.538   -11.628 18.228  1.00 36.44  ? 1138 LEU A O   1 
ATOM   33   C CB  . LEU A 1 29  ? 0.999   -12.626 20.292  1.00 30.02  ? 1138 LEU A CB  1 
ATOM   34   C CG  . LEU A 1 29  ? -0.477  -12.900 20.571  1.00 28.98  ? 1138 LEU A CG  1 
ATOM   35   C CD1 . LEU A 1 29  ? -0.623  -13.839 21.756  1.00 28.27  ? 1138 LEU A CD1 1 
ATOM   36   C CD2 . LEU A 1 29  ? -1.219  -11.589 20.826  1.00 30.94  ? 1138 LEU A CD2 1 
ATOM   37   N N   . ASN A 1 30  ? 3.185   -10.609 20.210  1.00 33.90  ? 1139 ASN A N   1 
ATOM   38   C CA  . ASN A 1 30  ? 4.578   -10.252 20.468  1.00 37.19  ? 1139 ASN A CA  1 
ATOM   39   C C   . ASN A 1 30  ? 5.310   -9.561  19.317  1.00 42.74  ? 1139 ASN A C   1 
ATOM   40   O O   . ASN A 1 30  ? 6.487   -9.820  19.089  1.00 46.09  ? 1139 ASN A O   1 
ATOM   41   C CB  . ASN A 1 30  ? 5.369   -11.498 20.873  1.00 40.15  ? 1139 ASN A CB  1 
ATOM   42   C CG  . ASN A 1 30  ? 4.823   -12.162 22.125  1.00 40.58  ? 1139 ASN A CG  1 
ATOM   43   O OD1 . ASN A 1 30  ? 4.261   -11.502 23.002  1.00 41.26  ? 1139 ASN A OD1 1 
ATOM   44   N ND2 . ASN A 1 30  ? 5.000   -13.472 22.221  1.00 43.43  ? 1139 ASN A ND2 1 
ATOM   45   N N   . GLU A 1 31  ? 4.627   -8.679  18.595  1.00 40.41  ? 1140 GLU A N   1 
ATOM   46   C CA  . GLU A 1 31  ? 5.311   -7.863  17.597  1.00 44.10  ? 1140 GLU A CA  1 
ATOM   47   C C   . GLU A 1 31  ? 4.816   -6.425  17.610  1.00 42.18  ? 1140 GLU A C   1 
ATOM   48   O O   . GLU A 1 31  ? 3.756   -6.121  18.161  1.00 36.66  ? 1140 GLU A O   1 
ATOM   49   C CB  . GLU A 1 31  ? 5.145   -8.449  16.196  1.00 50.81  ? 1140 GLU A CB  1 
ATOM   50   C CG  . GLU A 1 31  ? 6.406   -8.350  15.338  1.00 57.01  ? 1140 GLU A CG  1 
ATOM   51   C CD  . GLU A 1 31  ? 7.372   -9.495  15.575  1.00 74.29  ? 1140 GLU A CD  1 
ATOM   52   O OE1 . GLU A 1 31  ? 7.009   -10.445 16.301  1.00 66.50  ? 1140 GLU A OE1 1 
ATOM   53   O OE2 . GLU A 1 31  ? 8.504   -9.438  15.052  1.00 78.02  ? 1140 GLU A OE2 1 
ATOM   54   N N   . LYS A 1 32  ? 5.600   -5.548  16.996  1.00 38.43  ? 1141 LYS A N   1 
ATOM   55   C CA  . LYS A 1 32  ? 5.291   -4.125  16.946  1.00 41.04  ? 1141 LYS A CA  1 
ATOM   56   C C   . LYS A 1 32  ? 4.070   -3.874  16.074  1.00 36.08  ? 1141 LYS A C   1 
ATOM   57   O O   . LYS A 1 32  ? 3.859   -4.574  15.090  1.00 35.78  ? 1141 LYS A O   1 
ATOM   58   C CB  . LYS A 1 32  ? 6.495   -3.347  16.414  1.00 39.59  ? 1141 LYS A CB  1 
ATOM   59   C CG  . LYS A 1 32  ? 7.516   -2.969  17.478  1.00 43.93  ? 1141 LYS A CG  1 
ATOM   60   C CD  . LYS A 1 32  ? 8.818   -2.487  16.849  1.00 53.12  ? 1141 LYS A CD  1 
ATOM   61   C CE  . LYS A 1 32  ? 9.417   -3.546  15.927  1.00 82.05  ? 1141 LYS A CE  1 
ATOM   62   N NZ  . LYS A 1 32  ? 10.883  -3.354  15.724  1.00 75.68  ? 1141 LYS A NZ  1 
ATOM   63   N N   . GLU A 1 33  ? 3.257   -2.890  16.443  1.00 33.62  ? 1142 GLU A N   1 
ATOM   64   C CA  . GLU A 1 33  ? 2.165   -2.463  15.580  1.00 34.97  ? 1142 GLU A CA  1 
ATOM   65   C C   . GLU A 1 33  ? 2.739   -1.931  14.269  1.00 30.73  ? 1142 GLU A C   1 
ATOM   66   O O   . GLU A 1 33  ? 3.768   -1.259  14.267  1.00 28.98  ? 1142 GLU A O   1 
ATOM   67   C CB  . GLU A 1 33  ? 1.309   -1.395  16.262  1.00 34.63  ? 1142 GLU A CB  1 
ATOM   68   C CG  . GLU A 1 33  ? 0.351   -1.925  17.324  1.00 39.71  ? 1142 GLU A CG  1 
ATOM   69   C CD  . GLU A 1 33  ? -1.039  -2.182  16.773  1.00 37.50  ? 1142 GLU A CD  1 
ATOM   70   O OE1 . GLU A 1 33  ? -1.152  -2.866  15.735  1.00 43.94  ? 1142 GLU A OE1 1 
ATOM   71   O OE2 . GLU A 1 33  ? -2.018  -1.688  17.366  1.00 39.60  ? 1142 GLU A OE2 1 
ATOM   72   N N   . PRO A 1 34  ? 2.084   -2.240  13.143  1.00 29.68  ? 1143 PRO A N   1 
ATOM   73   C CA  . PRO A 1 34  ? 2.585   -1.726  11.865  1.00 28.50  ? 1143 PRO A CA  1 
ATOM   74   C C   . PRO A 1 34  ? 2.337   -0.224  11.724  1.00 28.11  ? 1143 PRO A C   1 
ATOM   75   O O   . PRO A 1 34  ? 1.402   0.304   12.331  1.00 28.01  ? 1143 PRO A O   1 
ATOM   76   C CB  . PRO A 1 34  ? 1.795   -2.528  10.825  1.00 29.83  ? 1143 PRO A CB  1 
ATOM   77   C CG  . PRO A 1 34  ? 0.551   -2.982  11.534  1.00 32.12  ? 1143 PRO A CG  1 
ATOM   78   C CD  . PRO A 1 34  ? 0.775   -2.903  13.019  1.00 28.95  ? 1143 PRO A CD  1 
ATOM   79   N N   . VAL A 1 35  ? 3.187   0.459   10.964  1.00 25.42  ? 1144 VAL A N   1 
ATOM   80   C CA  . VAL A 1 35  ? 3.024   1.894   10.742  1.00 20.88  ? 1144 VAL A CA  1 
ATOM   81   C C   . VAL A 1 35  ? 2.727   2.168   9.277   1.00 26.90  ? 1144 VAL A C   1 
ATOM   82   O O   . VAL A 1 35  ? 3.378   1.614   8.385   1.00 24.00  ? 1144 VAL A O   1 
ATOM   83   C CB  . VAL A 1 35  ? 4.275   2.692   11.179  1.00 22.93  ? 1144 VAL A CB  1 
ATOM   84   C CG1 . VAL A 1 35  ? 4.099   4.180   10.886  1.00 26.88  ? 1144 VAL A CG1 1 
ATOM   85   C CG2 . VAL A 1 35  ? 4.581   2.461   12.663  1.00 25.37  ? 1144 VAL A CG2 1 
ATOM   86   N N   . TYR A 1 36  ? 1.743   3.026   9.032   1.00 22.68  ? 1145 TYR A N   1 
ATOM   87   C CA  . TYR A 1 36  ? 1.317   3.325   7.677   1.00 23.27  ? 1145 TYR A CA  1 
ATOM   88   C C   . TYR A 1 36  ? 1.427   4.814   7.363   1.00 24.33  ? 1145 TYR A C   1 
ATOM   89   O O   . TYR A 1 36  ? 1.267   5.665   8.244   1.00 21.12  ? 1145 TYR A O   1 
ATOM   90   C CB  . TYR A 1 36  ? -0.128  2.880   7.456   1.00 23.43  ? 1145 TYR A CB  1 
ATOM   91   C CG  . TYR A 1 36  ? -0.427  1.443   7.827   1.00 26.00  ? 1145 TYR A CG  1 
ATOM   92   C CD1 . TYR A 1 36  ? -0.090  0.391   6.977   1.00 25.46  ? 1145 TYR A CD1 1 
ATOM   93   C CD2 . TYR A 1 36  ? -1.070  1.141   9.023   1.00 25.75  ? 1145 TYR A CD2 1 
ATOM   94   C CE1 . TYR A 1 36  ? -0.377  -0.927  7.319   1.00 24.29  ? 1145 TYR A CE1 1 
ATOM   95   C CE2 . TYR A 1 36  ? -1.360  -0.161  9.368   1.00 26.56  ? 1145 TYR A CE2 1 
ATOM   96   C CZ  . TYR A 1 36  ? -1.014  -1.190  8.520   1.00 26.90  ? 1145 TYR A CZ  1 
ATOM   97   O OH  . TYR A 1 36  ? -1.313  -2.479  8.891   1.00 27.21  ? 1145 TYR A OH  1 
ATOM   98   N N   . ILE A 1 37  ? 1.705   5.120   6.101   1.00 22.00  ? 1146 ILE A N   1 
ATOM   99   C CA  . ILE A 1 37  ? 1.497   6.464   5.597   1.00 24.38  ? 1146 ILE A CA  1 
ATOM   100  C C   . ILE A 1 37  ? 0.223   6.449   4.758   1.00 25.56  ? 1146 ILE A C   1 
ATOM   101  O O   . ILE A 1 37  ? 0.183   5.862   3.671   1.00 20.27  ? 1146 ILE A O   1 
ATOM   102  C CB  . ILE A 1 37  ? 2.689   6.979   4.770   1.00 22.69  ? 1146 ILE A CB  1 
ATOM   103  C CG1 . ILE A 1 37  ? 3.860   7.332   5.691   1.00 24.16  ? 1146 ILE A CG1 1 
ATOM   104  C CG2 . ILE A 1 37  ? 2.305   8.226   3.996   1.00 22.90  ? 1146 ILE A CG2 1 
ATOM   105  C CD1 . ILE A 1 37  ? 5.144   7.640   4.946   1.00 25.11  ? 1146 ILE A CD1 1 
ATOM   106  N N   . TYR A 1 38  ? -0.832  7.048   5.302   1.00 20.93  ? 1147 TYR A N   1 
ATOM   107  C CA  . TYR A 1 38  ? -2.079  7.178   4.570   1.00 21.46  ? 1147 TYR A CA  1 
ATOM   108  C C   . TYR A 1 38  ? -1.882  8.235   3.505   1.00 22.49  ? 1147 TYR A C   1 
ATOM   109  O O   . TYR A 1 38  ? -1.450  9.343   3.810   1.00 20.88  ? 1147 TYR A O   1 
ATOM   110  C CB  . TYR A 1 38  ? -3.228  7.572   5.496   1.00 22.49  ? 1147 TYR A CB  1 
ATOM   111  C CG  . TYR A 1 38  ? -3.894  6.431   6.231   1.00 21.71  ? 1147 TYR A CG  1 
ATOM   112  C CD1 . TYR A 1 38  ? -3.206  5.259   6.524   1.00 20.55  ? 1147 TYR A CD1 1 
ATOM   113  C CD2 . TYR A 1 38  ? -5.218  6.535   6.635   1.00 20.81  ? 1147 TYR A CD2 1 
ATOM   114  C CE1 . TYR A 1 38  ? -3.823  4.220   7.192   1.00 22.90  ? 1147 TYR A CE1 1 
ATOM   115  C CE2 . TYR A 1 38  ? -5.842  5.508   7.307   1.00 23.33  ? 1147 TYR A CE2 1 
ATOM   116  C CZ  . TYR A 1 38  ? -5.144  4.354   7.589   1.00 25.35  ? 1147 TYR A CZ  1 
ATOM   117  O OH  . TYR A 1 38  ? -5.775  3.331   8.259   1.00 22.47  ? 1147 TYR A OH  1 
ATOM   118  N N   . THR A 1 39  ? -2.210  7.902   2.264   1.00 21.95  ? 1148 THR A N   1 
ATOM   119  C CA  . THR A 1 39  ? -2.053  8.843   1.160   1.00 22.62  ? 1148 THR A CA  1 
ATOM   120  C C   . THR A 1 39  ? -3.090  8.568   0.076   1.00 23.20  ? 1148 THR A C   1 
ATOM   121  O O   . THR A 1 39  ? -3.897  7.646   0.194   1.00 26.28  ? 1148 THR A O   1 
ATOM   122  C CB  . THR A 1 39  ? -0.629  8.785   0.559   1.00 23.75  ? 1148 THR A CB  1 
ATOM   123  O OG1 . THR A 1 39  ? -0.453  9.848   -0.391  1.00 20.15  ? 1148 THR A OG1 1 
ATOM   124  C CG2 . THR A 1 39  ? -0.378  7.438   -0.128  1.00 20.06  ? 1148 THR A CG2 1 
ATOM   125  N N   . SER A 1 40  ? -3.072  9.379   -0.970  1.00 22.92  ? 1149 SER A N   1 
ATOM   126  C CA  . SER A 1 40  ? -3.878  9.125   -2.154  1.00 27.50  ? 1149 SER A CA  1 
ATOM   127  C C   . SER A 1 40  ? -2.964  9.093   -3.377  1.00 28.68  ? 1149 SER A C   1 
ATOM   128  O O   . SER A 1 40  ? -2.456  10.125  -3.804  1.00 28.71  ? 1149 SER A O   1 
ATOM   129  C CB  . SER A 1 40  ? -4.964  10.191  -2.310  1.00 31.22  ? 1149 SER A CB  1 
ATOM   130  O OG  . SER A 1 40  ? -5.759  9.946   -3.456  1.00 35.22  ? 1149 SER A OG  1 
ATOM   131  N N   . LEU A 1 41  ? -2.759  7.909   -3.945  1.00 29.43  ? 1150 LEU A N   1 
ATOM   132  C CA  . LEU A 1 41  ? -1.723  7.744   -4.965  1.00 31.23  ? 1150 LEU A CA  1 
ATOM   133  C C   . LEU A 1 41  ? -2.102  8.349   -6.310  1.00 34.10  ? 1150 LEU A C   1 
ATOM   134  O O   . LEU A 1 41  ? -1.241  8.550   -7.165  1.00 36.74  ? 1150 LEU A O   1 
ATOM   135  C CB  . LEU A 1 41  ? -1.361  6.269   -5.148  1.00 32.70  ? 1150 LEU A CB  1 
ATOM   136  C CG  . LEU A 1 41  ? -0.687  5.579   -3.963  1.00 31.80  ? 1150 LEU A CG  1 
ATOM   137  C CD1 . LEU A 1 41  ? -0.382  4.118   -4.304  1.00 31.20  ? 1150 LEU A CD1 1 
ATOM   138  C CD2 . LEU A 1 41  ? 0.580   6.320   -3.570  1.00 29.00  ? 1150 LEU A CD2 1 
ATOM   139  N N   . ALA A 1 42  ? -3.377  8.658   -6.499  1.00 34.00  ? 1151 ALA A N   1 
ATOM   140  C CA  . ALA A 1 42  ? -3.795  9.267   -7.752  1.00 40.57  ? 1151 ALA A CA  1 
ATOM   141  C C   . ALA A 1 42  ? -4.008  10.755  -7.508  1.00 41.65  ? 1151 ALA A C   1 
ATOM   142  O O   . ALA A 1 42  ? -4.720  11.432  -8.250  1.00 48.72  ? 1151 ALA A O   1 
ATOM   143  C CB  . ALA A 1 42  ? -5.061  8.614   -8.286  1.00 41.36  ? 1151 ALA A CB  1 
ATOM   144  N N   . GLY A 1 43  ? -3.362  11.247  -6.451  1.00 41.19  ? 1152 GLY A N   1 
ATOM   145  C CA  . GLY A 1 43  ? -3.293  12.668  -6.157  1.00 39.27  ? 1152 GLY A CA  1 
ATOM   146  C C   . GLY A 1 43  ? -4.621  13.344  -5.873  1.00 42.55  ? 1152 GLY A C   1 
ATOM   147  O O   . GLY A 1 43  ? -5.381  12.913  -5.005  1.00 43.19  ? 1152 GLY A O   1 
ATOM   148  N N   . GLY A 1 44  ? -4.893  14.420  -6.604  1.00 46.18  ? 1153 GLY A N   1 
ATOM   149  C CA  . GLY A 1 44  ? -6.116  15.177  -6.420  1.00 37.77  ? 1153 GLY A CA  1 
ATOM   150  C C   . GLY A 1 44  ? -6.001  16.145  -5.259  1.00 41.39  ? 1153 GLY A C   1 
ATOM   151  O O   . GLY A 1 44  ? -6.187  17.352  -5.423  1.00 40.57  ? 1153 GLY A O   1 
ATOM   152  N N   . GLY A 1 45  ? -5.697  15.611  -4.080  1.00 36.87  ? 1154 GLY A N   1 
ATOM   153  C CA  . GLY A 1 45  ? -5.518  16.422  -2.891  1.00 35.38  ? 1154 GLY A CA  1 
ATOM   154  C C   . GLY A 1 45  ? -4.337  17.357  -3.036  1.00 32.62  ? 1154 GLY A C   1 
ATOM   155  O O   . GLY A 1 45  ? -3.330  17.004  -3.650  1.00 28.96  ? 1154 GLY A O   1 
ATOM   156  N N   . PHE A 1 46  ? -4.466  18.549  -2.463  1.00 26.98  ? 1155 PHE A N   1 
ATOM   157  C CA  . PHE A 1 46  ? -3.461  19.599  -2.586  1.00 27.22  ? 1155 PHE A CA  1 
ATOM   158  C C   . PHE A 1 46  ? -2.096  19.131  -2.102  1.00 25.14  ? 1155 PHE A C   1 
ATOM   159  O O   . PHE A 1 46  ? -1.954  18.702  -0.963  1.00 23.04  ? 1155 PHE A O   1 
ATOM   160  C CB  . PHE A 1 46  ? -3.902  20.845  -1.809  1.00 26.92  ? 1155 PHE A CB  1 
ATOM   161  C CG  . PHE A 1 46  ? -2.949  21.999  -1.918  1.00 26.99  ? 1155 PHE A CG  1 
ATOM   162  C CD1 . PHE A 1 46  ? -2.820  22.699  -3.109  1.00 30.58  ? 1155 PHE A CD1 1 
ATOM   163  C CD2 . PHE A 1 46  ? -2.185  22.384  -0.836  1.00 23.96  ? 1155 PHE A CD2 1 
ATOM   164  C CE1 . PHE A 1 46  ? -1.942  23.765  -3.208  1.00 30.61  ? 1155 PHE A CE1 1 
ATOM   165  C CE2 . PHE A 1 46  ? -1.309  23.445  -0.929  1.00 26.71  ? 1155 PHE A CE2 1 
ATOM   166  C CZ  . PHE A 1 46  ? -1.191  24.140  -2.112  1.00 29.07  ? 1155 PHE A CZ  1 
ATOM   167  N N   . HIS A 1 47  ? -1.108  19.200  -2.993  1.00 23.59  ? 1156 HIS A N   1 
ATOM   168  C CA  . HIS A 1 47  ? 0.270   18.778  -2.711  1.00 25.76  ? 1156 HIS A CA  1 
ATOM   169  C C   . HIS A 1 47  ? 0.375   17.381  -2.100  1.00 22.22  ? 1156 HIS A C   1 
ATOM   170  O O   . HIS A 1 47  ? 1.268   17.121  -1.290  1.00 21.82  ? 1156 HIS A O   1 
ATOM   171  C CB  . HIS A 1 47  ? 0.956   19.790  -1.789  1.00 26.00  ? 1156 HIS A CB  1 
ATOM   172  C CG  . HIS A 1 47  ? 1.295   21.081  -2.465  1.00 29.60  ? 1156 HIS A CG  1 
ATOM   173  N ND1 . HIS A 1 47  ? 1.733   22.193  -1.773  1.00 27.82  ? 1156 HIS A ND1 1 
ATOM   174  C CD2 . HIS A 1 47  ? 1.270   21.440  -3.771  1.00 28.95  ? 1156 HIS A CD2 1 
ATOM   175  C CE1 . HIS A 1 47  ? 1.958   23.177  -2.622  1.00 32.87  ? 1156 HIS A CE1 1 
ATOM   176  N NE2 . HIS A 1 47  ? 1.686   22.747  -3.844  1.00 29.20  ? 1156 HIS A NE2 1 
ATOM   177  N N   . MET A 1 48  ? -0.533  16.494  -2.490  1.00 20.32  ? 1157 MET A N   1 
ATOM   178  C CA  . MET A 1 48  ? -0.568  15.128  -1.970  1.00 24.46  ? 1157 MET A CA  1 
ATOM   179  C C   . MET A 1 48  ? 0.718   14.312  -2.137  1.00 24.12  ? 1157 MET A C   1 
ATOM   180  O O   . MET A 1 48  ? 1.135   13.616  -1.211  1.00 20.75  ? 1157 MET A O   1 
ATOM   181  C CB  . MET A 1 48  ? -1.746  14.362  -2.578  1.00 20.00  ? 1157 MET A CB  1 
ATOM   182  C CG  . MET A 1 48  ? -1.845  12.914  -2.127  1.00 20.00  ? 1157 MET A CG  1 
ATOM   183  S SD  . MET A 1 48  ? -2.418  12.753  -0.425  1.00 20.00  ? 1157 MET A SD  1 
ATOM   184  C CE  . MET A 1 48  ? -3.979  13.626  -0.509  1.00 20.00  ? 1157 MET A CE  1 
ATOM   185  N N   . ILE A 1 49  ? 1.337   14.385  -3.311  1.00 22.62  ? 1158 ILE A N   1 
ATOM   186  C CA  . ILE A 1 49  ? 2.549   13.616  -3.570  1.00 23.22  ? 1158 ILE A CA  1 
ATOM   187  C C   . ILE A 1 49  ? 3.798   14.238  -2.934  1.00 25.24  ? 1158 ILE A C   1 
ATOM   188  O O   . ILE A 1 49  ? 4.595   13.506  -2.334  1.00 25.73  ? 1158 ILE A O   1 
ATOM   189  C CB  . ILE A 1 49  ? 2.788   13.420  -5.098  1.00 25.37  ? 1158 ILE A CB  1 
ATOM   190  C CG1 . ILE A 1 49  ? 1.566   12.775  -5.757  1.00 24.90  ? 1158 ILE A CG1 1 
ATOM   191  C CG2 . ILE A 1 49  ? 4.058   12.603  -5.346  1.00 27.50  ? 1158 ILE A CG2 1 
ATOM   192  C CD1 . ILE A 1 49  ? 1.108   11.504  -5.064  1.00 28.54  ? 1158 ILE A CD1 1 
ATOM   193  N N   . PRO A 1 50  ? 3.994   15.573  -3.058  1.00 23.98  ? 1159 PRO A N   1 
ATOM   194  C CA  . PRO A 1 50  ? 5.166   16.080  -2.332  1.00 23.87  ? 1159 PRO A CA  1 
ATOM   195  C C   . PRO A 1 50  ? 5.096   15.873  -0.823  1.00 25.44  ? 1159 PRO A C   1 
ATOM   196  O O   . PRO A 1 50  ? 6.123   15.605  -0.196  1.00 24.51  ? 1159 PRO A O   1 
ATOM   197  C CB  . PRO A 1 50  ? 5.148   17.577  -2.627  1.00 24.59  ? 1159 PRO A CB  1 
ATOM   198  C CG  . PRO A 1 50  ? 4.381   17.736  -3.874  1.00 27.26  ? 1159 PRO A CG  1 
ATOM   199  C CD  . PRO A 1 50  ? 3.555   16.509  -4.111  1.00 26.46  ? 1159 PRO A CD  1 
ATOM   200  N N   . ARG A 1 51  ? 3.912   16.023  -0.239  1.00 23.16  ? 1160 ARG A N   1 
ATOM   201  C CA  . ARG A 1 51  ? 3.799   15.847  1.203   1.00 23.70  ? 1160 ARG A CA  1 
ATOM   202  C C   . ARG A 1 51  ? 3.999   14.385  1.588   1.00 24.74  ? 1160 ARG A C   1 
ATOM   203  O O   . ARG A 1 51  ? 4.540   14.084  2.653   1.00 23.78  ? 1160 ARG A O   1 
ATOM   204  C CB  . ARG A 1 51  ? 2.451   16.344  1.725   1.00 22.45  ? 1160 ARG A CB  1 
ATOM   205  C CG  . ARG A 1 51  ? 2.273   17.857  1.684   1.00 24.94  ? 1160 ARG A CG  1 
ATOM   206  C CD  . ARG A 1 51  ? 0.820   18.274  1.939   1.00 25.78  ? 1160 ARG A CD  1 
ATOM   207  N NE  . ARG A 1 51  ? 0.683   19.729  1.997   1.00 25.32  ? 1160 ARG A NE  1 
ATOM   208  C CZ  . ARG A 1 51  ? -0.479  20.376  2.074   1.00 28.68  ? 1160 ARG A CZ  1 
ATOM   209  N NH1 . ARG A 1 51  ? -1.619  19.701  2.143   1.00 27.98  ? 1160 ARG A NH1 1 
ATOM   210  N NH2 . ARG A 1 51  ? -0.498  21.702  2.113   1.00 28.39  ? 1160 ARG A NH2 1 
ATOM   211  N N   . THR A 1 52  ? 3.557   13.481  0.721   1.00 24.66  ? 1161 THR A N   1 
ATOM   212  C CA  . THR A 1 52  ? 3.788   12.057  0.933   1.00 22.49  ? 1161 THR A CA  1 
ATOM   213  C C   . THR A 1 52  ? 5.276   11.769  0.907   1.00 24.73  ? 1161 THR A C   1 
ATOM   214  O O   . THR A 1 52  ? 5.790   11.046  1.755   1.00 25.56  ? 1161 THR A O   1 
ATOM   215  C CB  . THR A 1 52  ? 3.073   11.181  -0.111  1.00 21.51  ? 1161 THR A CB  1 
ATOM   216  O OG1 . THR A 1 52  ? 1.666   11.455  -0.081  1.00 17.94  ? 1161 THR A OG1 1 
ATOM   217  C CG2 . THR A 1 52  ? 3.287   9.701   0.214   1.00 22.18  ? 1161 THR A CG2 1 
ATOM   218  N N   . ASN A 1 53  ? 5.966   12.362  -0.062  1.00 25.64  ? 1162 ASN A N   1 
ATOM   219  C CA  . ASN A 1 53  ? 7.395   12.157  -0.201  1.00 28.04  ? 1162 ASN A CA  1 
ATOM   220  C C   . ASN A 1 53  ? 8.148   12.668  1.020   1.00 29.61  ? 1162 ASN A C   1 
ATOM   221  O O   . ASN A 1 53  ? 9.087   12.031  1.491   1.00 25.89  ? 1162 ASN A O   1 
ATOM   222  C CB  . ASN A 1 53  ? 7.918   12.837  -1.468  1.00 29.34  ? 1162 ASN A CB  1 
ATOM   223  C CG  . ASN A 1 53  ? 7.480   12.119  -2.740  1.00 31.93  ? 1162 ASN A CG  1 
ATOM   224  O OD1 . ASN A 1 53  ? 7.232   10.910  -2.736  1.00 30.95  ? 1162 ASN A OD1 1 
ATOM   225  N ND2 . ASN A 1 53  ? 7.425   12.853  -3.841  1.00 27.90  ? 1162 ASN A ND2 1 
ATOM   226  N N   . ARG A 1 54  ? 7.719   13.814  1.537   1.00 26.10  ? 1163 ARG A N   1 
ATOM   227  C CA  . ARG A 1 54  ? 8.331   14.388  2.725   1.00 27.17  ? 1163 ARG A CA  1 
ATOM   228  C C   . ARG A 1 54  ? 8.109   13.500  3.950   1.00 28.12  ? 1163 ARG A C   1 
ATOM   229  O O   . ARG A 1 54  ? 9.033   13.275  4.731   1.00 27.47  ? 1163 ARG A O   1 
ATOM   230  C CB  . ARG A 1 54  ? 7.783   15.792  2.977   1.00 29.61  ? 1163 ARG A CB  1 
ATOM   231  C CG  . ARG A 1 54  ? 8.198   16.399  4.304   1.00 30.62  ? 1163 ARG A CG  1 
ATOM   232  C CD  . ARG A 1 54  ? 9.714   16.502  4.420   1.00 34.75  ? 1163 ARG A CD  1 
ATOM   233  N NE  . ARG A 1 54  ? 10.118  17.166  5.658   1.00 39.25  ? 1163 ARG A NE  1 
ATOM   234  C CZ  . ARG A 1 54  ? 11.331  17.083  6.196   1.00 40.27  ? 1163 ARG A CZ  1 
ATOM   235  N NH1 . ARG A 1 54  ? 12.275  16.352  5.616   1.00 37.05  ? 1163 ARG A NH1 1 
ATOM   236  N NH2 . ARG A 1 54  ? 11.594  17.725  7.325   1.00 39.57  ? 1163 ARG A NH2 1 
ATOM   237  N N   . LEU A 1 55  ? 6.880   13.019  4.125   1.00 28.32  ? 1164 LEU A N   1 
ATOM   238  C CA  . LEU A 1 55  ? 6.566   12.079  5.202   1.00 28.70  ? 1164 LEU A CA  1 
ATOM   239  C C   . LEU A 1 55  ? 7.464   10.845  5.132   1.00 26.98  ? 1164 LEU A C   1 
ATOM   240  O O   . LEU A 1 55  ? 7.967   10.386  6.156   1.00 25.61  ? 1164 LEU A O   1 
ATOM   241  C CB  . LEU A 1 55  ? 5.094   11.658  5.152   1.00 27.15  ? 1164 LEU A CB  1 
ATOM   242  C CG  . LEU A 1 55  ? 4.077   12.428  5.990   1.00 28.20  ? 1164 LEU A CG  1 
ATOM   243  C CD1 . LEU A 1 55  ? 2.709   11.774  5.900   1.00 23.46  ? 1164 LEU A CD1 1 
ATOM   244  C CD2 . LEU A 1 55  ? 4.539   12.462  7.422   1.00 24.60  ? 1164 LEU A CD2 1 
ATOM   245  N N   . SER A 1 56  ? 7.649   10.316  3.924   1.00 23.46  ? 1165 SER A N   1 
ATOM   246  C CA  . SER A 1 56  ? 8.489   9.136   3.709   1.00 31.30  ? 1165 SER A CA  1 
ATOM   247  C C   . SER A 1 56  ? 9.919   9.376   4.162   1.00 30.29  ? 1165 SER A C   1 
ATOM   248  O O   . SER A 1 56  ? 10.525  8.515   4.794   1.00 28.78  ? 1165 SER A O   1 
ATOM   249  C CB  . SER A 1 56  ? 8.500   8.724   2.234   1.00 27.47  ? 1165 SER A CB  1 
ATOM   250  O OG  . SER A 1 56  ? 7.206   8.371   1.790   1.00 31.31  ? 1165 SER A OG  1 
ATOM   251  N N   . THR A 1 57  ? 10.455  10.547  3.826   1.00 28.25  ? 1166 THR A N   1 
ATOM   252  C CA  . THR A 1 57  ? 11.827  10.880  4.192   1.00 31.08  ? 1166 THR A CA  1 
ATOM   253  C C   . THR A 1 57  ? 11.963  10.969  5.700   1.00 27.43  ? 1166 THR A C   1 
ATOM   254  O O   . THR A 1 57  ? 12.955  10.527  6.273   1.00 26.21  ? 1166 THR A O   1 
ATOM   255  C CB  . THR A 1 57  ? 12.288  12.212  3.571   1.00 31.00  ? 1166 THR A CB  1 
ATOM   256  O OG1 . THR A 1 57  ? 11.487  13.284  4.085   1.00 35.80  ? 1166 THR A OG1 1 
ATOM   257  C CG2 . THR A 1 57  ? 12.169  12.169  2.065   1.00 25.91  ? 1166 THR A CG2 1 
ATOM   258  N N   . ILE A 1 58  ? 10.960  11.551  6.343   1.00 28.60  ? 1167 ILE A N   1 
ATOM   259  C CA  . ILE A 1 58  ? 11.005  11.723  7.783   1.00 26.91  ? 1167 ILE A CA  1 
ATOM   260  C C   . ILE A 1 58  ? 10.963  10.373  8.511   1.00 28.76  ? 1167 ILE A C   1 
ATOM   261  O O   . ILE A 1 58  ? 11.745  10.130  9.434   1.00 26.49  ? 1167 ILE A O   1 
ATOM   262  C CB  . ILE A 1 58  ? 9.851   12.592  8.285   1.00 30.97  ? 1167 ILE A CB  1 
ATOM   263  C CG1 . ILE A 1 58  ? 9.983   14.031  7.790   1.00 28.50  ? 1167 ILE A CG1 1 
ATOM   264  C CG2 . ILE A 1 58  ? 9.851   12.603  9.769   1.00 36.50  ? 1167 ILE A CG2 1 
ATOM   265  C CD1 . ILE A 1 58  ? 8.762   14.883  8.127   1.00 36.15  ? 1167 ILE A CD1 1 
ATOM   266  N N   . LEU A 1 59  ? 10.044  9.504   8.095   1.00 24.93  ? 1168 LEU A N   1 
ATOM   267  C CA  . LEU A 1 59  ? 9.903   8.184   8.707   1.00 29.31  ? 1168 LEU A CA  1 
ATOM   268  C C   . LEU A 1 59  ? 11.188  7.376   8.529   1.00 28.83  ? 1168 LEU A C   1 
ATOM   269  O O   . LEU A 1 59  ? 11.662  6.732   9.463   1.00 29.58  ? 1168 LEU A O   1 
ATOM   270  C CB  . LEU A 1 59  ? 8.717   7.432   8.099   1.00 29.21  ? 1168 LEU A CB  1 
ATOM   271  C CG  . LEU A 1 59  ? 7.312   7.793   8.612   1.00 28.33  ? 1168 LEU A CG  1 
ATOM   272  C CD1 . LEU A 1 59  ? 6.353   6.618   8.456   1.00 26.98  ? 1168 LEU A CD1 1 
ATOM   273  C CD2 . LEU A 1 59  ? 7.316   8.313   10.046  1.00 28.16  ? 1168 LEU A CD2 1 
ATOM   274  N N   . THR A 1 60  ? 11.751  7.423   7.322   1.00 26.27  ? 1169 THR A N   1 
ATOM   275  C CA  . THR A 1 60  ? 13.003  6.726   7.021   1.00 30.62  ? 1169 THR A CA  1 
ATOM   276  C C   . THR A 1 60  ? 14.146  7.312   7.849   1.00 29.29  ? 1169 THR A C   1 
ATOM   277  O O   . THR A 1 60  ? 15.003  6.579   8.341   1.00 32.24  ? 1169 THR A O   1 
ATOM   278  C CB  . THR A 1 60  ? 13.349  6.788   5.509   1.00 31.97  ? 1169 THR A CB  1 
ATOM   279  O OG1 . THR A 1 60  ? 12.325  6.123   4.757   1.00 28.00  ? 1169 THR A OG1 1 
ATOM   280  C CG2 . THR A 1 60  ? 14.681  6.094   5.226   1.00 30.13  ? 1169 THR A CG2 1 
ATOM   281  N N   . ALA A 1 61  ? 14.136  8.632   8.018   1.00 31.51  ? 1170 ALA A N   1 
ATOM   282  C CA  . ALA A 1 61  ? 15.145  9.318   8.823   1.00 31.91  ? 1170 ALA A CA  1 
ATOM   283  C C   . ALA A 1 61  ? 15.129  8.851   10.271  1.00 32.60  ? 1170 ALA A C   1 
ATOM   284  O O   . ALA A 1 61  ? 16.170  8.836   10.931  1.00 36.67  ? 1170 ALA A O   1 
ATOM   285  C CB  . ALA A 1 61  ? 14.934  10.828  8.770   1.00 27.98  ? 1170 ALA A CB  1 
ATOM   286  N N   . ASN A 1 62  ? 13.953  8.486   10.774  1.00 33.07  ? 1171 ASN A N   1 
ATOM   287  C CA  . ASN A 1 62  ? 13.854  8.025   12.156  1.00 30.97  ? 1171 ASN A CA  1 
ATOM   288  C C   . ASN A 1 62  ? 13.944  6.505   12.232  1.00 32.25  ? 1171 ASN A C   1 
ATOM   289  O O   . ASN A 1 62  ? 13.669  5.898   13.271  1.00 30.00  ? 1171 ASN A O   1 
ATOM   290  C CB  . ASN A 1 62  ? 12.562  8.499   12.818  1.00 35.76  ? 1171 ASN A CB  1 
ATOM   291  C CG  . ASN A 1 62  ? 12.537  10.001  13.062  1.00 38.96  ? 1171 ASN A CG  1 
ATOM   292  O OD1 . ASN A 1 62  ? 11.558  10.532  13.573  1.00 45.41  ? 1171 ASN A OD1 1 
ATOM   293  N ND2 . ASN A 1 62  ? 13.594  10.693  12.661  1.00 45.30  ? 1171 ASN A ND2 1 
ATOM   294  N N   . ARG A 1 63  ? 14.358  5.903   11.121  1.00 29.79  ? 1172 ARG A N   1 
ATOM   295  C CA  . ARG A 1 63  ? 14.513  4.459   11.033  1.00 32.18  ? 1172 ARG A CA  1 
ATOM   296  C C   . ARG A 1 63  ? 13.209  3.756   11.374  1.00 29.31  ? 1172 ARG A C   1 
ATOM   297  O O   . ARG A 1 63  ? 13.202  2.750   12.082  1.00 28.78  ? 1172 ARG A O   1 
ATOM   298  C CB  . ARG A 1 63  ? 15.627  3.980   11.965  1.00 32.58  ? 1172 ARG A CB  1 
ATOM   299  C CG  . ARG A 1 63  ? 16.924  4.761   11.833  1.00 32.88  ? 1172 ARG A CG  1 
ATOM   300  C CD  . ARG A 1 63  ? 18.128  3.832   11.813  1.00 39.35  ? 1172 ARG A CD  1 
ATOM   301  N NE  . ARG A 1 63  ? 18.908  3.976   10.587  1.00 43.12  ? 1172 ARG A NE  1 
ATOM   302  C CZ  . ARG A 1 63  ? 20.236  4.048   10.551  1.00 48.68  ? 1172 ARG A CZ  1 
ATOM   303  N NH1 . ARG A 1 63  ? 20.937  3.992   11.675  1.00 42.55  ? 1172 ARG A NH1 1 
ATOM   304  N NH2 . ARG A 1 63  ? 20.863  4.178   9.389   1.00 52.60  ? 1172 ARG A NH2 1 
ATOM   305  N N   . ILE A 1 64  ? 12.104  4.293   10.867  1.00 31.26  ? 1173 ILE A N   1 
ATOM   306  C CA  . ILE A 1 64  ? 10.802  3.704   11.132  1.00 28.44  ? 1173 ILE A CA  1 
ATOM   307  C C   . ILE A 1 64  ? 10.246  3.037   9.876   1.00 29.88  ? 1173 ILE A C   1 
ATOM   308  O O   . ILE A 1 64  ? 9.952   3.710   8.884   1.00 29.16  ? 1173 ILE A O   1 
ATOM   309  C CB  . ILE A 1 64  ? 9.825   4.766   11.659  1.00 29.79  ? 1173 ILE A CB  1 
ATOM   310  C CG1 . ILE A 1 64  ? 10.329  5.294   13.004  1.00 31.05  ? 1173 ILE A CG1 1 
ATOM   311  C CG2 . ILE A 1 64  ? 8.427   4.189   11.789  1.00 30.64  ? 1173 ILE A CG2 1 
ATOM   312  C CD1 . ILE A 1 64  ? 9.596   6.512   13.510  1.00 34.87  ? 1173 ILE A CD1 1 
ATOM   313  N N   . PRO A 1 65  ? 10.097  1.703   9.916   1.00 29.24  ? 1174 PRO A N   1 
ATOM   314  C CA  . PRO A 1 65  ? 9.560   0.984   8.758   1.00 26.69  ? 1174 PRO A CA  1 
ATOM   315  C C   . PRO A 1 65  ? 8.079   1.279   8.562   1.00 24.99  ? 1174 PRO A C   1 
ATOM   316  O O   . PRO A 1 65  ? 7.344   1.397   9.538   1.00 23.43  ? 1174 PRO A O   1 
ATOM   317  C CB  . PRO A 1 65  ? 9.781   -0.488  9.124   1.00 26.33  ? 1174 PRO A CB  1 
ATOM   318  C CG  . PRO A 1 65  ? 9.752   -0.509  10.619  1.00 32.33  ? 1174 PRO A CG  1 
ATOM   319  C CD  . PRO A 1 65  ? 10.287  0.826   11.087  1.00 27.94  ? 1174 PRO A CD  1 
ATOM   320  N N   . PHE A 1 66  ? 7.645   1.397   7.314   1.00 24.19  ? 1175 PHE A N   1 
ATOM   321  C CA  . PHE A 1 66  ? 6.249   1.699   7.042   1.00 23.50  ? 1175 PHE A CA  1 
ATOM   322  C C   . PHE A 1 66  ? 5.791   1.099   5.722   1.00 22.25  ? 1175 PHE A C   1 
ATOM   323  O O   . PHE A 1 66  ? 6.607   0.714   4.888   1.00 18.93  ? 1175 PHE A O   1 
ATOM   324  C CB  . PHE A 1 66  ? 6.029   3.218   7.020   1.00 23.26  ? 1175 PHE A CB  1 
ATOM   325  C CG  . PHE A 1 66  ? 6.740   3.914   5.887   1.00 27.03  ? 1175 PHE A CG  1 
ATOM   326  C CD1 . PHE A 1 66  ? 8.054   4.340   6.027   1.00 27.03  ? 1175 PHE A CD1 1 
ATOM   327  C CD2 . PHE A 1 66  ? 6.097   4.129   4.679   1.00 22.69  ? 1175 PHE A CD2 1 
ATOM   328  C CE1 . PHE A 1 66  ? 8.709   4.973   4.989   1.00 26.92  ? 1175 PHE A CE1 1 
ATOM   329  C CE2 . PHE A 1 66  ? 6.747   4.762   3.636   1.00 27.16  ? 1175 PHE A CE2 1 
ATOM   330  C CZ  . PHE A 1 66  ? 8.056   5.185   3.790   1.00 25.17  ? 1175 PHE A CZ  1 
ATOM   331  N N   . THR A 1 67  ? 4.477   1.038   5.540   1.00 20.04  ? 1176 THR A N   1 
ATOM   332  C CA  . THR A 1 67  ? 3.902   0.802   4.225   1.00 23.63  ? 1176 THR A CA  1 
ATOM   333  C C   . THR A 1 67  ? 2.862   1.880   3.917   1.00 23.40  ? 1176 THR A C   1 
ATOM   334  O O   . THR A 1 67  ? 2.321   2.515   4.824   1.00 20.58  ? 1176 THR A O   1 
ATOM   335  C CB  . THR A 1 67  ? 3.232   -0.573  4.122   1.00 22.91  ? 1176 THR A CB  1 
ATOM   336  O OG1 . THR A 1 67  ? 2.249   -0.693  5.156   1.00 22.73  ? 1176 THR A OG1 1 
ATOM   337  C CG2 . THR A 1 67  ? 4.263   -1.694  4.249   1.00 24.08  ? 1176 THR A CG2 1 
ATOM   338  N N   . TYR A 1 68  ? 2.589   2.074   2.634   1.00 21.86  ? 1177 TYR A N   1 
ATOM   339  C CA  . TYR A 1 68  ? 1.588   3.034   2.182   1.00 24.36  ? 1177 TYR A CA  1 
ATOM   340  C C   . TYR A 1 68  ? 0.191   2.424   2.227   1.00 24.59  ? 1177 TYR A C   1 
ATOM   341  O O   . TYR A 1 68  ? 0.013   1.209   2.042   1.00 23.11  ? 1177 TYR A O   1 
ATOM   342  C CB  . TYR A 1 68  ? 1.893   3.505   0.750   1.00 22.55  ? 1177 TYR A CB  1 
ATOM   343  C CG  . TYR A 1 68  ? 3.193   4.270   0.585   1.00 25.00  ? 1177 TYR A CG  1 
ATOM   344  C CD1 . TYR A 1 68  ? 3.332   5.566   1.079   1.00 25.15  ? 1177 TYR A CD1 1 
ATOM   345  C CD2 . TYR A 1 68  ? 4.278   3.700   -0.072  1.00 26.11  ? 1177 TYR A CD2 1 
ATOM   346  C CE1 . TYR A 1 68  ? 4.517   6.267   0.924   1.00 25.18  ? 1177 TYR A CE1 1 
ATOM   347  C CE2 . TYR A 1 68  ? 5.466   4.391   -0.227  1.00 28.03  ? 1177 TYR A CE2 1 
ATOM   348  C CZ  . TYR A 1 68  ? 5.578   5.677   0.275   1.00 26.37  ? 1177 TYR A CZ  1 
ATOM   349  O OH  . TYR A 1 68  ? 6.757   6.370   0.125   1.00 28.55  ? 1177 TYR A OH  1 
ATOM   350  N N   . ARG A 1 69  ? -0.799  3.268   2.481   1.00 20.57  ? 1178 ARG A N   1 
ATOM   351  C CA  . ARG A 1 69  ? -2.192  2.887   2.321   1.00 20.01  ? 1178 ARG A CA  1 
ATOM   352  C C   . ARG A 1 69  ? -2.806  3.885   1.355   1.00 24.01  ? 1178 ARG A C   1 
ATOM   353  O O   . ARG A 1 69  ? -2.771  5.084   1.610   1.00 22.19  ? 1178 ARG A O   1 
ATOM   354  C CB  . ARG A 1 69  ? -2.931  2.890   3.665   1.00 23.67  ? 1178 ARG A CB  1 
ATOM   355  C CG  . ARG A 1 69  ? -2.276  2.015   4.727   1.00 24.43  ? 1178 ARG A CG  1 
ATOM   356  C CD  . ARG A 1 69  ? -2.474  0.527   4.451   1.00 25.99  ? 1178 ARG A CD  1 
ATOM   357  N NE  . ARG A 1 69  ? -3.870  0.110   4.561   1.00 26.94  ? 1178 ARG A NE  1 
ATOM   358  C CZ  . ARG A 1 69  ? -4.506  -0.072  5.715   1.00 27.66  ? 1178 ARG A CZ  1 
ATOM   359  N NH1 . ARG A 1 69  ? -3.870  0.135   6.861   1.00 24.01  ? 1178 ARG A NH1 1 
ATOM   360  N NH2 . ARG A 1 69  ? -5.776  -0.454  5.725   1.00 29.26  ? 1178 ARG A NH2 1 
ATOM   361  N N   . ASP A 1 70  ? -3.337  3.393   0.238   1.00 24.80  ? 1179 ASP A N   1 
ATOM   362  C CA  . ASP A 1 70  ? -3.899  4.259   -0.795  1.00 25.93  ? 1179 ASP A CA  1 
ATOM   363  C C   . ASP A 1 70  ? -5.410  4.370   -0.640  1.00 24.95  ? 1179 ASP A C   1 
ATOM   364  O O   . ASP A 1 70  ? -6.139  3.426   -0.942  1.00 23.34  ? 1179 ASP A O   1 
ATOM   365  C CB  . ASP A 1 70  ? -3.556  3.732   -2.192  1.00 25.73  ? 1179 ASP A CB  1 
ATOM   366  C CG  . ASP A 1 70  ? -4.362  4.414   -3.281  1.00 28.40  ? 1179 ASP A CG  1 
ATOM   367  O OD1 . ASP A 1 70  ? -4.533  5.652   -3.208  1.00 25.63  ? 1179 ASP A OD1 1 
ATOM   368  O OD2 . ASP A 1 70  ? -4.830  3.710   -4.208  1.00 27.95  ? 1179 ASP A OD2 1 
ATOM   369  N N   . LEU A 1 71  ? -5.881  5.541   -0.224  1.00 25.22  ? 1180 LEU A N   1 
ATOM   370  C CA  . LEU A 1 71  ? -7.288  5.699   0.128   1.00 24.62  ? 1180 LEU A CA  1 
ATOM   371  C C   . LEU A 1 71  ? -8.202  5.586   -1.089  1.00 24.17  ? 1180 LEU A C   1 
ATOM   372  O O   . LEU A 1 71  ? -9.395  5.341   -0.950  1.00 26.09  ? 1180 LEU A O   1 
ATOM   373  C CB  . LEU A 1 71  ? -7.508  7.041   0.843   1.00 24.40  ? 1180 LEU A CB  1 
ATOM   374  C CG  . LEU A 1 71  ? -7.270  7.028   2.362   1.00 25.70  ? 1180 LEU A CG  1 
ATOM   375  C CD1 . LEU A 1 71  ? -5.816  6.736   2.714   1.00 25.34  ? 1180 LEU A CD1 1 
ATOM   376  C CD2 . LEU A 1 71  ? -7.712  8.321   3.022   1.00 26.24  ? 1180 LEU A CD2 1 
ATOM   377  N N   . GLY A 1 72  ? -7.630  5.739   -2.277  1.00 26.85  ? 1181 GLY A N   1 
ATOM   378  C CA  . GLY A 1 72  ? -8.352  5.544   -3.524  1.00 30.28  ? 1181 GLY A CA  1 
ATOM   379  C C   . GLY A 1 72  ? -8.844  4.124   -3.759  1.00 27.45  ? 1181 GLY A C   1 
ATOM   380  O O   . GLY A 1 72  ? -9.805  3.905   -4.496  1.00 28.00  ? 1181 GLY A O   1 
ATOM   381  N N   . THR A 1 73  ? -8.174  3.155   -3.144  1.00 27.90  ? 1182 THR A N   1 
ATOM   382  C CA  . THR A 1 73  ? -8.474  1.744   -3.382  1.00 29.71  ? 1182 THR A CA  1 
ATOM   383  C C   . THR A 1 73  ? -8.639  0.966   -2.076  1.00 30.23  ? 1182 THR A C   1 
ATOM   384  O O   . THR A 1 73  ? -9.051  -0.195  -2.082  1.00 33.01  ? 1182 THR A O   1 
ATOM   385  C CB  . THR A 1 73  ? -7.371  1.079   -4.224  1.00 31.17  ? 1182 THR A CB  1 
ATOM   386  O OG1 . THR A 1 73  ? -6.098  1.295   -3.599  1.00 29.74  ? 1182 THR A OG1 1 
ATOM   387  C CG2 . THR A 1 73  ? -7.352  1.661   -5.640  1.00 25.20  ? 1182 THR A CG2 1 
ATOM   388  N N   . ASP A 1 74  ? -8.295  1.609   -0.964  1.00 27.93  ? 1183 ASP A N   1 
ATOM   389  C CA  . ASP A 1 74  ? -8.285  0.958   0.343   1.00 28.20  ? 1183 ASP A CA  1 
ATOM   390  C C   . ASP A 1 74  ? -9.448  1.514   1.163   1.00 31.80  ? 1183 ASP A C   1 
ATOM   391  O O   . ASP A 1 74  ? -9.338  2.582   1.760   1.00 27.29  ? 1183 ASP A O   1 
ATOM   392  C CB  . ASP A 1 74  ? -6.936  1.199   1.035   1.00 26.17  ? 1183 ASP A CB  1 
ATOM   393  C CG  . ASP A 1 74  ? -6.682  0.267   2.206   1.00 29.46  ? 1183 ASP A CG  1 
ATOM   394  O OD1 . ASP A 1 74  ? -7.598  0.012   3.017   1.00 32.59  ? 1183 ASP A OD1 1 
ATOM   395  O OD2 . ASP A 1 74  ? -5.532  -0.202  2.317   1.00 26.02  ? 1183 ASP A OD2 1 
ATOM   396  N N   . ASP A 1 75  ? -10.554 0.780   1.201   1.00 31.53  ? 1184 ASP A N   1 
ATOM   397  C CA  . ASP A 1 75  ? -11.772 1.276   1.832   1.00 33.32  ? 1184 ASP A CA  1 
ATOM   398  C C   . ASP A 1 75  ? -11.680 1.467   3.341   1.00 32.19  ? 1184 ASP A C   1 
ATOM   399  O O   . ASP A 1 75  ? -12.221 2.429   3.889   1.00 32.79  ? 1184 ASP A O   1 
ATOM   400  C CB  . ASP A 1 75  ? -12.933 0.323   1.544   1.00 35.26  ? 1184 ASP A CB  1 
ATOM   401  C CG  . ASP A 1 75  ? -13.449 0.442   0.130   1.00 35.55  ? 1184 ASP A CG  1 
ATOM   402  O OD1 . ASP A 1 75  ? -13.547 1.583   -0.372  1.00 35.26  ? 1184 ASP A OD1 1 
ATOM   403  O OD2 . ASP A 1 75  ? -13.774 -0.602  -0.472  1.00 36.51  ? 1184 ASP A OD2 1 
ATOM   404  N N   . GLU A 1 76  ? -11.013 0.545   4.021   1.00 29.52  ? 1185 GLU A N   1 
ATOM   405  C CA  . GLU A 1 76  ? -10.848 0.670   5.459   1.00 33.11  ? 1185 GLU A CA  1 
ATOM   406  C C   . GLU A 1 76  ? -9.988  1.889   5.804   1.00 32.37  ? 1185 GLU A C   1 
ATOM   407  O O   . GLU A 1 76  ? -10.302 2.630   6.737   1.00 30.11  ? 1185 GLU A O   1 
ATOM   408  C CB  . GLU A 1 76  ? -10.287 -0.630  6.036   1.00 39.36  ? 1185 GLU A CB  1 
ATOM   409  C CG  . GLU A 1 76  ? -9.536  -0.519  7.336   1.00 45.84  ? 1185 GLU A CG  1 
ATOM   410  C CD  . GLU A 1 76  ? -8.950  -1.855  7.767   1.00 61.69  ? 1185 GLU A CD  1 
ATOM   411  O OE1 . GLU A 1 76  ? -9.556  -2.899  7.434   1.00 67.28  ? 1185 GLU A OE1 1 
ATOM   412  O OE2 . GLU A 1 76  ? -7.876  -1.870  8.409   1.00 64.37  ? 1185 GLU A OE2 1 
ATOM   413  N N   . ALA A 1 77  ? -8.912  2.104   5.053   1.00 28.99  ? 1186 ALA A N   1 
ATOM   414  C CA  . ALA A 1 77  ? -8.060  3.270   5.273   1.00 28.31  ? 1186 ALA A CA  1 
ATOM   415  C C   . ALA A 1 77  ? -8.853  4.556   5.034   1.00 27.92  ? 1186 ALA A C   1 
ATOM   416  O O   . ALA A 1 77  ? -8.687  5.546   5.752   1.00 25.17  ? 1186 ALA A O   1 
ATOM   417  C CB  . ALA A 1 77  ? -6.845  3.218   4.362   1.00 29.84  ? 1186 ALA A CB  1 
ATOM   418  N N   . ARG A 1 78  ? -9.710  4.536   4.017   1.00 26.50  ? 1187 ARG A N   1 
ATOM   419  C CA  . ARG A 1 78  ? -10.572 5.672   3.711   1.00 28.98  ? 1187 ARG A CA  1 
ATOM   420  C C   . ARG A 1 78  ? -11.543 5.951   4.862   1.00 26.30  ? 1187 ARG A C   1 
ATOM   421  O O   . ARG A 1 78  ? -11.734 7.098   5.258   1.00 25.95  ? 1187 ARG A O   1 
ATOM   422  C CB  . ARG A 1 78  ? -11.342 5.419   2.422   1.00 29.02  ? 1187 ARG A CB  1 
ATOM   423  C CG  . ARG A 1 78  ? -12.268 6.551   2.017   1.00 26.52  ? 1187 ARG A CG  1 
ATOM   424  C CD  . ARG A 1 78  ? -12.888 6.251   0.661   1.00 33.59  ? 1187 ARG A CD  1 
ATOM   425  N NE  . ARG A 1 78  ? -13.484 4.919   0.637   1.00 32.86  ? 1187 ARG A NE  1 
ATOM   426  C CZ  . ARG A 1 78  ? -14.722 4.667   1.045   1.00 37.89  ? 1187 ARG A CZ  1 
ATOM   427  N NH1 . ARG A 1 78  ? -15.480 5.661   1.487   1.00 42.73  ? 1187 ARG A NH1 1 
ATOM   428  N NH2 . ARG A 1 78  ? -15.208 3.434   1.001   1.00 38.47  ? 1187 ARG A NH2 1 
ATOM   429  N N   . LYS A 1 79  ? -12.157 4.891   5.376   1.00 26.23  ? 1188 LYS A N   1 
ATOM   430  C CA  . LYS A 1 79  ? -13.092 4.990   6.494   1.00 25.59  ? 1188 LYS A CA  1 
ATOM   431  C C   . LYS A 1 79  ? -12.389 5.496   7.745   1.00 27.76  ? 1188 LYS A C   1 
ATOM   432  O O   . LYS A 1 79  ? -12.921 6.349   8.461   1.00 27.11  ? 1188 LYS A O   1 
ATOM   433  C CB  . LYS A 1 79  ? -13.767 3.642   6.757   1.00 25.56  ? 1188 LYS A CB  1 
ATOM   434  C CG  . LYS A 1 79  ? -14.813 3.285   5.705   1.00 33.24  ? 1188 LYS A CG  1 
ATOM   435  C CD  . LYS A 1 79  ? -15.175 1.805   5.719   1.00 32.87  ? 1188 LYS A CD  1 
ATOM   436  C CE  . LYS A 1 79  ? -16.619 1.604   6.144   1.00 38.34  ? 1188 LYS A CE  1 
ATOM   437  N NZ  . LYS A 1 79  ? -17.280 0.479   5.422   1.00 38.80  ? 1188 LYS A NZ  1 
ATOM   438  N N   . VAL A 1 80  ? -11.200 4.962   8.015   1.00 25.93  ? 1189 VAL A N   1 
ATOM   439  C CA  . VAL A 1 80  ? -10.416 5.383   9.172   1.00 25.52  ? 1189 VAL A CA  1 
ATOM   440  C C   . VAL A 1 80  ? -10.141 6.889   9.130   1.00 26.11  ? 1189 VAL A C   1 
ATOM   441  O O   . VAL A 1 80  ? -10.358 7.593   10.112  1.00 26.66  ? 1189 VAL A O   1 
ATOM   442  C CB  . VAL A 1 80  ? -9.072  4.624   9.256   1.00 24.61  ? 1189 VAL A CB  1 
ATOM   443  C CG1 . VAL A 1 80  ? -8.118  5.308   10.224  1.00 25.21  ? 1189 VAL A CG1 1 
ATOM   444  C CG2 . VAL A 1 80  ? -9.296  3.166   9.648   1.00 27.43  ? 1189 VAL A CG2 1 
ATOM   445  N N   . TRP A 1 81  ? -9.698  7.386   7.982   1.00 25.82  ? 1190 TRP A N   1 
ATOM   446  C CA  . TRP A 1 81  ? -9.358  8.797   7.869   1.00 25.14  ? 1190 TRP A CA  1 
ATOM   447  C C   . TRP A 1 81  ? -10.592 9.677   7.991   1.00 26.51  ? 1190 TRP A C   1 
ATOM   448  O O   . TRP A 1 81  ? -10.534 10.739  8.596   1.00 25.14  ? 1190 TRP A O   1 
ATOM   449  C CB  . TRP A 1 81  ? -8.650  9.101   6.547   1.00 23.45  ? 1190 TRP A CB  1 
ATOM   450  C CG  . TRP A 1 81  ? -7.983  10.444  6.556   1.00 23.22  ? 1190 TRP A CG  1 
ATOM   451  C CD1 . TRP A 1 81  ? -8.475  11.609  6.043   1.00 22.46  ? 1190 TRP A CD1 1 
ATOM   452  C CD2 . TRP A 1 81  ? -6.698  10.761  7.110   1.00 21.33  ? 1190 TRP A CD2 1 
ATOM   453  N NE1 . TRP A 1 81  ? -7.580  12.633  6.253   1.00 22.28  ? 1190 TRP A NE1 1 
ATOM   454  C CE2 . TRP A 1 81  ? -6.482  12.136  6.902   1.00 23.22  ? 1190 TRP A CE2 1 
ATOM   455  C CE3 . TRP A 1 81  ? -5.716  10.013  7.766   1.00 22.33  ? 1190 TRP A CE3 1 
ATOM   456  C CZ2 . TRP A 1 81  ? -5.320  12.779  7.323   1.00 21.54  ? 1190 TRP A CZ2 1 
ATOM   457  C CZ3 . TRP A 1 81  ? -4.563  10.649  8.177   1.00 21.53  ? 1190 TRP A CZ3 1 
ATOM   458  C CH2 . TRP A 1 81  ? -4.376  12.019  7.960   1.00 25.61  ? 1190 TRP A CH2 1 
ATOM   459  N N   . LYS A 1 82  ? -11.714 9.224   7.444   1.00 24.79  ? 1191 LYS A N   1 
ATOM   460  C CA  . LYS A 1 82  ? -12.921 10.038  7.481   1.00 29.98  ? 1191 LYS A CA  1 
ATOM   461  C C   . LYS A 1 82  ? -13.419 10.161  8.921   1.00 30.34  ? 1191 LYS A C   1 
ATOM   462  O O   . LYS A 1 82  ? -13.875 11.222  9.331   1.00 29.47  ? 1191 LYS A O   1 
ATOM   463  C CB  . LYS A 1 82  ? -14.006 9.444   6.574   1.00 31.72  ? 1191 LYS A CB  1 
ATOM   464  C CG  . LYS A 1 82  ? -15.398 10.039  6.800   1.00 37.91  ? 1191 LYS A CG  1 
ATOM   465  C CD  . LYS A 1 82  ? -15.489 11.402  6.118   1.00 53.79  ? 1191 LYS A CD  1 
ATOM   466  C CE  . LYS A 1 82  ? -16.487 12.328  6.812   1.00 47.30  ? 1191 LYS A CE  1 
ATOM   467  N NZ  . LYS A 1 82  ? -16.688 13.583  6.029   1.00 50.88  ? 1191 LYS A NZ  1 
ATOM   468  N N   . THR A 1 83  ? -13.271 9.090   9.697   1.00 27.42  ? 1192 THR A N   1 
ATOM   469  C CA  . THR A 1 83  ? -13.704 9.070   11.095  1.00 27.75  ? 1192 THR A CA  1 
ATOM   470  C C   . THR A 1 83  ? -12.819 9.905   12.024  1.00 26.69  ? 1192 THR A C   1 
ATOM   471  O O   . THR A 1 83  ? -13.322 10.612  12.896  1.00 27.17  ? 1192 THR A O   1 
ATOM   472  C CB  . THR A 1 83  ? -13.749 7.618   11.644  1.00 28.80  ? 1192 THR A CB  1 
ATOM   473  O OG1 . THR A 1 83  ? -14.590 6.814   10.810  1.00 31.23  ? 1192 THR A OG1 1 
ATOM   474  C CG2 . THR A 1 83  ? -14.284 7.583   13.074  1.00 28.53  ? 1192 THR A CG2 1 
ATOM   475  N N   . PHE A 1 84  ? -11.503 9.819   11.839  1.00 25.15  ? 1193 PHE A N   1 
ATOM   476  C CA  . PHE A 1 84  ? -10.560 10.318  12.841  1.00 24.85  ? 1193 PHE A CA  1 
ATOM   477  C C   . PHE A 1 84  ? -9.727  11.542  12.451  1.00 25.53  ? 1193 PHE A C   1 
ATOM   478  O O   . PHE A 1 84  ? -9.046  12.114  13.300  1.00 24.14  ? 1193 PHE A O   1 
ATOM   479  C CB  . PHE A 1 84  ? -9.601  9.191   13.242  1.00 22.48  ? 1193 PHE A CB  1 
ATOM   480  C CG  . PHE A 1 84  ? -10.283 8.015   13.885  1.00 25.09  ? 1193 PHE A CG  1 
ATOM   481  C CD1 . PHE A 1 84  ? -10.773 8.107   15.178  1.00 27.84  ? 1193 PHE A CD1 1 
ATOM   482  C CD2 . PHE A 1 84  ? -10.420 6.820   13.208  1.00 24.24  ? 1193 PHE A CD2 1 
ATOM   483  C CE1 . PHE A 1 84  ? -11.403 7.028   15.776  1.00 27.52  ? 1193 PHE A CE1 1 
ATOM   484  C CE2 . PHE A 1 84  ? -11.044 5.738   13.800  1.00 26.00  ? 1193 PHE A CE2 1 
ATOM   485  C CZ  . PHE A 1 84  ? -11.535 5.840   15.085  1.00 28.23  ? 1193 PHE A CZ  1 
ATOM   486  N N   . SER A 1 85  ? -9.773  11.950  11.188  1.00 24.26  ? 1194 SER A N   1 
ATOM   487  C CA  . SER A 1 85  ? -8.882  13.015  10.726  1.00 24.92  ? 1194 SER A CA  1 
ATOM   488  C C   . SER A 1 85  ? -9.177  14.382  11.330  1.00 23.06  ? 1194 SER A C   1 
ATOM   489  O O   . SER A 1 85  ? -8.284  15.219  11.412  1.00 21.97  ? 1194 SER A O   1 
ATOM   490  C CB  . SER A 1 85  ? -8.938  13.141  9.208   1.00 25.59  ? 1194 SER A CB  1 
ATOM   491  O OG  . SER A 1 85  ? -10.194 13.660  8.809   1.00 29.57  ? 1194 SER A OG  1 
ATOM   492  N N   . LYS A 1 86  ? -10.422 14.595  11.745  1.00 27.29  ? 1195 LYS A N   1 
ATOM   493  C CA  . LYS A 1 86  ? -10.881 15.875  12.288  1.00 27.40  ? 1195 LYS A CA  1 
ATOM   494  C C   . LYS A 1 86  ? -10.696 16.986  11.267  1.00 27.07  ? 1195 LYS A C   1 
ATOM   495  O O   . LYS A 1 86  ? -10.424 18.126  11.626  1.00 28.76  ? 1195 LYS A O   1 
ATOM   496  C CB  . LYS A 1 86  ? -10.121 16.244  13.567  1.00 25.87  ? 1195 LYS A CB  1 
ATOM   497  C CG  . LYS A 1 86  ? -10.203 15.243  14.702  1.00 29.09  ? 1195 LYS A CG  1 
ATOM   498  C CD  . LYS A 1 86  ? -9.209  15.628  15.794  1.00 29.95  ? 1195 LYS A CD  1 
ATOM   499  C CE  . LYS A 1 86  ? -9.195  14.631  16.939  1.00 33.21  ? 1195 LYS A CE  1 
ATOM   500  N NZ  . LYS A 1 86  ? -8.131  14.949  17.934  1.00 33.54  ? 1195 LYS A NZ  1 
ATOM   501  N N   . GLY A 1 87  ? -10.838 16.650  9.992   1.00 28.04  ? 1196 GLY A N   1 
ATOM   502  C CA  . GLY A 1 87  ? -10.691 17.634  8.937   1.00 31.26  ? 1196 GLY A CA  1 
ATOM   503  C C   . GLY A 1 87  ? -9.255  17.869  8.505   1.00 27.73  ? 1196 GLY A C   1 
ATOM   504  O O   . GLY A 1 87  ? -9.002  18.664  7.599   1.00 28.55  ? 1196 GLY A O   1 
ATOM   505  N N   . ARG A 1 88  ? -8.309  17.201  9.156   1.00 24.54  ? 1197 ARG A N   1 
ATOM   506  C CA  . ARG A 1 88  ? -6.904  17.316  8.776   1.00 24.39  ? 1197 ARG A CA  1 
ATOM   507  C C   . ARG A 1 88  ? -6.695  16.778  7.364   1.00 23.96  ? 1197 ARG A C   1 
ATOM   508  O O   . ARG A 1 88  ? -7.305  15.782  6.968   1.00 22.98  ? 1197 ARG A O   1 
ATOM   509  C CB  . ARG A 1 88  ? -6.006  16.564  9.765   1.00 25.86  ? 1197 ARG A CB  1 
ATOM   510  C CG  . ARG A 1 88  ? -5.860  17.248  11.116  1.00 28.44  ? 1197 ARG A CG  1 
ATOM   511  C CD  . ARG A 1 88  ? -5.163  16.331  12.110  1.00 27.60  ? 1197 ARG A CD  1 
ATOM   512  N NE  . ARG A 1 88  ? -6.043  15.259  12.560  1.00 24.57  ? 1197 ARG A NE  1 
ATOM   513  C CZ  . ARG A 1 88  ? -5.735  14.397  13.522  1.00 25.85  ? 1197 ARG A CZ  1 
ATOM   514  N NH1 . ARG A 1 88  ? -4.562  14.478  14.143  1.00 25.59  ? 1197 ARG A NH1 1 
ATOM   515  N NH2 . ARG A 1 88  ? -6.599  13.451  13.865  1.00 24.21  ? 1197 ARG A NH2 1 
ATOM   516  N N   . SER A 1 89  ? -5.834  17.436  6.602   1.00 23.80  ? 1198 SER A N   1 
ATOM   517  C CA  . SER A 1 89  ? -5.589  17.002  5.238   1.00 25.32  ? 1198 SER A CA  1 
ATOM   518  C C   . SER A 1 89  ? -4.613  15.829  5.198   1.00 21.98  ? 1198 SER A C   1 
ATOM   519  O O   . SER A 1 89  ? -3.710  15.720  6.023   1.00 19.61  ? 1198 SER A O   1 
ATOM   520  C CB  . SER A 1 89  ? -5.049  18.153  4.391   1.00 23.62  ? 1198 SER A CB  1 
ATOM   521  O OG  . SER A 1 89  ? -3.796  18.593  4.878   1.00 27.13  ? 1198 SER A OG  1 
ATOM   522  N N   . LEU A 1 90  ? -4.833  14.958  4.223   1.00 23.57  ? 1199 LEU A N   1 
ATOM   523  C CA  . LEU A 1 90  ? -3.902  13.914  3.827   1.00 22.71  ? 1199 LEU A CA  1 
ATOM   524  C C   . LEU A 1 90  ? -2.633  14.542  3.264   1.00 23.19  ? 1199 LEU A C   1 
ATOM   525  O O   . LEU A 1 90  ? -2.668  15.679  2.786   1.00 21.51  ? 1199 LEU A O   1 
ATOM   526  C CB  . LEU A 1 90  ? -4.547  13.020  2.769   1.00 21.81  ? 1199 LEU A CB  1 
ATOM   527  C CG  . LEU A 1 90  ? -5.609  12.026  3.213   1.00 23.22  ? 1199 LEU A CG  1 
ATOM   528  C CD1 . LEU A 1 90  ? -6.270  11.429  1.982   1.00 23.10  ? 1199 LEU A CD1 1 
ATOM   529  C CD2 . LEU A 1 90  ? -4.988  10.948  4.082   1.00 22.88  ? 1199 LEU A CD2 1 
ATOM   530  N N   . PRO A 1 91  ? -1.503  13.818  3.313   1.00 23.68  ? 1200 PRO A N   1 
ATOM   531  C CA  . PRO A 1 91  ? -1.243  12.484  3.866   1.00 22.79  ? 1200 PRO A CA  1 
ATOM   532  C C   . PRO A 1 91  ? -1.023  12.498  5.366   1.00 21.92  ? 1200 PRO A C   1 
ATOM   533  O O   . PRO A 1 91  ? -0.876  13.562  5.950   1.00 17.79  ? 1200 PRO A O   1 
ATOM   534  C CB  . PRO A 1 91  ? 0.038   12.050  3.148   1.00 21.26  ? 1200 PRO A CB  1 
ATOM   535  C CG  . PRO A 1 91  ? 0.739   13.321  2.862   1.00 22.59  ? 1200 PRO A CG  1 
ATOM   536  C CD  . PRO A 1 91  ? -0.333  14.333  2.583   1.00 22.31  ? 1200 PRO A CD  1 
ATOM   537  N N   . GLY A 1 92  ? -0.962  11.318  5.974   1.00 20.73  ? 1201 GLY A N   1 
ATOM   538  C CA  . GLY A 1 92  ? -0.712  11.225  7.396   1.00 21.58  ? 1201 GLY A CA  1 
ATOM   539  C C   . GLY A 1 92  ? -0.147  9.880   7.801   1.00 25.61  ? 1201 GLY A C   1 
ATOM   540  O O   . GLY A 1 92  ? 0.071   8.999   6.964   1.00 23.59  ? 1201 GLY A O   1 
ATOM   541  N N   . VAL A 1 93  ? 0.082   9.724   9.097   1.00 23.64  ? 1202 VAL A N   1 
ATOM   542  C CA  . VAL A 1 93  ? 0.697   8.524   9.637   1.00 21.31  ? 1202 VAL A CA  1 
ATOM   543  C C   . VAL A 1 93  ? -0.258  7.878   10.626  1.00 24.85  ? 1202 VAL A C   1 
ATOM   544  O O   . VAL A 1 93  ? -0.793  8.537   11.524  1.00 22.13  ? 1202 VAL A O   1 
ATOM   545  C CB  . VAL A 1 93  ? 2.035   8.831   10.346  1.00 23.16  ? 1202 VAL A CB  1 
ATOM   546  C CG1 . VAL A 1 93  ? 2.596   7.576   11.024  1.00 22.82  ? 1202 VAL A CG1 1 
ATOM   547  C CG2 . VAL A 1 93  ? 3.035   9.423   9.372   1.00 25.39  ? 1202 VAL A CG2 1 
ATOM   548  N N   . VAL A 1 94  ? -0.468  6.581   10.441  1.00 23.31  ? 1203 VAL A N   1 
ATOM   549  C CA  . VAL A 1 94  ? -1.404  5.816   11.237  1.00 21.05  ? 1203 VAL A CA  1 
ATOM   550  C C   . VAL A 1 94  ? -0.709  4.580   11.792  1.00 26.50  ? 1203 VAL A C   1 
ATOM   551  O O   . VAL A 1 94  ? 0.062   3.929   11.086  1.00 24.90  ? 1203 VAL A O   1 
ATOM   552  C CB  . VAL A 1 94  ? -2.631  5.403   10.398  1.00 21.94  ? 1203 VAL A CB  1 
ATOM   553  C CG1 . VAL A 1 94  ? -3.602  4.576   11.228  1.00 26.21  ? 1203 VAL A CG1 1 
ATOM   554  C CG2 . VAL A 1 94  ? -3.331  6.645   9.856   1.00 25.39  ? 1203 VAL A CG2 1 
ATOM   555  N N   . ARG A 1 95  ? -0.961  4.276   13.064  1.00 25.59  ? 1204 ARG A N   1 
ATOM   556  C CA  . ARG A 1 95  ? -0.416  3.075   13.687  1.00 30.29  ? 1204 ARG A CA  1 
ATOM   557  C C   . ARG A 1 95  ? -1.531  2.055   13.892  1.00 29.32  ? 1204 ARG A C   1 
ATOM   558  O O   . ARG A 1 95  ? -2.620  2.410   14.343  1.00 27.11  ? 1204 ARG A O   1 
ATOM   559  C CB  . ARG A 1 95  ? 0.217   3.385   15.043  1.00 30.23  ? 1204 ARG A CB  1 
ATOM   560  C CG  . ARG A 1 95  ? 0.712   2.122   15.752  1.00 31.75  ? 1204 ARG A CG  1 
ATOM   561  C CD  . ARG A 1 95  ? 0.637   2.230   17.272  1.00 32.36  ? 1204 ARG A CD  1 
ATOM   562  N NE  . ARG A 1 95  ? 1.402   3.315   17.865  1.00 32.69  ? 1204 ARG A NE  1 
ATOM   563  C CZ  . ARG A 1 95  ? 0.930   4.109   18.824  1.00 36.04  ? 1204 ARG A CZ  1 
ATOM   564  N NH1 . ARG A 1 95  ? -0.310  3.955   19.271  1.00 32.36  ? 1204 ARG A NH1 1 
ATOM   565  N NH2 . ARG A 1 95  ? 1.690   5.068   19.326  1.00 35.56  ? 1204 ARG A NH2 1 
ATOM   566  N N   . GLY A 1 96  ? -1.266  0.789   13.591  1.00 31.27  ? 1205 GLY A N   1 
ATOM   567  C CA  . GLY A 1 96  ? -2.291  -0.225  13.745  1.00 31.80  ? 1205 GLY A CA  1 
ATOM   568  C C   . GLY A 1 96  ? -3.504  0.046   12.875  1.00 28.34  ? 1205 GLY A C   1 
ATOM   569  O O   . GLY A 1 96  ? -3.401  0.674   11.820  1.00 26.56  ? 1205 GLY A O   1 
ATOM   570  N N   . HIS A 1 97  ? -4.657  -0.440  13.316  1.00 28.86  ? 1206 HIS A N   1 
ATOM   571  C CA  . HIS A 1 97  ? -5.881  -0.334  12.535  1.00 34.93  ? 1206 HIS A CA  1 
ATOM   572  C C   . HIS A 1 97  ? -6.408  1.094   12.406  1.00 33.47  ? 1206 HIS A C   1 
ATOM   573  O O   . HIS A 1 97  ? -6.905  1.467   11.346  1.00 33.89  ? 1206 HIS A O   1 
ATOM   574  C CB  . HIS A 1 97  ? -6.975  -1.212  13.146  1.00 38.68  ? 1206 HIS A CB  1 
ATOM   575  C CG  . HIS A 1 97  ? -8.292  -1.113  12.442  1.00 48.09  ? 1206 HIS A CG  1 
ATOM   576  N ND1 . HIS A 1 97  ? -8.502  -1.630  11.183  1.00 57.49  ? 1206 HIS A ND1 1 
ATOM   577  C CD2 . HIS A 1 97  ? -9.467  -0.552  12.820  1.00 54.04  ? 1206 HIS A CD2 1 
ATOM   578  C CE1 . HIS A 1 97  ? -9.750  -1.397  10.816  1.00 60.46  ? 1206 HIS A CE1 1 
ATOM   579  N NE2 . HIS A 1 97  ? -10.357 -0.743  11.790  1.00 52.83  ? 1206 HIS A NE2 1 
ATOM   580  N N   . ASN A 1 98  ? -6.299  1.891   13.468  1.00 30.45  ? 1207 ASN A N   1 
ATOM   581  C CA  . ASN A 1 98  ? -6.902  3.230   13.452  1.00 32.66  ? 1207 ASN A CA  1 
ATOM   582  C C   . ASN A 1 98  ? -6.305  4.306   14.372  1.00 30.74  ? 1207 ASN A C   1 
ATOM   583  O O   . ASN A 1 98  ? -6.939  5.337   14.617  1.00 33.79  ? 1207 ASN A O   1 
ATOM   584  C CB  . ASN A 1 98  ? -8.414  3.097   13.689  1.00 33.89  ? 1207 ASN A CB  1 
ATOM   585  C CG  . ASN A 1 98  ? -8.749  2.356   14.976  1.00 38.22  ? 1207 ASN A CG  1 
ATOM   586  O OD1 . ASN A 1 98  ? -7.907  2.199   15.859  1.00 33.72  ? 1207 ASN A OD1 1 
ATOM   587  N ND2 . ASN A 1 98  ? -9.989  1.888   15.081  1.00 38.09  ? 1207 ASN A ND2 1 
ATOM   588  N N   . ASP A 1 99  ? -5.085  4.085   14.854  1.00 32.77  ? 1208 ASP A N   1 
ATOM   589  C CA  . ASP A 1 99  ? -4.393  5.081   15.675  1.00 31.98  ? 1208 ASP A CA  1 
ATOM   590  C C   . ASP A 1 99  ? -3.721  6.155   14.838  1.00 29.55  ? 1208 ASP A C   1 
ATOM   591  O O   . ASP A 1 99  ? -2.548  6.045   14.477  1.00 27.87  ? 1208 ASP A O   1 
ATOM   592  C CB  . ASP A 1 99  ? -3.353  4.405   16.577  1.00 30.74  ? 1208 ASP A CB  1 
ATOM   593  C CG  . ASP A 1 99  ? -3.962  3.754   17.802  1.00 33.90  ? 1208 ASP A CG  1 
ATOM   594  O OD1 . ASP A 1 99  ? -5.195  3.738   17.938  1.00 35.13  ? 1208 ASP A OD1 1 
ATOM   595  O OD2 . ASP A 1 99  ? -3.198  3.234   18.637  1.00 37.93  ? 1208 ASP A OD2 1 
ATOM   596  N N   . LEU A 1 100 ? -4.484  7.196   14.533  1.00 30.07  ? 1209 LEU A N   1 
ATOM   597  C CA  . LEU A 1 100 ? -3.985  8.317   13.755  1.00 28.79  ? 1209 LEU A CA  1 
ATOM   598  C C   . LEU A 1 100 ? -2.986  9.098   14.606  1.00 30.45  ? 1209 LEU A C   1 
ATOM   599  O O   . LEU A 1 100 ? -3.364  9.750   15.576  1.00 32.38  ? 1209 LEU A O   1 
ATOM   600  C CB  . LEU A 1 100 ? -5.151  9.203   13.302  1.00 29.12  ? 1209 LEU A CB  1 
ATOM   601  C CG  . LEU A 1 100 ? -4.961  9.942   11.971  1.00 25.78  ? 1209 LEU A CG  1 
ATOM   602  C CD1 . LEU A 1 100 ? -6.313  10.322  11.374  1.00 20.57  ? 1209 LEU A CD1 1 
ATOM   603  C CD2 . LEU A 1 100 ? -4.072  11.165  12.128  1.00 27.88  ? 1209 LEU A CD2 1 
ATOM   604  N N   . ILE A 1 101 ? -1.717  9.060   14.215  1.00 25.00  ? 1210 ILE A N   1 
ATOM   605  C CA  . ILE A 1 101 ? -0.657  9.696   14.985  1.00 25.49  ? 1210 ILE A CA  1 
ATOM   606  C C   . ILE A 1 101 ? -0.658  11.194  14.720  1.00 29.03  ? 1210 ILE A C   1 
ATOM   607  O O   . ILE A 1 101 ? -0.619  12.005  15.651  1.00 27.97  ? 1210 ILE A O   1 
ATOM   608  C CB  . ILE A 1 101 ? 0.724   9.099   14.634  1.00 26.12  ? 1210 ILE A CB  1 
ATOM   609  C CG1 . ILE A 1 101 ? 0.736   7.592   14.900  1.00 24.54  ? 1210 ILE A CG1 1 
ATOM   610  C CG2 . ILE A 1 101 ? 1.838   9.812   15.388  1.00 24.18  ? 1210 ILE A CG2 1 
ATOM   611  C CD1 . ILE A 1 101 ? 0.240   7.208   16.279  1.00 25.39  ? 1210 ILE A CD1 1 
ATOM   612  N N   . GLY A 1 102 ? -0.715  11.555  13.442  1.00 27.08  ? 1211 GLY A N   1 
ATOM   613  C CA  . GLY A 1 102 ? -0.777  12.949  13.039  1.00 25.30  ? 1211 GLY A CA  1 
ATOM   614  C C   . GLY A 1 102 ? -0.740  13.039  11.530  1.00 28.98  ? 1211 GLY A C   1 
ATOM   615  O O   . GLY A 1 102 ? -0.281  12.106  10.866  1.00 23.64  ? 1211 GLY A O   1 
ATOM   616  N N   . ASN A 1 103 ? -1.190  14.158  10.973  1.00 23.55  ? 1212 ASN A N   1 
ATOM   617  C CA  . ASN A 1 103 ? -1.070  14.331  9.532   1.00 23.09  ? 1212 ASN A CA  1 
ATOM   618  C C   . ASN A 1 103 ? 0.302   14.915  9.215   1.00 22.92  ? 1212 ASN A C   1 
ATOM   619  O O   . ASN A 1 103 ? 1.118   15.089  10.119  1.00 20.65  ? 1212 ASN A O   1 
ATOM   620  C CB  . ASN A 1 103 ? -2.217  15.194  8.983   1.00 22.85  ? 1212 ASN A CB  1 
ATOM   621  C CG  . ASN A 1 103 ? -1.963  16.694  9.110   1.00 24.87  ? 1212 ASN A CG  1 
ATOM   622  O OD1 . ASN A 1 103 ? -1.285  17.157  10.029  1.00 23.12  ? 1212 ASN A OD1 1 
ATOM   623  N ND2 . ASN A 1 103 ? -2.535  17.460  8.185   1.00 24.53  ? 1212 ASN A ND2 1 
ATOM   624  N N   . TRP A 1 104 ? 0.565   15.198  7.942   1.00 23.71  ? 1213 TRP A N   1 
ATOM   625  C CA  . TRP A 1 104 ? 1.898   15.613  7.507   1.00 24.75  ? 1213 TRP A CA  1 
ATOM   626  C C   . TRP A 1 104 ? 2.452   16.791  8.319   1.00 24.91  ? 1213 TRP A C   1 
ATOM   627  O O   . TRP A 1 104 ? 3.625   16.804  8.692   1.00 25.10  ? 1213 TRP A O   1 
ATOM   628  C CB  . TRP A 1 104 ? 1.873   15.982  6.016   1.00 22.16  ? 1213 TRP A CB  1 
ATOM   629  C CG  . TRP A 1 104 ? 0.852   17.038  5.701   1.00 23.09  ? 1213 TRP A CG  1 
ATOM   630  C CD1 . TRP A 1 104 ? -0.468  16.846  5.432   1.00 24.54  ? 1213 TRP A CD1 1 
ATOM   631  C CD2 . TRP A 1 104 ? 1.064   18.456  5.677   1.00 23.05  ? 1213 TRP A CD2 1 
ATOM   632  N NE1 . TRP A 1 104 ? -1.092  18.057  5.219   1.00 23.35  ? 1213 TRP A NE1 1 
ATOM   633  C CE2 . TRP A 1 104 ? -0.170  19.059  5.367   1.00 23.74  ? 1213 TRP A CE2 1 
ATOM   634  C CE3 . TRP A 1 104 ? 2.181   19.271  5.881   1.00 24.76  ? 1213 TRP A CE3 1 
ATOM   635  C CZ2 . TRP A 1 104 ? -0.320  20.438  5.261   1.00 25.74  ? 1213 TRP A CZ2 1 
ATOM   636  C CZ3 . TRP A 1 104 ? 2.032   20.637  5.772   1.00 25.92  ? 1213 TRP A CZ3 1 
ATOM   637  C CH2 . TRP A 1 104 ? 0.792   21.208  5.462   1.00 26.03  ? 1213 TRP A CH2 1 
ATOM   638  N N   . GLU A 1 105 ? 1.601   17.771  8.600   1.00 22.88  ? 1214 GLU A N   1 
ATOM   639  C CA  . GLU A 1 105 ? 2.021   18.974  9.318   1.00 26.75  ? 1214 GLU A CA  1 
ATOM   640  C C   . GLU A 1 105 ? 2.355   18.677  10.773  1.00 26.17  ? 1214 GLU A C   1 
ATOM   641  O O   . GLU A 1 105 ? 3.393   19.099  11.279  1.00 23.73  ? 1214 GLU A O   1 
ATOM   642  C CB  . GLU A 1 105 ? 0.938   20.054  9.230   1.00 23.41  ? 1214 GLU A CB  1 
ATOM   643  C CG  . GLU A 1 105 ? 1.428   21.476  9.509   1.00 29.19  ? 1214 GLU A CG  1 
ATOM   644  C CD  . GLU A 1 105 ? 1.571   21.778  10.991  1.00 34.06  ? 1214 GLU A CD  1 
ATOM   645  O OE1 . GLU A 1 105 ? 0.746   21.270  11.781  1.00 31.43  ? 1214 GLU A OE1 1 
ATOM   646  O OE2 . GLU A 1 105 ? 2.506   22.521  11.365  1.00 34.62  ? 1214 GLU A OE2 1 
ATOM   647  N N   . GLU A 1 106 ? 1.466   17.949  11.437  1.00 26.73  ? 1215 GLU A N   1 
ATOM   648  C CA  . GLU A 1 106 ? 1.678   17.576  12.831  1.00 27.87  ? 1215 GLU A CA  1 
ATOM   649  C C   . GLU A 1 106 ? 2.928   16.724  12.950  1.00 28.08  ? 1215 GLU A C   1 
ATOM   650  O O   . GLU A 1 106 ? 3.716   16.884  13.880  1.00 25.68  ? 1215 GLU A O   1 
ATOM   651  C CB  . GLU A 1 106 ? 0.472   16.824  13.378  1.00 25.03  ? 1215 GLU A CB  1 
ATOM   652  C CG  . GLU A 1 106 ? -0.789  17.658  13.425  1.00 28.00  ? 1215 GLU A CG  1 
ATOM   653  C CD  . GLU A 1 106 ? -2.002  16.831  13.763  1.00 30.39  ? 1215 GLU A CD  1 
ATOM   654  O OE1 . GLU A 1 106 ? -2.186  15.774  13.128  1.00 24.42  ? 1215 GLU A OE1 1 
ATOM   655  O OE2 . GLU A 1 106 ? -2.781  17.245  14.645  1.00 32.51  ? 1215 GLU A OE2 1 
ATOM   656  N N   . ILE A 1 107 ? 3.105   15.831  11.981  1.00 27.94  ? 1216 ILE A N   1 
ATOM   657  C CA  . ILE A 1 107 ? 4.284   14.989  11.914  1.00 28.81  ? 1216 ILE A CA  1 
ATOM   658  C C   . ILE A 1 107 ? 5.523   15.841  11.662  1.00 32.52  ? 1216 ILE A C   1 
ATOM   659  O O   . ILE A 1 107 ? 6.532   15.666  12.332  1.00 34.49  ? 1216 ILE A O   1 
ATOM   660  C CB  . ILE A 1 107 ? 4.135   13.911  10.817  1.00 31.31  ? 1216 ILE A CB  1 
ATOM   661  C CG1 . ILE A 1 107 ? 3.028   12.926  11.195  1.00 27.67  ? 1216 ILE A CG1 1 
ATOM   662  C CG2 . ILE A 1 107 ? 5.388   13.120  10.680  1.00 31.23  ? 1216 ILE A CG2 1 
ATOM   663  C CD1 . ILE A 1 107 ? 3.254   12.231  12.518  1.00 28.79  ? 1216 ILE A CD1 1 
ATOM   664  N N   . GLU A 1 108 ? 5.436   16.794  10.735  1.00 31.03  ? 1217 GLU A N   1 
ATOM   665  C CA  . GLU A 1 108 ? 6.540   17.726  10.489  1.00 33.06  ? 1217 GLU A CA  1 
ATOM   666  C C   . GLU A 1 108 ? 7.044   18.409  11.773  1.00 35.83  ? 1217 GLU A C   1 
ATOM   667  O O   . GLU A 1 108 ? 8.248   18.434  12.041  1.00 35.85  ? 1217 GLU A O   1 
ATOM   668  C CB  . GLU A 1 108 ? 6.120   18.791  9.473   1.00 32.17  ? 1217 GLU A CB  1 
ATOM   669  C CG  . GLU A 1 108 ? 7.277   19.618  8.939   1.00 36.02  ? 1217 GLU A CG  1 
ATOM   670  C CD  . GLU A 1 108 ? 8.029   18.918  7.815   1.00 38.13  ? 1217 GLU A CD  1 
ATOM   671  O OE1 . GLU A 1 108 ? 7.368   18.369  6.906   1.00 35.87  ? 1217 GLU A OE1 1 
ATOM   672  O OE2 . GLU A 1 108 ? 9.278   18.910  7.850   1.00 41.79  ? 1217 GLU A OE2 1 
ATOM   673  N N   . GLU A 1 109 ? 6.118   18.936  12.569  1.00 32.08  ? 1218 GLU A N   1 
ATOM   674  C CA  . GLU A 1 109 ? 6.451   19.665  13.795  1.00 39.66  ? 1218 GLU A CA  1 
ATOM   675  C C   . GLU A 1 109 ? 7.146   18.795  14.812  1.00 40.68  ? 1218 GLU A C   1 
ATOM   676  O O   . GLU A 1 109 ? 8.084   19.208  15.492  1.00 44.18  ? 1218 GLU A O   1 
ATOM   677  C CB  . GLU A 1 109 ? 5.197   20.183  14.472  1.00 37.72  ? 1218 GLU A CB  1 
ATOM   678  C CG  . GLU A 1 109 ? 4.671   21.497  14.038  1.00 42.73  ? 1218 GLU A CG  1 
ATOM   679  C CD  . GLU A 1 109 ? 3.674   22.006  15.062  1.00 46.99  ? 1218 GLU A CD  1 
ATOM   680  O OE1 . GLU A 1 109 ? 4.012   21.981  16.269  1.00 47.39  ? 1218 GLU A OE1 1 
ATOM   681  O OE2 . GLU A 1 109 ? 2.540   22.350  14.678  1.00 49.61  ? 1218 GLU A OE2 1 
ATOM   682  N N   . ALA A 1 110 ? 6.628   17.581  14.916  1.00 40.99  ? 1219 ALA A N   1 
ATOM   683  C CA  . ALA A 1 110 ? 7.107   16.589  15.856  1.00 44.75  ? 1219 ALA A CA  1 
ATOM   684  C C   . ALA A 1 110 ? 8.543   16.177  15.605  1.00 48.85  ? 1219 ALA A C   1 
ATOM   685  O O   . ALA A 1 110 ? 9.138   15.528  16.463  1.00 51.69  ? 1219 ALA A O   1 
ATOM   686  C CB  . ALA A 1 110 ? 6.205   15.358  15.829  1.00 42.57  ? 1219 ALA A CB  1 
ATOM   687  N N   . ASN A 1 111 ? 9.119   16.538  14.455  1.00 49.17  ? 1220 ASN A N   1 
ATOM   688  C CA  . ASN A 1 111 ? 10.402  15.951  14.070  1.00 53.18  ? 1220 ASN A CA  1 
ATOM   689  C C   . ASN A 1 111 ? 11.485  16.450  15.002  1.00 57.53  ? 1220 ASN A C   1 
ATOM   690  O O   . ASN A 1 111 ? 12.395  17.191  14.631  1.00 57.29  ? 1220 ASN A O   1 
ATOM   691  C CB  . ASN A 1 111 ? 10.725  16.244  12.605  1.00 50.00  ? 1220 ASN A CB  1 
ATOM   692  C CG  . ASN A 1 111 ? 11.823  15.345  12.077  1.00 50.75  ? 1220 ASN A CG  1 
ATOM   693  O OD1 . ASN A 1 111 ? 11.856  14.156  12.396  1.00 49.57  ? 1220 ASN A OD1 1 
ATOM   694  N ND2 . ASN A 1 111 ? 12.701  15.888  11.247  1.00 50.35  ? 1220 ASN A ND2 1 
ATOM   695  N N   . GLU A 1 112 ? 11.286  16.047  16.252  1.00 61.78  ? 1221 GLU A N   1 
ATOM   696  C CA  . GLU A 1 112 ? 12.274  15.980  17.306  1.00 64.67  ? 1221 GLU A CA  1 
ATOM   697  C C   . GLU A 1 112 ? 12.530  14.493  17.559  1.00 68.45  ? 1221 GLU A C   1 
ATOM   698  O O   . GLU A 1 112 ? 13.468  13.923  17.000  1.00 70.70  ? 1221 GLU A O   1 
ATOM   699  C CB  . GLU A 1 112 ? 11.770  16.725  18.539  1.00 68.91  ? 1221 GLU A CB  1 
ATOM   700  C CG  . GLU A 1 112 ? 12.284  18.150  18.541  1.00 73.76  ? 1221 GLU A CG  1 
ATOM   701  C CD  . GLU A 1 112 ? 11.661  19.024  17.462  1.00 74.86  ? 1221 GLU A CD  1 
ATOM   702  O OE1 . GLU A 1 112 ? 10.458  18.880  17.164  1.00 72.80  ? 1221 GLU A OE1 1 
ATOM   703  O OE2 . GLU A 1 112 ? 12.410  19.834  16.872  1.00 79.02  ? 1221 GLU A OE2 1 
ATOM   704  N N   . ASP A 1 113 ? 11.709  13.878  18.409  1.00 67.32  ? 1222 ASP A N   1 
ATOM   705  C CA  . ASP A 1 113 ? 11.656  12.420  18.526  1.00 66.81  ? 1222 ASP A CA  1 
ATOM   706  C C   . ASP A 1 113 ? 10.276  11.816  18.139  1.00 59.49  ? 1222 ASP A C   1 
ATOM   707  O O   . ASP A 1 113 ? 9.263   12.165  18.735  1.00 54.65  ? 1222 ASP A O   1 
ATOM   708  C CB  . ASP A 1 113 ? 12.056  12.026  19.947  1.00 79.27  ? 1222 ASP A CB  1 
ATOM   709  C CG  . ASP A 1 113 ? 13.349  12.703  20.384  1.00 98.72  ? 1222 ASP A CG  1 
ATOM   710  O OD1 . ASP A 1 113 ? 14.311  12.682  19.583  1.00 90.22  ? 1222 ASP A OD1 1 
ATOM   711  O OD2 . ASP A 1 113 ? 13.408  13.244  21.514  1.00 94.72  ? 1222 ASP A OD2 1 
ATOM   712  N N   . TYR A 1 114 ? 10.232  10.930  17.137  1.00 54.38  ? 1223 TYR A N   1 
ATOM   713  C CA  . TYR A 1 114 ? 8.965   10.320  16.667  1.00 47.95  ? 1223 TYR A CA  1 
ATOM   714  C C   . TYR A 1 114 ? 8.743   8.984   17.276  1.00 45.57  ? 1223 TYR A C   1 
ATOM   715  O O   . TYR A 1 114 ? 7.620   8.589   17.601  1.00 47.82  ? 1223 TYR A O   1 
ATOM   716  C CB  . TYR A 1 114 ? 8.967   10.035  15.183  1.00 48.28  ? 1223 TYR A CB  1 
ATOM   717  C CG  . TYR A 1 114 ? 8.637   11.170  14.323  1.00 49.67  ? 1223 TYR A CG  1 
ATOM   718  C CD1 . TYR A 1 114 ? 8.774   12.453  14.782  1.00 52.56  ? 1223 TYR A CD1 1 
ATOM   719  C CD2 . TYR A 1 114 ? 8.267   10.966  13.017  1.00 49.32  ? 1223 TYR A CD2 1 
ATOM   720  C CE1 . TYR A 1 114 ? 8.502   13.486  13.986  1.00 53.85  ? 1223 TYR A CE1 1 
ATOM   721  C CE2 . TYR A 1 114 ? 8.000   11.997  12.220  1.00 54.89  ? 1223 TYR A CE2 1 
ATOM   722  C CZ  . TYR A 1 114 ? 8.133   13.271  12.696  1.00 62.39  ? 1223 TYR A CZ  1 
ATOM   723  O OH  . TYR A 1 114 ? 7.882   14.341  11.879  1.00 47.65  ? 1223 TYR A OH  1 
ATOM   724  N N   . LYS A 1 115 ? 9.852   8.258   17.305  1.00 43.52  ? 1224 LYS A N   1 
ATOM   725  C CA  . LYS A 1 115 ? 9.923   6.931   17.856  1.00 40.49  ? 1224 LYS A CA  1 
ATOM   726  C C   . LYS A 1 115 ? 9.167   6.920   19.180  1.00 38.21  ? 1224 LYS A C   1 
ATOM   727  O O   . LYS A 1 115 ? 8.430   5.986   19.468  1.00 40.31  ? 1224 LYS A O   1 
ATOM   728  C CB  . LYS A 1 115 ? 11.392  6.517   17.995  1.00 38.25  ? 1224 LYS A CB  1 
ATOM   729  C CG  . LYS A 1 115 ? 12.112  6.489   16.637  1.00 37.47  ? 1224 LYS A CG  1 
ATOM   730  C CD  . LYS A 1 115 ? 13.571  6.065   16.729  1.00 33.94  ? 1224 LYS A CD  1 
ATOM   731  C CE  . LYS A 1 115 ? 13.663  4.562   16.920  1.00 34.90  ? 1224 LYS A CE  1 
ATOM   732  N NZ  . LYS A 1 115 ? 13.323  3.843   15.645  1.00 35.85  ? 1224 LYS A NZ  1 
ATOM   733  N N   . LEU A 1 116 ? 9.334   7.981   19.961  1.00 42.39  ? 1225 LEU A N   1 
ATOM   734  C CA  . LEU A 1 116 ? 8.602   8.141   21.207  1.00 42.71  ? 1225 LEU A CA  1 
ATOM   735  C C   . LEU A 1 116 ? 7.087   8.222   21.029  1.00 42.66  ? 1225 LEU A C   1 
ATOM   736  O O   . LEU A 1 116 ? 6.340   7.595   21.786  1.00 46.30  ? 1225 LEU A O   1 
ATOM   737  C CB  . LEU A 1 116 ? 9.104   9.413   21.920  1.00 44.04  ? 1225 LEU A CB  1 
ATOM   738  C CG  . LEU A 1 116 ? 8.249   10.145  22.963  1.00 45.20  ? 1225 LEU A CG  1 
ATOM   739  C CD1 . LEU A 1 116 ? 7.970   9.304   24.176  1.00 48.45  ? 1225 LEU A CD1 1 
ATOM   740  C CD2 . LEU A 1 116 ? 8.951   11.433  23.375  1.00 45.34  ? 1225 LEU A CD2 1 
ATOM   741  N N   . ARG A 1 117 ? 6.624   8.959   20.024  1.00 41.22  ? 1226 ARG A N   1 
ATOM   742  C CA  . ARG A 1 117 ? 5.193   8.975   19.765  1.00 45.13  ? 1226 ARG A CA  1 
ATOM   743  C C   . ARG A 1 117 ? 4.601   7.714   19.163  1.00 43.65  ? 1226 ARG A C   1 
ATOM   744  O O   . ARG A 1 117 ? 3.421   7.438   19.373  1.00 42.51  ? 1226 ARG A O   1 
ATOM   745  C CB  . ARG A 1 117 ? 4.801   10.157  18.881  1.00 52.39  ? 1226 ARG A CB  1 
ATOM   746  C CG  . ARG A 1 117 ? 4.717   11.456  19.656  1.00 59.13  ? 1226 ARG A CG  1 
ATOM   747  C CD  . ARG A 1 117 ? 4.185   12.608  18.832  1.00 72.39  ? 1226 ARG A CD  1 
ATOM   748  N NE  . ARG A 1 117 ? 3.774   13.712  19.701  1.00 95.21  ? 1226 ARG A NE  1 
ATOM   749  C CZ  . ARG A 1 117 ? 2.667   13.720  20.441  1.00 79.65  ? 1226 ARG A CZ  1 
ATOM   750  N NH1 . ARG A 1 117 ? 1.829   12.690  20.419  1.00 77.12  ? 1226 ARG A NH1 1 
ATOM   751  N NH2 . ARG A 1 117 ? 2.391   14.769  21.206  1.00 66.78  ? 1226 ARG A NH2 1 
ATOM   752  N N   . GLU A 1 118 ? 5.377   6.954   18.403  1.00 42.36  ? 1227 GLU A N   1 
ATOM   753  C CA  . GLU A 1 118 ? 4.850   5.692   17.910  1.00 40.81  ? 1227 GLU A CA  1 
ATOM   754  C C   . GLU A 1 118 ? 5.110   4.494   18.827  1.00 40.63  ? 1227 GLU A C   1 
ATOM   755  O O   . GLU A 1 118 ? 4.231   3.647   18.980  1.00 37.48  ? 1227 GLU A O   1 
ATOM   756  C CB  . GLU A 1 118 ? 5.386   5.447   16.500  1.00 42.98  ? 1227 GLU A CB  1 
ATOM   757  C CG  . GLU A 1 118 ? 4.740   6.392   15.488  1.00 41.21  ? 1227 GLU A CG  1 
ATOM   758  C CD  . GLU A 1 118 ? 5.675   6.806   14.380  1.00 47.61  ? 1227 GLU A CD  1 
ATOM   759  O OE1 . GLU A 1 118 ? 6.621   6.047   14.097  1.00 62.85  ? 1227 GLU A OE1 1 
ATOM   760  O OE2 . GLU A 1 118 ? 5.471   7.894   13.799  1.00 49.33  ? 1227 GLU A OE2 1 
ATOM   761  N N   . LEU A 1 119 ? 6.303   4.403   19.413  1.00 41.74  ? 1228 LEU A N   1 
ATOM   762  C CA  . LEU A 1 119 ? 6.669   3.201   20.171  1.00 40.47  ? 1228 LEU A CA  1 
ATOM   763  C C   . LEU A 1 119 ? 6.454   3.282   21.692  1.00 43.74  ? 1228 LEU A C   1 
ATOM   764  O O   . LEU A 1 119 ? 6.260   2.263   22.354  1.00 42.57  ? 1228 LEU A O   1 
ATOM   765  C CB  . LEU A 1 119 ? 8.131   2.849   19.903  1.00 39.74  ? 1228 LEU A CB  1 
ATOM   766  N N   . ILE A 1 120 ? 6.438   4.492   22.238  1.00 42.56  ? 1229 ILE A N   1 
ATOM   767  C CA  . ILE A 1 120 ? 6.361   4.660   23.688  1.00 42.97  ? 1229 ILE A CA  1 
ATOM   768  C C   . ILE A 1 120 ? 4.921   4.971   24.119  1.00 43.21  ? 1229 ILE A C   1 
ATOM   769  O O   . ILE A 1 120 ? 4.563   4.875   25.297  1.00 46.81  ? 1229 ILE A O   1 
ATOM   770  C CB  . ILE A 1 120 ? 7.368   5.745   24.155  1.00 44.49  ? 1229 ILE A CB  1 
ATOM   771  C CG1 . ILE A 1 120 ? 8.799   5.256   23.931  1.00 39.17  ? 1229 ILE A CG1 1 
ATOM   772  C CG2 . ILE A 1 120 ? 7.152   6.162   25.604  1.00 51.32  ? 1229 ILE A CG2 1 
ATOM   773  C CD1 . ILE A 1 120 ? 9.838   6.251   24.344  1.00 38.59  ? 1229 ILE A CD1 1 
ATOM   774  N N   . TYR A 1 121 ? 4.079   5.275   23.143  1.00 43.84  ? 1230 TYR A N   1 
ATOM   775  C CA  . TYR A 1 121 ? 2.679   5.568   23.417  1.00 42.08  ? 1230 TYR A CA  1 
ATOM   776  C C   . TYR A 1 121 ? 1.812   4.359   23.084  1.00 43.80  ? 1230 TYR A C   1 
ATOM   777  O O   . TYR A 1 121 ? 2.172   3.223   23.413  1.00 44.18  ? 1230 TYR A O   1 
ATOM   778  C CB  . TYR A 1 121 ? 2.225   6.785   22.609  1.00 44.32  ? 1230 TYR A CB  1 
ATOM   779  N N   . GLU B 1 33  ? -10.158 -14.488 -0.249  1.00 43.75  ? 1142 GLU B N   1 
ATOM   780  C CA  . GLU B 1 33  ? -8.767  -14.083 -0.091  1.00 40.22  ? 1142 GLU B CA  1 
ATOM   781  C C   . GLU B 1 33  ? -8.583  -12.718 -0.747  1.00 37.51  ? 1142 GLU B C   1 
ATOM   782  O O   . GLU B 1 33  ? -9.134  -12.472 -1.817  1.00 32.98  ? 1142 GLU B O   1 
ATOM   783  C CB  . GLU B 1 33  ? -7.831  -15.121 -0.718  1.00 42.18  ? 1142 GLU B CB  1 
ATOM   784  C CG  . GLU B 1 33  ? -7.699  -16.415 0.086   1.00 46.89  ? 1142 GLU B CG  1 
ATOM   785  C CD  . GLU B 1 33  ? -6.511  -16.424 1.030   1.00 51.58  ? 1142 GLU B CD  1 
ATOM   786  O OE1 . GLU B 1 33  ? -5.377  -16.183 0.567   1.00 52.89  ? 1142 GLU B OE1 1 
ATOM   787  O OE2 . GLU B 1 33  ? -6.709  -16.682 2.235   1.00 53.45  ? 1142 GLU B OE2 1 
ATOM   788  N N   . PRO B 1 34  ? -7.807  -11.824 -0.113  1.00 34.01  ? 1143 PRO B N   1 
ATOM   789  C CA  . PRO B 1 34  ? -7.591  -10.510 -0.724  1.00 31.22  ? 1143 PRO B CA  1 
ATOM   790  C C   . PRO B 1 34  ? -6.681  -10.589 -1.946  1.00 32.51  ? 1143 PRO B C   1 
ATOM   791  O O   . PRO B 1 34  ? -5.813  -11.462 -2.013  1.00 29.96  ? 1143 PRO B O   1 
ATOM   792  C CB  . PRO B 1 34  ? -6.940  -9.699  0.398   1.00 31.75  ? 1143 PRO B CB  1 
ATOM   793  C CG  . PRO B 1 34  ? -6.333  -10.704 1.317   1.00 33.16  ? 1143 PRO B CG  1 
ATOM   794  C CD  . PRO B 1 34  ? -6.965  -12.042 1.075   1.00 35.11  ? 1143 PRO B CD  1 
ATOM   795  N N   . VAL B 1 35  ? -6.877  -9.676  -2.891  1.00 26.73  ? 1144 VAL B N   1 
ATOM   796  C CA  . VAL B 1 35  ? -6.082  -9.636  -4.109  1.00 27.08  ? 1144 VAL B CA  1 
ATOM   797  C C   . VAL B 1 35  ? -5.234  -8.372  -4.156  1.00 26.19  ? 1144 VAL B C   1 
ATOM   798  O O   . VAL B 1 35  ? -5.715  -7.285  -3.878  1.00 26.24  ? 1144 VAL B O   1 
ATOM   799  C CB  . VAL B 1 35  ? -6.975  -9.699  -5.375  1.00 28.24  ? 1144 VAL B CB  1 
ATOM   800  C CG1 . VAL B 1 35  ? -6.126  -9.647  -6.635  1.00 29.01  ? 1144 VAL B CG1 1 
ATOM   801  C CG2 . VAL B 1 35  ? -7.833  -10.954 -5.364  1.00 28.75  ? 1144 VAL B CG2 1 
ATOM   802  N N   . TYR B 1 36  ? -3.969  -8.518  -4.525  1.00 28.33  ? 1145 TYR B N   1 
ATOM   803  C CA  . TYR B 1 36  ? -3.053  -7.390  -4.534  1.00 25.13  ? 1145 TYR B CA  1 
ATOM   804  C C   . TYR B 1 36  ? -2.466  -7.155  -5.916  1.00 27.09  ? 1145 TYR B C   1 
ATOM   805  O O   . TYR B 1 36  ? -2.266  -8.096  -6.688  1.00 23.80  ? 1145 TYR B O   1 
ATOM   806  C CB  . TYR B 1 36  ? -1.918  -7.619  -3.534  1.00 23.99  ? 1145 TYR B CB  1 
ATOM   807  C CG  . TYR B 1 36  ? -2.384  -7.941  -2.131  1.00 25.56  ? 1145 TYR B CG  1 
ATOM   808  C CD1 . TYR B 1 36  ? -2.825  -6.934  -1.278  1.00 24.40  ? 1145 TYR B CD1 1 
ATOM   809  C CD2 . TYR B 1 36  ? -2.379  -9.245  -1.660  1.00 26.35  ? 1145 TYR B CD2 1 
ATOM   810  C CE1 . TYR B 1 36  ? -3.253  -7.219  0.006   1.00 24.13  ? 1145 TYR B CE1 1 
ATOM   811  C CE2 . TYR B 1 36  ? -2.800  -9.541  -0.367  1.00 28.73  ? 1145 TYR B CE2 1 
ATOM   812  C CZ  . TYR B 1 36  ? -3.238  -8.521  0.456   1.00 23.13  ? 1145 TYR B CZ  1 
ATOM   813  O OH  . TYR B 1 36  ? -3.662  -8.801  1.730   1.00 25.51  ? 1145 TYR B OH  1 
ATOM   814  N N   . ILE B 1 37  ? -2.181  -5.893  -6.217  1.00 20.91  ? 1146 ILE B N   1 
ATOM   815  C CA  . ILE B 1 37  ? -1.325  -5.564  -7.348  1.00 22.86  ? 1146 ILE B CA  1 
ATOM   816  C C   . ILE B 1 37  ? 0.039   -5.189  -6.795  1.00 24.92  ? 1146 ILE B C   1 
ATOM   817  O O   . ILE B 1 37  ? 0.200   -4.135  -6.173  1.00 24.37  ? 1146 ILE B O   1 
ATOM   818  C CB  . ILE B 1 37  ? -1.895  -4.409  -8.199  1.00 24.77  ? 1146 ILE B CB  1 
ATOM   819  C CG1 . ILE B 1 37  ? -3.134  -4.873  -8.962  1.00 22.72  ? 1146 ILE B CG1 1 
ATOM   820  C CG2 . ILE B 1 37  ? -0.852  -3.882  -9.170  1.00 22.49  ? 1146 ILE B CG2 1 
ATOM   821  C CD1 . ILE B 1 37  ? -3.867  -3.743  -9.652  1.00 25.21  ? 1146 ILE B CD1 1 
ATOM   822  N N   . TYR B 1 38  ? 1.015   -6.069  -6.990  1.00 22.53  ? 1147 TYR B N   1 
ATOM   823  C CA  . TYR B 1 38  ? 2.374   -5.795  -6.543  1.00 24.27  ? 1147 TYR B CA  1 
ATOM   824  C C   . TYR B 1 38  ? 2.992   -4.733  -7.411  1.00 27.86  ? 1147 TYR B C   1 
ATOM   825  O O   . TYR B 1 38  ? 2.924   -4.812  -8.642  1.00 26.02  ? 1147 TYR B O   1 
ATOM   826  C CB  . TYR B 1 38  ? 3.241   -7.054  -6.565  1.00 25.01  ? 1147 TYR B CB  1 
ATOM   827  C CG  . TYR B 1 38  ? 3.121   -7.909  -5.325  1.00 23.12  ? 1147 TYR B CG  1 
ATOM   828  C CD1 . TYR B 1 38  ? 1.962   -7.908  -4.562  1.00 22.07  ? 1147 TYR B CD1 1 
ATOM   829  C CD2 . TYR B 1 38  ? 4.178   -8.714  -4.914  1.00 25.11  ? 1147 TYR B CD2 1 
ATOM   830  C CE1 . TYR B 1 38  ? 1.855   -8.691  -3.423  1.00 24.48  ? 1147 TYR B CE1 1 
ATOM   831  C CE2 . TYR B 1 38  ? 4.082   -9.500  -3.774  1.00 25.63  ? 1147 TYR B CE2 1 
ATOM   832  C CZ  . TYR B 1 38  ? 2.921   -9.489  -3.037  1.00 26.46  ? 1147 TYR B CZ  1 
ATOM   833  O OH  . TYR B 1 38  ? 2.826   -10.274 -1.910  1.00 25.95  ? 1147 TYR B OH  1 
ATOM   834  N N   . THR B 1 39  ? 3.608   -3.745  -6.770  1.00 30.17  ? 1148 THR B N   1 
ATOM   835  C CA  . THR B 1 39  ? 4.213   -2.664  -7.517  1.00 30.80  ? 1148 THR B CA  1 
ATOM   836  C C   . THR B 1 39  ? 5.475   -2.099  -6.902  1.00 28.84  ? 1148 THR B C   1 
ATOM   837  O O   . THR B 1 39  ? 5.880   -2.497  -5.819  1.00 28.16  ? 1148 THR B O   1 
ATOM   838  C CB  . THR B 1 39  ? 3.202   -1.494  -7.720  1.00 34.96  ? 1148 THR B CB  1 
ATOM   839  O OG1 . THR B 1 39  ? 3.749   -0.529  -8.634  1.00 37.93  ? 1148 THR B OG1 1 
ATOM   840  C CG2 . THR B 1 39  ? 2.879   -0.825  -6.419  1.00 27.22  ? 1148 THR B CG2 1 
ATOM   841  N N   . SER B 1 40  ? 6.117   -1.200  -7.641  1.00 28.02  ? 1149 SER B N   1 
ATOM   842  C CA  . SER B 1 40  ? 7.206   -0.393  -7.113  1.00 30.16  ? 1149 SER B CA  1 
ATOM   843  C C   . SER B 1 40  ? 6.892   1.070   -7.417  1.00 32.19  ? 1149 SER B C   1 
ATOM   844  O O   . SER B 1 40  ? 6.959   1.503   -8.569  1.00 29.15  ? 1149 SER B O   1 
ATOM   845  C CB  . SER B 1 40  ? 8.549   -0.807  -7.709  1.00 33.11  ? 1149 SER B CB  1 
ATOM   846  O OG  . SER B 1 40  ? 9.592   -0.036  -7.140  1.00 37.25  ? 1149 SER B OG  1 
ATOM   847  N N   . LEU B 1 41  ? 6.522   1.824   -6.385  1.00 29.94  ? 1150 LEU B N   1 
ATOM   848  C CA  . LEU B 1 41  ? 5.996   3.175   -6.577  1.00 31.51  ? 1150 LEU B CA  1 
ATOM   849  C C   . LEU B 1 41  ? 7.091   4.203   -6.852  1.00 31.75  ? 1150 LEU B C   1 
ATOM   850  O O   . LEU B 1 41  ? 6.824   5.281   -7.383  1.00 31.96  ? 1150 LEU B O   1 
ATOM   851  C CB  . LEU B 1 41  ? 5.197   3.605   -5.338  1.00 25.50  ? 1150 LEU B CB  1 
ATOM   852  C CG  . LEU B 1 41  ? 3.941   2.800   -4.990  1.00 24.52  ? 1150 LEU B CG  1 
ATOM   853  C CD1 . LEU B 1 41  ? 3.295   3.348   -3.721  1.00 26.25  ? 1150 LEU B CD1 1 
ATOM   854  C CD2 . LEU B 1 41  ? 2.940   2.788   -6.132  1.00 27.56  ? 1150 LEU B CD2 1 
ATOM   855  N N   . ALA B 1 42  ? 8.319   3.875   -6.457  1.00 31.87  ? 1151 ALA B N   1 
ATOM   856  C CA  . ALA B 1 42  ? 9.458   4.760   -6.682  1.00 34.52  ? 1151 ALA B CA  1 
ATOM   857  C C   . ALA B 1 42  ? 10.429  4.178   -7.705  1.00 38.92  ? 1151 ALA B C   1 
ATOM   858  O O   . ALA B 1 42  ? 10.279  3.035   -8.147  1.00 41.36  ? 1151 ALA B O   1 
ATOM   859  C CB  . ALA B 1 42  ? 10.174  5.052   -5.368  1.00 36.25  ? 1151 ALA B CB  1 
ATOM   860  N N   . GLY B 1 43  ? 11.433  4.967   -8.071  1.00 38.64  ? 1152 GLY B N   1 
ATOM   861  N N   . MET B 1 48  ? 8.732   -0.720  -11.229 1.00 48.32  ? 1157 MET B N   1 
ATOM   862  C CA  . MET B 1 48  ? 7.521   -0.652  -12.048 1.00 47.54  ? 1157 MET B CA  1 
ATOM   863  C C   . MET B 1 48  ? 7.068   0.704   -12.588 1.00 44.54  ? 1157 MET B C   1 
ATOM   864  O O   . MET B 1 48  ? 7.564   1.757   -12.207 1.00 48.48  ? 1157 MET B O   1 
ATOM   865  C CB  . MET B 1 48  ? 6.373   -1.267  -11.290 1.00 39.21  ? 1157 MET B CB  1 
ATOM   866  C CG  . MET B 1 48  ? 6.262   -2.696  -11.570 1.00 45.46  ? 1157 MET B CG  1 
ATOM   867  N N   . ILE B 1 49  ? 6.074   0.636   -13.468 1.00 45.46  ? 1158 ILE B N   1 
ATOM   868  C CA  . ILE B 1 49  ? 5.876   1.614   -14.527 1.00 47.85  ? 1158 ILE B CA  1 
ATOM   869  C C   . ILE B 1 49  ? 4.347   1.692   -14.756 1.00 43.38  ? 1158 ILE B C   1 
ATOM   870  O O   . ILE B 1 49  ? 3.627   0.855   -14.204 1.00 38.28  ? 1158 ILE B O   1 
ATOM   871  C CB  . ILE B 1 49  ? 6.671   1.118   -15.790 1.00 34.63  ? 1158 ILE B CB  1 
ATOM   872  C CG1 . ILE B 1 49  ? 7.029   2.199   -16.816 1.00 42.90  ? 1158 ILE B CG1 1 
ATOM   873  C CG2 . ILE B 1 49  ? 5.895   0.039   -16.479 1.00 40.65  ? 1158 ILE B CG2 1 
ATOM   874  C CD1 . ILE B 1 49  ? 7.990   1.746   -17.892 1.00 30.15  ? 1158 ILE B CD1 1 
ATOM   875  N N   . PRO B 1 50  ? 3.880   2.641   -15.557 1.00 43.05  ? 1159 PRO B N   1 
ATOM   876  C CA  . PRO B 1 50  ? 2.444   2.784   -15.832 1.00 37.96  ? 1159 PRO B CA  1 
ATOM   877  C C   . PRO B 1 50  ? 1.686   1.449   -15.872 1.00 40.21  ? 1159 PRO B C   1 
ATOM   878  O O   . PRO B 1 50  ? 0.506   1.425   -15.520 1.00 39.67  ? 1159 PRO B O   1 
ATOM   879  C CB  . PRO B 1 50  ? 2.421   3.504   -17.183 1.00 42.18  ? 1159 PRO B CB  1 
ATOM   880  C CG  . PRO B 1 50  ? 3.695   4.279   -17.210 1.00 44.63  ? 1159 PRO B CG  1 
ATOM   881  C CD  . PRO B 1 50  ? 4.704   3.433   -16.487 1.00 43.43  ? 1159 PRO B CD  1 
ATOM   882  N N   . ARG B 1 51  ? 2.338   0.369   -16.293 1.00 34.74  ? 1160 ARG B N   1 
ATOM   883  C CA  . ARG B 1 51  ? 1.686   -0.932  -16.374 1.00 36.59  ? 1160 ARG B CA  1 
ATOM   884  C C   . ARG B 1 51  ? 0.814   -1.241  -15.147 1.00 32.40  ? 1160 ARG B C   1 
ATOM   885  O O   . ARG B 1 51  ? -0.116  -2.049  -15.220 1.00 29.24  ? 1160 ARG B O   1 
ATOM   886  C CB  . ARG B 1 51  ? 2.720   -2.020  -16.613 1.00 36.81  ? 1160 ARG B CB  1 
ATOM   887  C CG  . ARG B 1 51  ? 3.330   -1.907  -17.993 1.00 36.61  ? 1160 ARG B CG  1 
ATOM   888  C CD  . ARG B 1 51  ? 4.621   -2.670  -18.121 1.00 33.99  ? 1160 ARG B CD  1 
ATOM   889  N NE  . ARG B 1 51  ? 5.137   -2.578  -19.480 1.00 34.70  ? 1160 ARG B NE  1 
ATOM   890  C CZ  . ARG B 1 51  ? 6.364   -2.935  -19.825 1.00 30.31  ? 1160 ARG B CZ  1 
ATOM   891  N NH1 . ARG B 1 51  ? 7.204   -3.372  -18.899 1.00 27.94  ? 1160 ARG B NH1 1 
ATOM   892  N NH2 . ARG B 1 51  ? 6.761   -2.821  -21.083 1.00 29.94  ? 1160 ARG B NH2 1 
ATOM   893  N N   . THR B 1 52  ? 1.134   -0.614  -14.019 1.00 30.28  ? 1161 THR B N   1 
ATOM   894  C CA  . THR B 1 52  ? 0.318   -0.749  -12.815 1.00 28.92  ? 1161 THR B CA  1 
ATOM   895  C C   . THR B 1 52  ? -1.105  -0.272  -13.078 1.00 28.38  ? 1161 THR B C   1 
ATOM   896  O O   . THR B 1 52  ? -2.074  -0.918  -12.683 1.00 25.84  ? 1161 THR B O   1 
ATOM   897  C CB  . THR B 1 52  ? 0.865   0.081   -11.645 1.00 29.01  ? 1161 THR B CB  1 
ATOM   898  O OG1 . THR B 1 52  ? 2.263   -0.155  -11.490 1.00 30.15  ? 1161 THR B OG1 1 
ATOM   899  C CG2 . THR B 1 52  ? 0.105   -0.242  -10.344 1.00 28.25  ? 1161 THR B CG2 1 
ATOM   900  N N   . ASN B 1 53  ? -1.221  0.866   -13.761 1.00 28.48  ? 1162 ASN B N   1 
ATOM   901  C CA  . ASN B 1 53  ? -2.525  1.450   -14.061 1.00 28.10  ? 1162 ASN B CA  1 
ATOM   902  C C   . ASN B 1 53  ? -3.394  0.560   -14.952 1.00 28.43  ? 1162 ASN B C   1 
ATOM   903  O O   . ASN B 1 53  ? -4.595  0.439   -14.726 1.00 26.43  ? 1162 ASN B O   1 
ATOM   904  C CB  . ASN B 1 53  ? -2.347  2.830   -14.709 1.00 28.20  ? 1162 ASN B CB  1 
ATOM   905  C CG  . ASN B 1 53  ? -1.899  3.893   -13.711 1.00 31.57  ? 1162 ASN B CG  1 
ATOM   906  O OD1 . ASN B 1 53  ? -2.219  3.824   -12.522 1.00 31.50  ? 1162 ASN B OD1 1 
ATOM   907  N ND2 . ASN B 1 53  ? -1.147  4.876   -14.192 1.00 32.36  ? 1162 ASN B ND2 1 
ATOM   908  N N   . ARG B 1 54  ? -2.766  -0.082  -15.932 1.00 30.26  ? 1163 ARG B N   1 
ATOM   909  C CA  . ARG B 1 54  ? -3.473  -0.991  -16.821 1.00 31.20  ? 1163 ARG B CA  1 
ATOM   910  C C   . ARG B 1 54  ? -4.008  -2.136  -15.967 1.00 26.29  ? 1163 ARG B C   1 
ATOM   911  O O   . ARG B 1 54  ? -5.194  -2.463  -16.021 1.00 24.11  ? 1163 ARG B O   1 
ATOM   912  C CB  . ARG B 1 54  ? -2.538  -1.528  -17.903 1.00 38.97  ? 1163 ARG B CB  1 
ATOM   913  C CG  . ARG B 1 54  ? -1.070  -1.534  -17.509 1.00 44.82  ? 1163 ARG B CG  1 
ATOM   914  C CD  . ARG B 1 54  ? -0.169  -1.507  -18.731 1.00 52.11  ? 1163 ARG B CD  1 
ATOM   915  N NE  . ARG B 1 54  ? -0.418  -2.639  -19.620 1.00 82.33  ? 1163 ARG B NE  1 
ATOM   916  C CZ  . ARG B 1 54  ? 0.459   -3.101  -20.505 1.00 77.44  ? 1163 ARG B CZ  1 
ATOM   917  N NH1 . ARG B 1 54  ? 1.649   -2.528  -20.624 1.00 85.51  ? 1163 ARG B NH1 1 
ATOM   918  N NH2 . ARG B 1 54  ? 0.147   -4.136  -21.273 1.00 62.06  ? 1163 ARG B NH2 1 
ATOM   919  N N   . LEU B 1 55  ? -3.125  -2.735  -15.172 1.00 26.78  ? 1164 LEU B N   1 
ATOM   920  C CA  . LEU B 1 55  ? -3.513  -3.827  -14.280 1.00 25.74  ? 1164 LEU B CA  1 
ATOM   921  C C   . LEU B 1 55  ? -4.710  -3.441  -13.420 1.00 26.88  ? 1164 LEU B C   1 
ATOM   922  O O   . LEU B 1 55  ? -5.647  -4.225  -13.254 1.00 25.03  ? 1164 LEU B O   1 
ATOM   923  C CB  . LEU B 1 55  ? -2.361  -4.240  -13.359 1.00 27.20  ? 1164 LEU B CB  1 
ATOM   924  C CG  . LEU B 1 55  ? -1.438  -5.372  -13.800 1.00 28.39  ? 1164 LEU B CG  1 
ATOM   925  C CD1 . LEU B 1 55  ? -0.487  -5.764  -12.671 1.00 24.08  ? 1164 LEU B CD1 1 
ATOM   926  C CD2 . LEU B 1 55  ? -2.258  -6.546  -14.242 1.00 28.58  ? 1164 LEU B CD2 1 
ATOM   927  N N   . SER B 1 56  ? -4.668  -2.232  -12.865 1.00 26.01  ? 1165 SER B N   1 
ATOM   928  C CA  . SER B 1 56  ? -5.745  -1.746  -12.014 1.00 25.69  ? 1165 SER B CA  1 
ATOM   929  C C   . SER B 1 56  ? -7.056  -1.681  -12.790 1.00 26.80  ? 1165 SER B C   1 
ATOM   930  O O   . SER B 1 56  ? -8.116  -2.051  -12.277 1.00 21.87  ? 1165 SER B O   1 
ATOM   931  C CB  . SER B 1 56  ? -5.396  -0.379  -11.426 1.00 30.57  ? 1165 SER B CB  1 
ATOM   932  O OG  . SER B 1 56  ? -4.239  -0.443  -10.608 1.00 28.86  ? 1165 SER B OG  1 
ATOM   933  N N   . THR B 1 57  ? -6.971  -1.206  -14.029 1.00 26.22  ? 1166 THR B N   1 
ATOM   934  C CA  . THR B 1 57  ? -8.145  -1.074  -14.879 1.00 27.89  ? 1166 THR B CA  1 
ATOM   935  C C   . THR B 1 57  ? -8.743  -2.438  -15.191 1.00 24.41  ? 1166 THR B C   1 
ATOM   936  O O   . THR B 1 57  ? -9.960  -2.616  -15.169 1.00 22.01  ? 1166 THR B O   1 
ATOM   937  C CB  . THR B 1 57  ? -7.803  -0.351  -16.199 1.00 28.33  ? 1166 THR B CB  1 
ATOM   938  O OG1 . THR B 1 57  ? -7.343  0.974   -15.910 1.00 31.34  ? 1166 THR B OG1 1 
ATOM   939  C CG2 . THR B 1 57  ? -9.032  -0.262  -17.094 1.00 31.28  ? 1166 THR B CG2 1 
ATOM   940  N N   . ILE B 1 58  ? -7.879  -3.411  -15.457 1.00 26.83  ? 1167 ILE B N   1 
ATOM   941  C CA  . ILE B 1 58  ? -8.340  -4.749  -15.798 1.00 26.01  ? 1167 ILE B CA  1 
ATOM   942  C C   . ILE B 1 58  ? -9.061  -5.387  -14.607 1.00 25.59  ? 1167 ILE B C   1 
ATOM   943  O O   . ILE B 1 58  ? -10.140 -5.952  -14.770 1.00 24.94  ? 1167 ILE B O   1 
ATOM   944  C CB  . ILE B 1 58  ? -7.170  -5.638  -16.278 1.00 27.37  ? 1167 ILE B CB  1 
ATOM   945  C CG1 . ILE B 1 58  ? -6.639  -5.126  -17.622 1.00 31.63  ? 1167 ILE B CG1 1 
ATOM   946  C CG2 . ILE B 1 58  ? -7.616  -7.076  -16.427 1.00 27.02  ? 1167 ILE B CG2 1 
ATOM   947  C CD1 . ILE B 1 58  ? -5.365  -5.815  -18.089 1.00 33.63  ? 1167 ILE B CD1 1 
ATOM   948  N N   . LEU B 1 59  ? -8.480  -5.296  -13.413 1.00 23.80  ? 1168 LEU B N   1 
ATOM   949  C CA  . LEU B 1 59  ? -9.132  -5.846  -12.217 1.00 26.06  ? 1168 LEU B CA  1 
ATOM   950  C C   . LEU B 1 59  ? -10.483 -5.199  -11.900 1.00 26.68  ? 1168 LEU B C   1 
ATOM   951  O O   . LEU B 1 59  ? -11.439 -5.897  -11.556 1.00 26.13  ? 1168 LEU B O   1 
ATOM   952  C CB  . LEU B 1 59  ? -8.219  -5.739  -10.987 1.00 26.04  ? 1168 LEU B CB  1 
ATOM   953  C CG  . LEU B 1 59  ? -7.236  -6.896  -10.731 1.00 28.49  ? 1168 LEU B CG  1 
ATOM   954  C CD1 . LEU B 1 59  ? -6.503  -7.334  -11.978 1.00 30.24  ? 1168 LEU B CD1 1 
ATOM   955  C CD2 . LEU B 1 59  ? -6.249  -6.565  -9.615  1.00 26.00  ? 1168 LEU B CD2 1 
ATOM   956  N N   . THR B 1 60  ? -10.560 -3.874  -12.005 1.00 25.75  ? 1169 THR B N   1 
ATOM   957  C CA  . THR B 1 60  ? -11.814 -3.175  -11.750 1.00 26.56  ? 1169 THR B CA  1 
ATOM   958  C C   . THR B 1 60  ? -12.867 -3.582  -12.776 1.00 27.37  ? 1169 THR B C   1 
ATOM   959  O O   . THR B 1 60  ? -14.033 -3.781  -12.432 1.00 23.97  ? 1169 THR B O   1 
ATOM   960  C CB  . THR B 1 60  ? -11.640 -1.640  -11.792 1.00 26.44  ? 1169 THR B CB  1 
ATOM   961  O OG1 . THR B 1 60  ? -10.693 -1.225  -10.798 1.00 26.28  ? 1169 THR B OG1 1 
ATOM   962  C CG2 . THR B 1 60  ? -12.966 -0.948  -11.541 1.00 28.13  ? 1169 THR B CG2 1 
ATOM   963  N N   . ALA B 1 61  ? -12.442 -3.720  -14.033 1.00 26.96  ? 1170 ALA B N   1 
ATOM   964  C CA  . ALA B 1 61  ? -13.343 -4.111  -15.116 1.00 26.40  ? 1170 ALA B CA  1 
ATOM   965  C C   . ALA B 1 61  ? -13.941 -5.490  -14.870 1.00 28.10  ? 1170 ALA B C   1 
ATOM   966  O O   . ALA B 1 61  ? -15.082 -5.757  -15.243 1.00 27.76  ? 1170 ALA B O   1 
ATOM   967  C CB  . ALA B 1 61  ? -12.609 -4.081  -16.460 1.00 22.80  ? 1170 ALA B CB  1 
ATOM   968  N N   . ASN B 1 62  ? -13.170 -6.359  -14.222 1.00 27.05  ? 1171 ASN B N   1 
ATOM   969  C CA  . ASN B 1 62  ? -13.634 -7.705  -13.904 1.00 26.94  ? 1171 ASN B CA  1 
ATOM   970  C C   . ASN B 1 62  ? -14.259 -7.771  -12.517 1.00 31.88  ? 1171 ASN B C   1 
ATOM   971  O O   . ASN B 1 62  ? -14.430 -8.857  -11.966 1.00 31.95  ? 1171 ASN B O   1 
ATOM   972  C CB  . ASN B 1 62  ? -12.488 -8.720  -14.019 1.00 32.31  ? 1171 ASN B CB  1 
ATOM   973  C CG  . ASN B 1 62  ? -12.111 -9.018  -15.464 1.00 28.65  ? 1171 ASN B CG  1 
ATOM   974  O OD1 . ASN B 1 62  ? -12.576 -9.999  -16.040 1.00 33.38  ? 1171 ASN B OD1 1 
ATOM   975  N ND2 . ASN B 1 62  ? -11.287 -8.164  -16.060 1.00 26.09  ? 1171 ASN B ND2 1 
ATOM   976  N N   . ARG B 1 63  ? -14.594 -6.600  -11.968 1.00 29.73  ? 1172 ARG B N   1 
ATOM   977  C CA  . ARG B 1 63  ? -15.154 -6.471  -10.618 1.00 28.59  ? 1172 ARG B CA  1 
ATOM   978  C C   . ARG B 1 63  ? -14.319 -7.181  -9.555  1.00 33.03  ? 1172 ARG B C   1 
ATOM   979  O O   . ARG B 1 63  ? -14.865 -7.810  -8.643  1.00 31.79  ? 1172 ARG B O   1 
ATOM   980  C CB  . ARG B 1 63  ? -16.605 -6.991  -10.551 1.00 31.48  ? 1172 ARG B CB  1 
ATOM   981  C CG  . ARG B 1 63  ? -17.702 -6.171  -11.272 1.00 32.47  ? 1172 ARG B CG  1 
ATOM   982  C CD  . ARG B 1 63  ? -17.471 -5.884  -12.743 1.00 31.53  ? 1172 ARG B CD  1 
ATOM   983  N NE  . ARG B 1 63  ? -18.537 -5.040  -13.279 1.00 32.05  ? 1172 ARG B NE  1 
ATOM   984  C CZ  . ARG B 1 63  ? -18.455 -4.372  -14.425 1.00 30.69  ? 1172 ARG B CZ  1 
ATOM   985  N NH1 . ARG B 1 63  ? -17.351 -4.448  -15.155 1.00 29.01  ? 1172 ARG B NH1 1 
ATOM   986  N NH2 . ARG B 1 63  ? -19.472 -3.618  -14.837 1.00 28.29  ? 1172 ARG B NH2 1 
ATOM   987  N N   . ILE B 1 64  ? -13.001 -7.031  -9.650  1.00 30.11  ? 1173 ILE B N   1 
ATOM   988  C CA  . ILE B 1 64  ? -12.099 -7.601  -8.662  1.00 28.74  ? 1173 ILE B CA  1 
ATOM   989  C C   . ILE B 1 64  ? -11.533 -6.490  -7.783  1.00 31.52  ? 1173 ILE B C   1 
ATOM   990  O O   . ILE B 1 64  ? -10.796 -5.626  -8.262  1.00 31.88  ? 1173 ILE B O   1 
ATOM   991  C CB  . ILE B 1 64  ? -10.939 -8.379  -9.321  1.00 33.27  ? 1173 ILE B CB  1 
ATOM   992  C CG1 . ILE B 1 64  ? -11.471 -9.590  -10.091 1.00 32.76  ? 1173 ILE B CG1 1 
ATOM   993  C CG2 . ILE B 1 64  ? -9.926  -8.829  -8.264  1.00 32.46  ? 1173 ILE B CG2 1 
ATOM   994  C CD1 . ILE B 1 64  ? -10.434 -10.268 -10.965 1.00 32.62  ? 1173 ILE B CD1 1 
ATOM   995  N N   . PRO B 1 65  ? -11.903 -6.493  -6.496  1.00 31.64  ? 1174 PRO B N   1 
ATOM   996  C CA  . PRO B 1 65  ? -11.356 -5.506  -5.562  1.00 32.05  ? 1174 PRO B CA  1 
ATOM   997  C C   . PRO B 1 65  ? -9.901  -5.834  -5.263  1.00 30.89  ? 1174 PRO B C   1 
ATOM   998  O O   . PRO B 1 65  ? -9.556  -7.011  -5.182  1.00 29.98  ? 1174 PRO B O   1 
ATOM   999  C CB  . PRO B 1 65  ? -12.240 -5.660  -4.323  1.00 32.67  ? 1174 PRO B CB  1 
ATOM   1000 C CG  . PRO B 1 65  ? -12.712 -7.069  -4.373  1.00 36.37  ? 1174 PRO B CG  1 
ATOM   1001 C CD  . PRO B 1 65  ? -12.801 -7.454  -5.832  1.00 31.81  ? 1174 PRO B CD  1 
ATOM   1002 N N   . PHE B 1 66  ? -9.064  -4.813  -5.121  1.00 28.06  ? 1175 PHE B N   1 
ATOM   1003 C CA  . PHE B 1 66  ? -7.643  -5.022  -4.870  1.00 26.15  ? 1175 PHE B CA  1 
ATOM   1004 C C   . PHE B 1 66  ? -7.053  -3.876  -4.063  1.00 26.26  ? 1175 PHE B C   1 
ATOM   1005 O O   . PHE B 1 66  ? -7.649  -2.806  -3.962  1.00 25.64  ? 1175 PHE B O   1 
ATOM   1006 C CB  . PHE B 1 66  ? -6.891  -5.144  -6.193  1.00 24.54  ? 1175 PHE B CB  1 
ATOM   1007 C CG  . PHE B 1 66  ? -6.925  -3.883  -7.005  1.00 25.44  ? 1175 PHE B CG  1 
ATOM   1008 C CD1 . PHE B 1 66  ? -7.971  -3.640  -7.879  1.00 25.27  ? 1175 PHE B CD1 1 
ATOM   1009 C CD2 . PHE B 1 66  ? -5.930  -2.923  -6.872  1.00 25.67  ? 1175 PHE B CD2 1 
ATOM   1010 C CE1 . PHE B 1 66  ? -8.019  -2.473  -8.618  1.00 27.69  ? 1175 PHE B CE1 1 
ATOM   1011 C CE2 . PHE B 1 66  ? -5.975  -1.749  -7.610  1.00 27.82  ? 1175 PHE B CE2 1 
ATOM   1012 C CZ  . PHE B 1 66  ? -7.018  -1.527  -8.484  1.00 27.98  ? 1175 PHE B CZ  1 
ATOM   1013 N N   . THR B 1 67  ? -5.871  -4.097  -3.501  1.00 23.06  ? 1176 THR B N   1 
ATOM   1014 C CA  . THR B 1 67  ? -5.071  -2.995  -2.976  1.00 25.57  ? 1176 THR B CA  1 
ATOM   1015 C C   . THR B 1 67  ? -3.656  -3.106  -3.524  1.00 26.11  ? 1176 THR B C   1 
ATOM   1016 O O   . THR B 1 67  ? -3.244  -4.171  -3.962  1.00 23.34  ? 1176 THR B O   1 
ATOM   1017 C CB  . THR B 1 67  ? -5.043  -2.961  -1.431  1.00 23.90  ? 1176 THR B CB  1 
ATOM   1018 O OG1 . THR B 1 67  ? -4.633  -4.235  -0.922  1.00 20.30  ? 1176 THR B OG1 1 
ATOM   1019 C CG2 . THR B 1 67  ? -6.426  -2.628  -0.881  1.00 26.19  ? 1176 THR B CG2 1 
ATOM   1020 N N   . TYR B 1 68  ? -2.927  -1.998  -3.512  1.00 24.37  ? 1177 TYR B N   1 
ATOM   1021 C CA  . TYR B 1 68  ? -1.557  -1.985  -3.996  1.00 24.62  ? 1177 TYR B CA  1 
ATOM   1022 C C   . TYR B 1 68  ? -0.575  -2.449  -2.936  1.00 27.64  ? 1177 TYR B C   1 
ATOM   1023 O O   . TYR B 1 68  ? -0.758  -2.179  -1.747  1.00 21.79  ? 1177 TYR B O   1 
ATOM   1024 C CB  . TYR B 1 68  ? -1.167  -0.581  -4.451  1.00 28.28  ? 1177 TYR B CB  1 
ATOM   1025 C CG  . TYR B 1 68  ? -1.967  -0.057  -5.618  1.00 28.98  ? 1177 TYR B CG  1 
ATOM   1026 C CD1 . TYR B 1 68  ? -1.811  -0.595  -6.892  1.00 26.61  ? 1177 TYR B CD1 1 
ATOM   1027 C CD2 . TYR B 1 68  ? -2.866  0.991   -5.449  1.00 26.33  ? 1177 TYR B CD2 1 
ATOM   1028 C CE1 . TYR B 1 68  ? -2.537  -0.112  -7.967  1.00 25.34  ? 1177 TYR B CE1 1 
ATOM   1029 C CE2 . TYR B 1 68  ? -3.600  1.481   -6.516  1.00 28.37  ? 1177 TYR B CE2 1 
ATOM   1030 C CZ  . TYR B 1 68  ? -3.432  0.929   -7.773  1.00 30.90  ? 1177 TYR B CZ  1 
ATOM   1031 O OH  . TYR B 1 68  ? -4.159  1.415   -8.840  1.00 28.20  ? 1177 TYR B OH  1 
ATOM   1032 N N   . ARG B 1 69  ? 0.482   -3.127  -3.378  1.00 25.47  ? 1178 ARG B N   1 
ATOM   1033 C CA  . ARG B 1 69  ? 1.610   -3.427  -2.507  1.00 26.94  ? 1178 ARG B CA  1 
ATOM   1034 C C   . ARG B 1 69  ? 2.893   -2.888  -3.138  1.00 27.48  ? 1178 ARG B C   1 
ATOM   1035 O O   . ARG B 1 69  ? 3.229   -3.221  -4.273  1.00 27.79  ? 1178 ARG B O   1 
ATOM   1036 C CB  . ARG B 1 69  ? 1.711   -4.929  -2.239  1.00 22.05  ? 1178 ARG B CB  1 
ATOM   1037 C CG  . ARG B 1 69  ? 0.442   -5.547  -1.654  1.00 24.49  ? 1178 ARG B CG  1 
ATOM   1038 C CD  . ARG B 1 69  ? 0.211   -5.176  -0.181  1.00 22.87  ? 1178 ARG B CD  1 
ATOM   1039 N NE  . ARG B 1 69  ? 1.266   -5.723  0.667   1.00 25.52  ? 1178 ARG B NE  1 
ATOM   1040 C CZ  . ARG B 1 69  ? 1.361   -7.007  1.016   1.00 31.16  ? 1178 ARG B CZ  1 
ATOM   1041 N NH1 . ARG B 1 69  ? 0.453   -7.886  0.605   1.00 27.41  ? 1178 ARG B NH1 1 
ATOM   1042 N NH2 . ARG B 1 69  ? 2.371   -7.416  1.771   1.00 26.26  ? 1178 ARG B NH2 1 
ATOM   1043 N N   . ASP B 1 70  ? 3.581   -2.019  -2.405  1.00 26.23  ? 1179 ASP B N   1 
ATOM   1044 C CA  . ASP B 1 70  ? 4.777   -1.356  -2.907  1.00 26.27  ? 1179 ASP B CA  1 
ATOM   1045 C C   . ASP B 1 70  ? 6.061   -2.037  -2.445  1.00 26.94  ? 1179 ASP B C   1 
ATOM   1046 O O   . ASP B 1 70  ? 6.411   -1.968  -1.268  1.00 25.50  ? 1179 ASP B O   1 
ATOM   1047 C CB  . ASP B 1 70  ? 4.786   0.109   -2.469  1.00 24.55  ? 1179 ASP B CB  1 
ATOM   1048 C CG  . ASP B 1 70  ? 6.128   0.783   -2.686  1.00 28.82  ? 1179 ASP B CG  1 
ATOM   1049 O OD1 . ASP B 1 70  ? 6.750   0.568   -3.751  1.00 27.53  ? 1179 ASP B OD1 1 
ATOM   1050 O OD2 . ASP B 1 70  ? 6.563   1.535   -1.785  1.00 27.96  ? 1179 ASP B OD2 1 
ATOM   1051 N N   . LEU B 1 71  ? 6.770   -2.678  -3.370  1.00 22.47  ? 1180 LEU B N   1 
ATOM   1052 C CA  . LEU B 1 71  ? 7.961   -3.439  -2.996  1.00 25.33  ? 1180 LEU B CA  1 
ATOM   1053 C C   . LEU B 1 71  ? 9.086   -2.519  -2.544  1.00 23.60  ? 1180 LEU B C   1 
ATOM   1054 O O   . LEU B 1 71  ? 10.062  -2.965  -1.953  1.00 22.64  ? 1180 LEU B O   1 
ATOM   1055 C CB  . LEU B 1 71  ? 8.434   -4.339  -4.143  1.00 25.88  ? 1180 LEU B CB  1 
ATOM   1056 C CG  . LEU B 1 71  ? 7.775   -5.724  -4.148  1.00 28.62  ? 1180 LEU B CG  1 
ATOM   1057 C CD1 . LEU B 1 71  ? 6.275   -5.633  -4.396  1.00 28.91  ? 1180 LEU B CD1 1 
ATOM   1058 C CD2 . LEU B 1 71  ? 8.441   -6.644  -5.159  1.00 27.25  ? 1180 LEU B CD2 1 
ATOM   1059 N N   . GLY B 1 72  ? 8.958   -1.230  -2.827  1.00 25.89  ? 1181 GLY B N   1 
ATOM   1060 C CA  . GLY B 1 72  ? 9.913   -0.261  -2.325  1.00 25.64  ? 1181 GLY B CA  1 
ATOM   1061 C C   . GLY B 1 72  ? 9.929   -0.190  -0.805  1.00 24.53  ? 1181 GLY B C   1 
ATOM   1062 O O   . GLY B 1 72  ? 10.945  0.184   -0.215  1.00 22.63  ? 1181 GLY B O   1 
ATOM   1063 N N   . THR B 1 73  ? 8.811   -0.542  -0.170  1.00 23.03  ? 1182 THR B N   1 
ATOM   1064 C CA  . THR B 1 73  ? 8.667   -0.404  1.286   1.00 24.09  ? 1182 THR B CA  1 
ATOM   1065 C C   . THR B 1 73  ? 8.103   -1.647  1.996   1.00 26.75  ? 1182 THR B C   1 
ATOM   1066 O O   . THR B 1 73  ? 8.155   -1.742  3.219   1.00 25.02  ? 1182 THR B O   1 
ATOM   1067 C CB  . THR B 1 73  ? 7.742   0.794   1.647   1.00 27.71  ? 1182 THR B CB  1 
ATOM   1068 O OG1 . THR B 1 73  ? 6.495   0.666   0.950   1.00 25.84  ? 1182 THR B OG1 1 
ATOM   1069 C CG2 . THR B 1 73  ? 8.390   2.116   1.272   1.00 22.89  ? 1182 THR B CG2 1 
ATOM   1070 N N   . ASP B 1 74  ? 7.603   -2.606  1.226   1.00 26.72  ? 1183 ASP B N   1 
ATOM   1071 C CA  . ASP B 1 74  ? 6.870   -3.748  1.774   1.00 26.51  ? 1183 ASP B CA  1 
ATOM   1072 C C   . ASP B 1 74  ? 7.717   -5.017  1.721   1.00 30.22  ? 1183 ASP B C   1 
ATOM   1073 O O   . ASP B 1 74  ? 7.826   -5.643  0.667   1.00 28.45  ? 1183 ASP B O   1 
ATOM   1074 C CB  . ASP B 1 74  ? 5.564   -3.946  0.987   1.00 26.09  ? 1183 ASP B CB  1 
ATOM   1075 C CG  . ASP B 1 74  ? 4.580   -4.872  1.679   1.00 28.02  ? 1183 ASP B CG  1 
ATOM   1076 O OD1 . ASP B 1 74  ? 5.007   -5.898  2.241   1.00 31.43  ? 1183 ASP B OD1 1 
ATOM   1077 O OD2 . ASP B 1 74  ? 3.361   -4.585  1.633   1.00 28.07  ? 1183 ASP B OD2 1 
ATOM   1078 N N   . ASP B 1 75  ? 8.313   -5.392  2.851   1.00 31.90  ? 1184 ASP B N   1 
ATOM   1079 C CA  . ASP B 1 75  ? 9.238   -6.529  2.893   1.00 31.47  ? 1184 ASP B CA  1 
ATOM   1080 C C   . ASP B 1 75  ? 8.524   -7.857  2.631   1.00 32.06  ? 1184 ASP B C   1 
ATOM   1081 O O   . ASP B 1 75  ? 9.108   -8.765  2.035   1.00 32.09  ? 1184 ASP B O   1 
ATOM   1082 C CB  . ASP B 1 75  ? 9.988   -6.590  4.227   1.00 34.45  ? 1184 ASP B CB  1 
ATOM   1083 C CG  . ASP B 1 75  ? 9.079   -6.861  5.395   1.00 43.57  ? 1184 ASP B CG  1 
ATOM   1084 O OD1 . ASP B 1 75  ? 8.061   -6.148  5.536   1.00 49.18  ? 1184 ASP B OD1 1 
ATOM   1085 O OD2 . ASP B 1 75  ? 9.381   -7.807  6.159   1.00 39.92  ? 1184 ASP B OD2 1 
ATOM   1086 N N   . GLU B 1 76  ? 7.272   -7.975  3.073   1.00 30.30  ? 1185 GLU B N   1 
ATOM   1087 C CA  . GLU B 1 76  ? 6.502   -9.189  2.810   1.00 36.15  ? 1185 GLU B CA  1 
ATOM   1088 C C   . GLU B 1 76  ? 6.311   -9.400  1.312   1.00 33.45  ? 1185 GLU B C   1 
ATOM   1089 O O   . GLU B 1 76  ? 6.503   -10.499 0.791   1.00 28.05  ? 1185 GLU B O   1 
ATOM   1090 C CB  . GLU B 1 76  ? 5.121   -9.120  3.467   1.00 35.25  ? 1185 GLU B CB  1 
ATOM   1091 C CG  . GLU B 1 76  ? 4.174   -10.221 2.969   1.00 39.19  ? 1185 GLU B CG  1 
ATOM   1092 C CD  . GLU B 1 76  ? 2.741   -10.005 3.411   1.00 46.33  ? 1185 GLU B CD  1 
ATOM   1093 O OE1 . GLU B 1 76  ? 2.536   -9.500  4.537   1.00 62.54  ? 1185 GLU B OE1 1 
ATOM   1094 O OE2 . GLU B 1 76  ? 1.821   -10.375 2.645   1.00 40.22  ? 1185 GLU B OE2 1 
ATOM   1095 N N   . ALA B 1 77  ? 5.946   -8.323  0.626   1.00 30.86  ? 1186 ALA B N   1 
ATOM   1096 C CA  . ALA B 1 77  ? 5.739   -8.344  -0.819  1.00 27.44  ? 1186 ALA B CA  1 
ATOM   1097 C C   . ALA B 1 77  ? 7.040   -8.624  -1.555  1.00 29.80  ? 1186 ALA B C   1 
ATOM   1098 O O   . ALA B 1 77  ? 7.059   -9.326  -2.567  1.00 25.23  ? 1186 ALA B O   1 
ATOM   1099 C CB  . ALA B 1 77  ? 5.128   -7.034  -1.287  1.00 26.65  ? 1186 ALA B CB  1 
ATOM   1100 N N   . ARG B 1 78  ? 8.128   -8.061  -1.042  1.00 27.88  ? 1187 ARG B N   1 
ATOM   1101 C CA  . ARG B 1 78  ? 9.451   -8.288  -1.615  1.00 29.98  ? 1187 ARG B CA  1 
ATOM   1102 C C   . ARG B 1 78  ? 9.833   -9.755  -1.533  1.00 30.80  ? 1187 ARG B C   1 
ATOM   1103 O O   . ARG B 1 78  ? 10.346  -10.333 -2.493  1.00 29.25  ? 1187 ARG B O   1 
ATOM   1104 C CB  . ARG B 1 78  ? 10.499  -7.443  -0.901  1.00 32.30  ? 1187 ARG B CB  1 
ATOM   1105 C CG  . ARG B 1 78  ? 10.415  -5.969  -1.222  1.00 34.08  ? 1187 ARG B CG  1 
ATOM   1106 C CD  . ARG B 1 78  ? 11.648  -5.238  -0.735  1.00 33.97  ? 1187 ARG B CD  1 
ATOM   1107 N NE  . ARG B 1 78  ? 11.750  -5.176  0.717   1.00 29.00  ? 1187 ARG B NE  1 
ATOM   1108 C CZ  . ARG B 1 78  ? 11.587  -4.060  1.418   1.00 28.53  ? 1187 ARG B CZ  1 
ATOM   1109 N NH1 . ARG B 1 78  ? 11.312  -2.925  0.787   1.00 28.78  ? 1187 ARG B NH1 1 
ATOM   1110 N NH2 . ARG B 1 78  ? 11.698  -4.078  2.742   1.00 29.43  ? 1187 ARG B NH2 1 
ATOM   1111 N N   . LYS B 1 79  ? 9.576   -10.344 -0.370  1.00 32.05  ? 1188 LYS B N   1 
ATOM   1112 C CA  . LYS B 1 79  ? 9.871   -11.750 -0.126  1.00 29.47  ? 1188 LYS B CA  1 
ATOM   1113 C C   . LYS B 1 79  ? 9.074   -12.647 -1.058  1.00 27.73  ? 1188 LYS B C   1 
ATOM   1114 O O   . LYS B 1 79  ? 9.623   -13.556 -1.683  1.00 27.18  ? 1188 LYS B O   1 
ATOM   1115 C CB  . LYS B 1 79  ? 9.546   -12.101 1.327   1.00 30.25  ? 1188 LYS B CB  1 
ATOM   1116 C CG  . LYS B 1 79  ? 9.382   -13.588 1.602   1.00 31.03  ? 1188 LYS B CG  1 
ATOM   1117 C CD  . LYS B 1 79  ? 10.673  -14.216 2.076   1.00 36.14  ? 1188 LYS B CD  1 
ATOM   1118 C CE  . LYS B 1 79  ? 10.402  -15.597 2.658   1.00 43.40  ? 1188 LYS B CE  1 
ATOM   1119 N NZ  . LYS B 1 79  ? 11.645  -16.312 3.044   1.00 47.70  ? 1188 LYS B NZ  1 
ATOM   1120 N N   . VAL B 1 80  ? 7.775   -12.383 -1.143  1.00 24.84  ? 1189 VAL B N   1 
ATOM   1121 C CA  . VAL B 1 80  ? 6.887   -13.145 -2.004  1.00 26.51  ? 1189 VAL B CA  1 
ATOM   1122 C C   . VAL B 1 80  ? 7.280   -13.042 -3.477  1.00 28.87  ? 1189 VAL B C   1 
ATOM   1123 O O   . VAL B 1 80  ? 7.341   -14.057 -4.174  1.00 26.34  ? 1189 VAL B O   1 
ATOM   1124 C CB  . VAL B 1 80  ? 5.434   -12.707 -1.816  1.00 26.87  ? 1189 VAL B CB  1 
ATOM   1125 C CG1 . VAL B 1 80  ? 4.547   -13.274 -2.916  1.00 26.32  ? 1189 VAL B CG1 1 
ATOM   1126 C CG2 . VAL B 1 80  ? 4.946   -13.163 -0.460  1.00 27.86  ? 1189 VAL B CG2 1 
ATOM   1127 N N   . TRP B 1 81  ? 7.542   -11.827 -3.952  1.00 26.44  ? 1190 TRP B N   1 
ATOM   1128 C CA  . TRP B 1 81  ? 7.862   -11.654 -5.363  1.00 26.46  ? 1190 TRP B CA  1 
ATOM   1129 C C   . TRP B 1 81  ? 9.216   -12.279 -5.672  1.00 30.14  ? 1190 TRP B C   1 
ATOM   1130 O O   . TRP B 1 81  ? 9.404   -12.883 -6.721  1.00 28.78  ? 1190 TRP B O   1 
ATOM   1131 C CB  . TRP B 1 81  ? 7.855   -10.179 -5.777  1.00 23.79  ? 1190 TRP B CB  1 
ATOM   1132 C CG  . TRP B 1 81  ? 7.779   -10.039 -7.265  1.00 24.78  ? 1190 TRP B CG  1 
ATOM   1133 C CD1 . TRP B 1 81  ? 8.808   -9.793  -8.129  1.00 22.36  ? 1190 TRP B CD1 1 
ATOM   1134 C CD2 . TRP B 1 81  ? 6.608   -10.212 -8.073  1.00 23.00  ? 1190 TRP B CD2 1 
ATOM   1135 N NE1 . TRP B 1 81  ? 8.339   -9.771  -9.425  1.00 24.79  ? 1190 TRP B NE1 1 
ATOM   1136 C CE2 . TRP B 1 81  ? 6.993   -10.030 -9.416  1.00 22.56  ? 1190 TRP B CE2 1 
ATOM   1137 C CE3 . TRP B 1 81  ? 5.267   -10.488 -7.784  1.00 20.96  ? 1190 TRP B CE3 1 
ATOM   1138 C CZ2 . TRP B 1 81  ? 6.085   -10.111 -10.469 1.00 23.98  ? 1190 TRP B CZ2 1 
ATOM   1139 C CZ3 . TRP B 1 81  ? 4.369   -10.577 -8.825  1.00 21.88  ? 1190 TRP B CZ3 1 
ATOM   1140 C CH2 . TRP B 1 81  ? 4.781   -10.387 -10.157 1.00 24.80  ? 1190 TRP B CH2 1 
ATOM   1141 N N   . LYS B 1 82  ? 10.164  -12.157 -4.753  1.00 29.83  ? 1191 LYS B N   1 
ATOM   1142 C CA  . LYS B 1 82  ? 11.474  -12.732 -5.017  1.00 32.33  ? 1191 LYS B CA  1 
ATOM   1143 C C   . LYS B 1 82  ? 11.456  -14.260 -5.014  1.00 29.65  ? 1191 LYS B C   1 
ATOM   1144 O O   . LYS B 1 82  ? 12.117  -14.894 -5.836  1.00 32.07  ? 1191 LYS B O   1 
ATOM   1145 C CB  . LYS B 1 82  ? 12.500  -12.239 -3.997  1.00 34.37  ? 1191 LYS B CB  1 
ATOM   1146 C CG  . LYS B 1 82  ? 13.723  -13.129 -3.947  1.00 43.79  ? 1191 LYS B CG  1 
ATOM   1147 C CD  . LYS B 1 82  ? 14.677  -12.797 -5.081  1.00 46.87  ? 1191 LYS B CD  1 
ATOM   1148 C CE  . LYS B 1 82  ? 15.396  -14.051 -5.556  1.00 47.36  ? 1191 LYS B CE  1 
ATOM   1149 N NZ  . LYS B 1 82  ? 16.385  -13.807 -6.643  1.00 53.49  ? 1191 LYS B NZ  1 
ATOM   1150 N N   . THR B 1 83  ? 10.664  -14.838 -4.118  1.00 27.54  ? 1192 THR B N   1 
ATOM   1151 C CA  . THR B 1 83  ? 10.574  -16.284 -3.988  1.00 27.43  ? 1192 THR B CA  1 
ATOM   1152 C C   . THR B 1 83  ? 9.870   -16.898 -5.194  1.00 29.59  ? 1192 THR B C   1 
ATOM   1153 O O   . THR B 1 83  ? 10.297  -17.933 -5.704  1.00 30.32  ? 1192 THR B O   1 
ATOM   1154 C CB  . THR B 1 83  ? 9.834   -16.686 -2.686  1.00 26.33  ? 1192 THR B CB  1 
ATOM   1155 O OG1 . THR B 1 83  ? 10.498  -16.102 -1.558  1.00 29.60  ? 1192 THR B OG1 1 
ATOM   1156 C CG2 . THR B 1 83  ? 9.814   -18.200 -2.522  1.00 28.89  ? 1192 THR B CG2 1 
ATOM   1157 N N   . PHE B 1 84  ? 8.796   -16.263 -5.658  1.00 26.15  ? 1193 PHE B N   1 
ATOM   1158 C CA  . PHE B 1 84  ? 7.916   -16.915 -6.627  1.00 28.47  ? 1193 PHE B CA  1 
ATOM   1159 C C   . PHE B 1 84  ? 7.892   -16.340 -8.053  1.00 25.68  ? 1193 PHE B C   1 
ATOM   1160 O O   . PHE B 1 84  ? 7.303   -16.955 -8.940  1.00 25.69  ? 1193 PHE B O   1 
ATOM   1161 C CB  . PHE B 1 84  ? 6.488   -16.935 -6.072  1.00 27.20  ? 1193 PHE B CB  1 
ATOM   1162 C CG  . PHE B 1 84  ? 6.346   -17.741 -4.814  1.00 26.42  ? 1193 PHE B CG  1 
ATOM   1163 C CD1 . PHE B 1 84  ? 6.361   -19.125 -4.860  1.00 29.56  ? 1193 PHE B CD1 1 
ATOM   1164 C CD2 . PHE B 1 84  ? 6.223   -17.119 -3.586  1.00 27.65  ? 1193 PHE B CD2 1 
ATOM   1165 C CE1 . PHE B 1 84  ? 6.241   -19.876 -3.698  1.00 30.26  ? 1193 PHE B CE1 1 
ATOM   1166 C CE2 . PHE B 1 84  ? 6.103   -17.860 -2.424  1.00 32.23  ? 1193 PHE B CE2 1 
ATOM   1167 C CZ  . PHE B 1 84  ? 6.115   -19.243 -2.485  1.00 31.17  ? 1193 PHE B CZ  1 
ATOM   1168 N N   . SER B 1 85  ? 8.496   -15.175 -8.292  1.00 23.67  ? 1194 SER B N   1 
ATOM   1169 C CA  . SER B 1 85  ? 8.378   -14.572 -9.626  1.00 24.76  ? 1194 SER B CA  1 
ATOM   1170 C C   . SER B 1 85  ? 9.154   -15.358 -10.673 1.00 26.37  ? 1194 SER B C   1 
ATOM   1171 O O   . SER B 1 85  ? 8.785   -15.367 -11.846 1.00 25.03  ? 1194 SER B O   1 
ATOM   1172 C CB  . SER B 1 85  ? 8.846   -13.115 -9.627  1.00 25.55  ? 1194 SER B CB  1 
ATOM   1173 O OG  . SER B 1 85  ? 10.249  -13.028 -9.445  1.00 25.48  ? 1194 SER B OG  1 
ATOM   1174 N N   . LYS B 1 86  ? 10.222  -16.025 -10.238 1.00 24.74  ? 1195 LYS B N   1 
ATOM   1175 C CA  . LYS B 1 86  ? 11.063  -16.796 -11.143 1.00 28.48  ? 1195 LYS B CA  1 
ATOM   1176 C C   . LYS B 1 86  ? 11.612  -15.911 -12.257 1.00 26.99  ? 1195 LYS B C   1 
ATOM   1177 O O   . LYS B 1 86  ? 11.724  -16.331 -13.410 1.00 25.31  ? 1195 LYS B O   1 
ATOM   1178 C CB  . LYS B 1 86  ? 10.274  -17.974 -11.708 1.00 27.58  ? 1195 LYS B CB  1 
ATOM   1179 C CG  . LYS B 1 86  ? 9.756   -18.880 -10.610 1.00 29.60  ? 1195 LYS B CG  1 
ATOM   1180 C CD  . LYS B 1 86  ? 8.762   -19.886 -11.140 1.00 30.94  ? 1195 LYS B CD  1 
ATOM   1181 C CE  . LYS B 1 86  ? 8.231   -20.746 -10.007 1.00 35.50  ? 1195 LYS B CE  1 
ATOM   1182 N NZ  . LYS B 1 86  ? 7.140   -21.656 -10.449 1.00 31.16  ? 1195 LYS B NZ  1 
ATOM   1183 N N   . GLY B 1 87  ? 11.937  -14.675 -11.897 1.00 30.48  ? 1196 GLY B N   1 
ATOM   1184 C CA  . GLY B 1 87  ? 12.490  -13.718 -12.835 1.00 28.52  ? 1196 GLY B CA  1 
ATOM   1185 C C   . GLY B 1 87  ? 11.479  -12.907 -13.618 1.00 30.33  ? 1196 GLY B C   1 
ATOM   1186 O O   . GLY B 1 87  ? 11.866  -12.055 -14.418 1.00 31.71  ? 1196 GLY B O   1 
ATOM   1187 N N   . ARG B 1 88  ? 10.189  -13.158 -13.408 1.00 29.23  ? 1197 ARG B N   1 
ATOM   1188 C CA  . ARG B 1 88  ? 9.166   -12.360 -14.080 1.00 27.55  ? 1197 ARG B CA  1 
ATOM   1189 C C   . ARG B 1 88  ? 9.246   -10.904 -13.642 1.00 29.14  ? 1197 ARG B C   1 
ATOM   1190 O O   . ARG B 1 88  ? 9.479   -10.613 -12.465 1.00 26.13  ? 1197 ARG B O   1 
ATOM   1191 C CB  . ARG B 1 88  ? 7.767   -12.913 -13.809 1.00 28.43  ? 1197 ARG B CB  1 
ATOM   1192 C CG  . ARG B 1 88  ? 7.429   -14.169 -14.595 1.00 26.03  ? 1197 ARG B CG  1 
ATOM   1193 C CD  . ARG B 1 88  ? 6.134   -14.787 -14.099 1.00 27.40  ? 1197 ARG B CD  1 
ATOM   1194 N NE  . ARG B 1 88  ? 6.306   -15.498 -12.833 1.00 25.34  ? 1197 ARG B NE  1 
ATOM   1195 C CZ  . ARG B 1 88  ? 5.355   -16.223 -12.258 1.00 25.88  ? 1197 ARG B CZ  1 
ATOM   1196 N NH1 . ARG B 1 88  ? 4.153   -16.312 -12.820 1.00 22.74  ? 1197 ARG B NH1 1 
ATOM   1197 N NH2 . ARG B 1 88  ? 5.600   -16.855 -11.118 1.00 24.82  ? 1197 ARG B NH2 1 
ATOM   1198 N N   . SER B 1 89  ? 9.033   -9.991  -14.584 1.00 23.93  ? 1198 SER B N   1 
ATOM   1199 C CA  . SER B 1 89  ? 9.126   -8.586  -14.247 1.00 30.92  ? 1198 SER B CA  1 
ATOM   1200 C C   . SER B 1 89  ? 7.837   -8.148  -13.575 1.00 26.66  ? 1198 SER B C   1 
ATOM   1201 O O   . SER B 1 89  ? 6.731   -8.604  -13.909 1.00 23.77  ? 1198 SER B O   1 
ATOM   1202 C CB  . SER B 1 89  ? 9.378   -7.718  -15.486 1.00 25.36  ? 1198 SER B CB  1 
ATOM   1203 O OG  . SER B 1 89  ? 8.281   -7.783  -16.378 1.00 28.55  ? 1198 SER B OG  1 
ATOM   1204 N N   . LEU B 1 90  ? 7.985   -7.159  -12.708 1.00 28.61  ? 1199 LEU B N   1 
ATOM   1205 C CA  . LEU B 1 90  ? 6.863   -6.506  -12.053 1.00 30.26  ? 1199 LEU B CA  1 
ATOM   1206 C C   . LEU B 1 90  ? 6.258   -5.607  -13.146 1.00 34.87  ? 1199 LEU B C   1 
ATOM   1207 O O   . LEU B 1 90  ? 6.926   -5.316  -14.085 1.00 29.82  ? 1199 LEU B O   1 
ATOM   1208 C CB  . LEU B 1 90  ? 7.359   -5.615  -10.923 1.00 32.65  ? 1199 LEU B CB  1 
ATOM   1209 C CG  . LEU B 1 90  ? 7.629   -6.200  -9.558  1.00 31.48  ? 1199 LEU B CG  1 
ATOM   1210 C CD1 . LEU B 1 90  ? 8.286   -5.168  -8.693  1.00 28.18  ? 1199 LEU B CD1 1 
ATOM   1211 C CD2 . LEU B 1 90  ? 6.338   -6.734  -8.983  1.00 25.97  ? 1199 LEU B CD2 1 
ATOM   1212 N N   . PRO B 1 91  ? 5.005   -5.199  -12.975 1.00 33.17  ? 1200 PRO B N   1 
ATOM   1213 C CA  . PRO B 1 91  ? 4.224   -5.578  -11.792 1.00 33.69  ? 1200 PRO B CA  1 
ATOM   1214 C C   . PRO B 1 91  ? 3.495   -6.910  -11.959 1.00 29.32  ? 1200 PRO B C   1 
ATOM   1215 O O   . PRO B 1 91  ? 3.783   -7.663  -12.890 1.00 29.70  ? 1200 PRO B O   1 
ATOM   1216 C CB  . PRO B 1 91  ? 3.210   -4.438  -11.669 1.00 38.89  ? 1200 PRO B CB  1 
ATOM   1217 C CG  . PRO B 1 91  ? 3.041   -3.942  -13.064 1.00 37.19  ? 1200 PRO B CG  1 
ATOM   1218 C CD  . PRO B 1 91  ? 4.387   -4.086  -13.717 1.00 35.06  ? 1200 PRO B CD  1 
ATOM   1219 N N   . GLY B 1 92  ? 2.560   -7.186  -11.057 1.00 24.54  ? 1201 GLY B N   1 
ATOM   1220 C CA  . GLY B 1 92  ? 1.793   -8.410  -11.088 1.00 29.13  ? 1201 GLY B CA  1 
ATOM   1221 C C   . GLY B 1 92  ? 0.644   -8.543  -10.116 1.00 27.74  ? 1201 GLY B C   1 
ATOM   1222 O O   . GLY B 1 92  ? 0.295   -7.586  -9.483  1.00 27.78  ? 1201 GLY B O   1 
ATOM   1223 N N   . VAL B 1 93  ? 0.063   -9.722  -10.012 1.00 24.37  ? 1202 VAL B N   1 
ATOM   1224 C CA  . VAL B 1 93  ? -1.095  -9.914  -9.168  1.00 24.75  ? 1202 VAL B CA  1 
ATOM   1225 C C   . VAL B 1 93  ? -0.834  -11.062 -8.212  1.00 26.58  ? 1202 VAL B C   1 
ATOM   1226 O O   . VAL B 1 93  ? -0.393  -12.140 -8.621  1.00 26.40  ? 1202 VAL B O   1 
ATOM   1227 C CB  . VAL B 1 93  ? -2.365  -10.185 -10.009 1.00 26.99  ? 1202 VAL B CB  1 
ATOM   1228 C CG1 . VAL B 1 93  ? -3.572  -10.450 -9.113  1.00 25.73  ? 1202 VAL B CG1 1 
ATOM   1229 C CG2 . VAL B 1 93  ? -2.637  -9.001  -10.917 1.00 24.14  ? 1202 VAL B CG2 1 
ATOM   1230 N N   . VAL B 1 94  ? -1.087  -10.821 -6.934  1.00 21.20  ? 1203 VAL B N   1 
ATOM   1231 C CA  . VAL B 1 94  ? -0.847  -11.817 -5.908  1.00 25.10  ? 1203 VAL B CA  1 
ATOM   1232 C C   . VAL B 1 94  ? -2.115  -11.963 -5.090  1.00 26.54  ? 1203 VAL B C   1 
ATOM   1233 O O   . VAL B 1 94  ? -2.747  -10.967 -4.741  1.00 26.85  ? 1203 VAL B O   1 
ATOM   1234 C CB  . VAL B 1 94  ? 0.333   -11.424 -4.998  1.00 26.39  ? 1203 VAL B CB  1 
ATOM   1235 C CG1 . VAL B 1 94  ? 0.523   -12.443 -3.888  1.00 27.16  ? 1203 VAL B CG1 1 
ATOM   1236 C CG2 . VAL B 1 94  ? 1.612   -11.276 -5.826  1.00 26.49  ? 1203 VAL B CG2 1 
ATOM   1237 N N   . ARG B 1 95  ? -2.495  -13.200 -4.799  1.00 25.98  ? 1204 ARG B N   1 
ATOM   1238 C CA  . ARG B 1 95  ? -3.656  -13.472 -3.965  1.00 26.38  ? 1204 ARG B CA  1 
ATOM   1239 C C   . ARG B 1 95  ? -3.198  -13.967 -2.605  1.00 30.88  ? 1204 ARG B C   1 
ATOM   1240 O O   . ARG B 1 95  ? -2.287  -14.787 -2.507  1.00 30.92  ? 1204 ARG B O   1 
ATOM   1241 C CB  . ARG B 1 95  ? -4.593  -14.486 -4.641  1.00 30.60  ? 1204 ARG B CB  1 
ATOM   1242 C CG  . ARG B 1 95  ? -5.743  -14.960 -3.757  1.00 35.45  ? 1204 ARG B CG  1 
ATOM   1243 C CD  . ARG B 1 95  ? -6.384  -16.257 -4.266  1.00 38.80  ? 1204 ARG B CD  1 
ATOM   1244 N NE  . ARG B 1 95  ? -5.449  -17.341 -4.556  1.00 42.24  ? 1204 ARG B NE  1 
ATOM   1245 C CZ  . ARG B 1 95  ? -5.425  -18.503 -3.912  1.00 45.14  ? 1204 ARG B CZ  1 
ATOM   1246 N NH1 . ARG B 1 95  ? -6.284  -18.738 -2.929  1.00 49.09  ? 1204 ARG B NH1 1 
ATOM   1247 N NH2 . ARG B 1 95  ? -4.544  -19.432 -4.261  1.00 42.37  ? 1204 ARG B NH2 1 
ATOM   1248 N N   . GLY B 1 96  ? -3.828  -13.452 -1.553  1.00 30.27  ? 1205 GLY B N   1 
ATOM   1249 C CA  . GLY B 1 96  ? -3.462  -13.804 -0.195  1.00 33.34  ? 1205 GLY B CA  1 
ATOM   1250 C C   . GLY B 1 96  ? -2.030  -13.428 0.127   1.00 32.66  ? 1205 GLY B C   1 
ATOM   1251 O O   . GLY B 1 96  ? -1.457  -12.531 -0.491  1.00 27.77  ? 1205 GLY B O   1 
ATOM   1252 N N   . HIS B 1 97  ? -1.443  -14.123 1.092   1.00 32.73  ? 1206 HIS B N   1 
ATOM   1253 C CA  . HIS B 1 97  ? -0.098  -13.793 1.550   1.00 36.53  ? 1206 HIS B CA  1 
ATOM   1254 C C   . HIS B 1 97  ? 1.005   -14.085 0.528   1.00 34.03  ? 1206 HIS B C   1 
ATOM   1255 O O   . HIS B 1 97  ? 1.984   -13.345 0.457   1.00 33.60  ? 1206 HIS B O   1 
ATOM   1256 C CB  . HIS B 1 97  ? 0.207   -14.527 2.854   1.00 37.98  ? 1206 HIS B CB  1 
ATOM   1257 C CG  . HIS B 1 97  ? -0.292  -13.813 4.071   1.00 43.74  ? 1206 HIS B CG  1 
ATOM   1258 N ND1 . HIS B 1 97  ? -1.581  -13.946 4.536   1.00 44.32  ? 1206 HIS B ND1 1 
ATOM   1259 C CD2 . HIS B 1 97  ? 0.324   -12.943 4.907   1.00 44.40  ? 1206 HIS B CD2 1 
ATOM   1260 C CE1 . HIS B 1 97  ? -1.737  -13.198 5.614   1.00 49.13  ? 1206 HIS B CE1 1 
ATOM   1261 N NE2 . HIS B 1 97  ? -0.597  -12.579 5.859   1.00 51.31  ? 1206 HIS B NE2 1 
ATOM   1262 N N   . ASN B 1 98  ? 0.869   -15.152 -0.256  1.00 30.46  ? 1207 ASN B N   1 
ATOM   1263 C CA  . ASN B 1 98  ? 1.962   -15.521 -1.152  1.00 29.67  ? 1207 ASN B CA  1 
ATOM   1264 C C   . ASN B 1 98  ? 1.578   -16.338 -2.383  1.00 31.20  ? 1207 ASN B C   1 
ATOM   1265 O O   . ASN B 1 98  ? 2.407   -17.070 -2.911  1.00 31.18  ? 1207 ASN B O   1 
ATOM   1266 C CB  . ASN B 1 98  ? 3.024   -16.297 -0.370  1.00 34.66  ? 1207 ASN B CB  1 
ATOM   1267 C CG  . ASN B 1 98  ? 2.473   -17.554 0.286   1.00 35.01  ? 1207 ASN B CG  1 
ATOM   1268 O OD1 . ASN B 1 98  ? 1.388   -18.030 -0.055  1.00 36.90  ? 1207 ASN B OD1 1 
ATOM   1269 N ND2 . ASN B 1 98  ? 3.231   -18.107 1.226   1.00 39.23  ? 1207 ASN B ND2 1 
ATOM   1270 N N   . ASP B 1 99  ? 0.336   -16.223 -2.841  1.00 28.92  ? 1208 ASP B N   1 
ATOM   1271 C CA  . ASP B 1 99  ? -0.075  -16.928 -4.046  1.00 28.92  ? 1208 ASP B CA  1 
ATOM   1272 C C   . ASP B 1 99  ? 0.103   -16.042 -5.286  1.00 29.10  ? 1208 ASP B C   1 
ATOM   1273 O O   . ASP B 1 99  ? -0.815  -15.319 -5.683  1.00 27.04  ? 1208 ASP B O   1 
ATOM   1274 C CB  . ASP B 1 99  ? -1.523  -17.401 -3.925  1.00 30.80  ? 1208 ASP B CB  1 
ATOM   1275 C CG  . ASP B 1 99  ? -1.669  -18.597 -2.993  1.00 40.75  ? 1208 ASP B CG  1 
ATOM   1276 O OD1 . ASP B 1 99  ? -0.686  -18.953 -2.307  1.00 39.55  ? 1208 ASP B OD1 1 
ATOM   1277 O OD2 . ASP B 1 99  ? -2.761  -19.195 -2.953  1.00 49.85  ? 1208 ASP B OD2 1 
ATOM   1278 N N   . LEU B 1 100 ? 1.289   -16.097 -5.884  1.00 24.43  ? 1209 LEU B N   1 
ATOM   1279 C CA  . LEU B 1 100 ? 1.572   -15.319 -7.088  1.00 27.53  ? 1209 LEU B CA  1 
ATOM   1280 C C   . LEU B 1 100 ? 0.750   -15.839 -8.256  1.00 28.09  ? 1209 LEU B C   1 
ATOM   1281 O O   . LEU B 1 100 ? 0.938   -16.972 -8.694  1.00 26.05  ? 1209 LEU B O   1 
ATOM   1282 C CB  . LEU B 1 100 ? 3.064   -15.372 -7.437  1.00 26.94  ? 1209 LEU B CB  1 
ATOM   1283 C CG  . LEU B 1 100 ? 3.655   -14.184 -8.207  1.00 26.77  ? 1209 LEU B CG  1 
ATOM   1284 C CD1 . LEU B 1 100 ? 5.164   -14.135 -8.011  1.00 26.51  ? 1209 LEU B CD1 1 
ATOM   1285 C CD2 . LEU B 1 100 ? 3.321   -14.247 -9.697  1.00 28.00  ? 1209 LEU B CD2 1 
ATOM   1286 N N   . ILE B 1 101 ? -0.173  -15.014 -8.742  1.00 25.93  ? 1210 ILE B N   1 
ATOM   1287 C CA  . ILE B 1 101 ? -1.045  -15.407 -9.842  1.00 26.63  ? 1210 ILE B CA  1 
ATOM   1288 C C   . ILE B 1 101 ? -0.359  -15.241 -11.193 1.00 28.55  ? 1210 ILE B C   1 
ATOM   1289 O O   . ILE B 1 101 ? -0.357  -16.155 -12.016 1.00 25.62  ? 1210 ILE B O   1 
ATOM   1290 C CB  . ILE B 1 101 ? -2.353  -14.589 -9.850  1.00 26.40  ? 1210 ILE B CB  1 
ATOM   1291 C CG1 . ILE B 1 101 ? -3.097  -14.754 -8.523  1.00 28.64  ? 1210 ILE B CG1 1 
ATOM   1292 C CG2 . ILE B 1 101 ? -3.217  -14.981 -11.050 1.00 29.91  ? 1210 ILE B CG2 1 
ATOM   1293 C CD1 . ILE B 1 101 ? -3.289  -16.191 -8.089  1.00 32.62  ? 1210 ILE B CD1 1 
ATOM   1294 N N   . GLY B 1 102 ? 0.234   -14.071 -11.414 1.00 25.76  ? 1211 GLY B N   1 
ATOM   1295 C CA  . GLY B 1 102 ? 0.926   -13.803 -12.659 1.00 23.24  ? 1211 GLY B CA  1 
ATOM   1296 C C   . GLY B 1 102 ? 1.452   -12.385 -12.726 1.00 27.27  ? 1211 GLY B C   1 
ATOM   1297 O O   . GLY B 1 102 ? 1.006   -11.517 -11.971 1.00 26.63  ? 1211 GLY B O   1 
ATOM   1298 N N   . ASN B 1 103 ? 2.411   -12.138 -13.613 1.00 24.88  ? 1212 ASN B N   1 
ATOM   1299 C CA  . ASN B 1 103 ? 2.852   -10.767 -13.805 1.00 26.41  ? 1212 ASN B CA  1 
ATOM   1300 C C   . ASN B 1 103 ? 1.972   -10.112 -14.866 1.00 24.75  ? 1212 ASN B C   1 
ATOM   1301 O O   . ASN B 1 103 ? 1.016   -10.728 -15.344 1.00 24.18  ? 1212 ASN B O   1 
ATOM   1302 C CB  . ASN B 1 103 ? 4.350   -10.698 -14.147 1.00 25.60  ? 1212 ASN B CB  1 
ATOM   1303 C CG  . ASN B 1 103 ? 4.649   -10.885 -15.622 1.00 25.87  ? 1212 ASN B CG  1 
ATOM   1304 O OD1 . ASN B 1 103 ? 3.944   -11.589 -16.349 1.00 24.33  ? 1212 ASN B OD1 1 
ATOM   1305 N ND2 . ASN B 1 103 ? 5.728   -10.256 -16.068 1.00 24.90  ? 1212 ASN B ND2 1 
ATOM   1306 N N   . TRP B 1 104 ? 2.272   -8.864  -15.207 1.00 25.08  ? 1213 TRP B N   1 
ATOM   1307 C CA  . TRP B 1 104 ? 1.400   -8.070  -16.071 1.00 25.76  ? 1213 TRP B CA  1 
ATOM   1308 C C   . TRP B 1 104 ? 1.069   -8.737  -17.399 1.00 26.68  ? 1213 TRP B C   1 
ATOM   1309 O O   . TRP B 1 104 ? -0.075  -8.686  -17.849 1.00 26.13  ? 1213 TRP B O   1 
ATOM   1310 C CB  . TRP B 1 104 ? 2.019   -6.692  -16.312 1.00 26.55  ? 1213 TRP B CB  1 
ATOM   1311 C CG  . TRP B 1 104 ? 3.399   -6.718  -16.897 1.00 29.49  ? 1213 TRP B CG  1 
ATOM   1312 C CD1 . TRP B 1 104 ? 4.568   -6.929  -16.222 1.00 30.07  ? 1213 TRP B CD1 1 
ATOM   1313 C CD2 . TRP B 1 104 ? 3.767   -6.431  -18.252 1.00 28.68  ? 1213 TRP B CD2 1 
ATOM   1314 N NE1 . TRP B 1 104 ? 5.636   -6.844  -17.083 1.00 27.48  ? 1213 TRP B NE1 1 
ATOM   1315 C CE2 . TRP B 1 104 ? 5.172   -6.533  -18.333 1.00 29.13  ? 1213 TRP B CE2 1 
ATOM   1316 C CE3 . TRP B 1 104 ? 3.046   -6.121  -19.410 1.00 33.12  ? 1213 TRP B CE3 1 
ATOM   1317 C CZ2 . TRP B 1 104 ? 5.869   -6.338  -19.526 1.00 27.53  ? 1213 TRP B CZ2 1 
ATOM   1318 C CZ3 . TRP B 1 104 ? 3.745   -5.932  -20.597 1.00 32.07  ? 1213 TRP B CZ3 1 
ATOM   1319 C CH2 . TRP B 1 104 ? 5.139   -6.039  -20.641 1.00 27.60  ? 1213 TRP B CH2 1 
ATOM   1320 N N   . GLU B 1 105 ? 2.061   -9.382  -18.004 1.00 28.04  ? 1214 GLU B N   1 
ATOM   1321 C CA  . GLU B 1 105 ? 1.890   -10.021 -19.306 1.00 25.02  ? 1214 GLU B CA  1 
ATOM   1322 C C   . GLU B 1 105 ? 0.904   -11.178 -19.217 1.00 26.53  ? 1214 GLU B C   1 
ATOM   1323 O O   . GLU B 1 105 ? 0.008   -11.309 -20.053 1.00 24.83  ? 1214 GLU B O   1 
ATOM   1324 C CB  . GLU B 1 105 ? 3.235   -10.520 -19.832 1.00 28.75  ? 1214 GLU B CB  1 
ATOM   1325 C CG  . GLU B 1 105 ? 4.311   -9.448  -19.889 1.00 28.30  ? 1214 GLU B CG  1 
ATOM   1326 C CD  . GLU B 1 105 ? 5.636   -9.985  -20.384 1.00 29.29  ? 1214 GLU B CD  1 
ATOM   1327 O OE1 . GLU B 1 105 ? 6.332   -10.660 -19.598 1.00 28.19  ? 1214 GLU B OE1 1 
ATOM   1328 O OE2 . GLU B 1 105 ? 5.978   -9.731  -21.559 1.00 28.34  ? 1214 GLU B OE2 1 
ATOM   1329 N N   . GLU B 1 106 ? 1.092   -12.026 -18.208 1.00 25.89  ? 1215 GLU B N   1 
ATOM   1330 C CA  . GLU B 1 106 ? 0.187   -13.138 -17.949 1.00 26.06  ? 1215 GLU B CA  1 
ATOM   1331 C C   . GLU B 1 106 ? -1.218  -12.640 -17.611 1.00 26.66  ? 1215 GLU B C   1 
ATOM   1332 O O   . GLU B 1 106 ? -2.216  -13.199 -18.078 1.00 26.63  ? 1215 GLU B O   1 
ATOM   1333 C CB  . GLU B 1 106 ? 0.732   -13.995 -16.813 1.00 23.34  ? 1215 GLU B CB  1 
ATOM   1334 C CG  . GLU B 1 106 ? 2.042   -14.680 -17.166 1.00 26.11  ? 1215 GLU B CG  1 
ATOM   1335 C CD  . GLU B 1 106 ? 2.710   -15.294 -15.957 1.00 29.62  ? 1215 GLU B CD  1 
ATOM   1336 O OE1 . GLU B 1 106 ? 3.013   -16.500 -16.000 1.00 32.99  ? 1215 GLU B OE1 1 
ATOM   1337 O OE2 . GLU B 1 106 ? 2.901   -14.574 -14.953 1.00 27.25  ? 1215 GLU B OE2 1 
ATOM   1338 N N   . ILE B 1 107 ? -1.303  -11.575 -16.821 1.00 28.13  ? 1216 ILE B N   1 
ATOM   1339 C CA  . ILE B 1 107 ? -2.613  -11.023 -16.499 1.00 27.38  ? 1216 ILE B CA  1 
ATOM   1340 C C   . ILE B 1 107 ? -3.249  -10.503 -17.776 1.00 26.63  ? 1216 ILE B C   1 
ATOM   1341 O O   . ILE B 1 107 ? -4.445  -10.703 -17.994 1.00 27.65  ? 1216 ILE B O   1 
ATOM   1342 C CB  . ILE B 1 107 ? -2.555  -9.913  -15.449 1.00 27.48  ? 1216 ILE B CB  1 
ATOM   1343 C CG1 . ILE B 1 107 ? -1.966  -10.459 -14.148 1.00 24.82  ? 1216 ILE B CG1 1 
ATOM   1344 C CG2 . ILE B 1 107 ? -3.953  -9.349  -15.210 1.00 27.04  ? 1216 ILE B CG2 1 
ATOM   1345 C CD1 . ILE B 1 107 ? -2.737  -11.638 -13.597 1.00 25.48  ? 1216 ILE B CD1 1 
ATOM   1346 N N   . GLU B 1 108 ? -2.461  -9.830  -18.614 1.00 26.39  ? 1217 GLU B N   1 
ATOM   1347 C CA  . GLU B 1 108 ? -2.958  -9.437  -19.924 1.00 32.21  ? 1217 GLU B CA  1 
ATOM   1348 C C   . GLU B 1 108 ? -3.507  -10.647 -20.622 1.00 38.83  ? 1217 GLU B C   1 
ATOM   1349 O O   . GLU B 1 108 ? -4.661  -10.603 -21.066 1.00 38.31  ? 1217 GLU B O   1 
ATOM   1350 C CB  . GLU B 1 108 ? -1.878  -8.815  -20.814 1.00 33.16  ? 1217 GLU B CB  1 
ATOM   1351 C CG  . GLU B 1 108 ? -1.468  -7.422  -20.466 1.00 35.83  ? 1217 GLU B CG  1 
ATOM   1352 C CD  . GLU B 1 108 ? -2.563  -6.401  -20.713 1.00 41.96  ? 1217 GLU B CD  1 
ATOM   1353 O OE1 . GLU B 1 108 ? -3.589  -6.745  -21.341 1.00 40.74  ? 1217 GLU B OE1 1 
ATOM   1354 O OE2 . GLU B 1 108 ? -2.381  -5.237  -20.307 1.00 45.39  ? 1217 GLU B OE2 1 
ATOM   1355 N N   . GLU B 1 109 ? -2.733  -11.738 -20.647 1.00 30.09  ? 1218 GLU B N   1 
ATOM   1356 C CA  . GLU B 1 109 ? -3.188  -12.901 -21.391 1.00 34.30  ? 1218 GLU B CA  1 
ATOM   1357 C C   . GLU B 1 109 ? -4.505  -13.474 -20.854 1.00 35.45  ? 1218 GLU B C   1 
ATOM   1358 O O   . GLU B 1 109 ? -5.405  -13.749 -21.656 1.00 31.79  ? 1218 GLU B O   1 
ATOM   1359 C CB  . GLU B 1 109 ? -2.122  -13.984 -21.409 1.00 30.96  ? 1218 GLU B CB  1 
ATOM   1360 C CG  . GLU B 1 109 ? -2.535  -15.147 -22.288 1.00 34.50  ? 1218 GLU B CG  1 
ATOM   1361 C CD  . GLU B 1 109 ? -1.668  -16.353 -22.108 1.00 35.36  ? 1218 GLU B CD  1 
ATOM   1362 O OE1 . GLU B 1 109 ? -0.819  -16.354 -21.185 1.00 34.96  ? 1218 GLU B OE1 1 
ATOM   1363 O OE2 . GLU B 1 109 ? -1.863  -17.306 -22.892 1.00 41.74  ? 1218 GLU B OE2 1 
ATOM   1364 N N   . ALA B 1 110 ? -4.661  -13.591 -19.531 1.00 30.37  ? 1219 ALA B N   1 
ATOM   1365 C CA  . ALA B 1 110 ? -5.907  -14.136 -18.992 1.00 32.70  ? 1219 ALA B CA  1 
ATOM   1366 C C   . ALA B 1 110 ? -7.087  -13.226 -19.313 1.00 35.14  ? 1219 ALA B C   1 
ATOM   1367 O O   . ALA B 1 110 ? -8.225  -13.689 -19.446 1.00 35.60  ? 1219 ALA B O   1 
ATOM   1368 C CB  . ALA B 1 110 ? -5.799  -14.340 -17.484 1.00 34.55  ? 1219 ALA B CB  1 
ATOM   1369 N N   . ASN B 1 111 ? -6.803  -11.934 -19.469 1.00 34.90  ? 1220 ASN B N   1 
ATOM   1370 C CA  . ASN B 1 111 ? -7.851  -10.956 -19.730 1.00 38.29  ? 1220 ASN B CA  1 
ATOM   1371 C C   . ASN B 1 111 ? -8.347  -11.030 -21.168 1.00 38.93  ? 1220 ASN B C   1 
ATOM   1372 O O   . ASN B 1 111 ? -9.531  -10.836 -21.399 1.00 37.31  ? 1220 ASN B O   1 
ATOM   1373 C CB  . ASN B 1 111 ? -7.404  -9.527  -19.434 1.00 30.58  ? 1220 ASN B CB  1 
ATOM   1374 C CG  . ASN B 1 111 ? -8.567  -8.540  -19.470 1.00 35.72  ? 1220 ASN B CG  1 
ATOM   1375 O OD1 . ASN B 1 111 ? -9.645  -8.799  -18.930 1.00 37.48  ? 1220 ASN B OD1 1 
ATOM   1376 N ND2 . ASN B 1 111 ? -8.372  -7.433  -20.173 1.00 30.25  ? 1220 ASN B ND2 1 
ATOM   1377 N N   . GLU B 1 112 ? -7.493  -11.323 -22.149 1.00 42.74  ? 1221 GLU B N   1 
ATOM   1378 C CA  . GLU B 1 112 ? -8.049  -11.350 -23.510 1.00 43.45  ? 1221 GLU B CA  1 
ATOM   1379 C C   . GLU B 1 112 ? -8.757  -12.697 -23.669 1.00 41.24  ? 1221 GLU B C   1 
ATOM   1380 O O   . GLU B 1 112 ? -9.675  -12.828 -24.477 1.00 42.55  ? 1221 GLU B O   1 
ATOM   1381 C CB  . GLU B 1 112 ? -7.019  -11.170 -24.636 1.00 45.19  ? 1221 GLU B CB  1 
ATOM   1382 C CG  . GLU B 1 112 ? -6.126  -9.995  -24.491 1.00 46.36  ? 1221 GLU B CG  1 
ATOM   1383 C CD  . GLU B 1 112 ? -4.854  -10.334 -23.786 1.00 56.97  ? 1221 GLU B CD  1 
ATOM   1384 O OE1 . GLU B 1 112 ? -4.549  -11.534 -23.653 1.00 54.34  ? 1221 GLU B OE1 1 
ATOM   1385 O OE2 . GLU B 1 112 ? -4.181  -9.416  -23.262 1.00 54.05  ? 1221 GLU B OE2 1 
ATOM   1386 N N   . ASP B 1 113 ? -8.360  -13.697 -22.887 1.00 39.97  ? 1222 ASP B N   1 
ATOM   1387 C CA  . ASP B 1 113 ? -9.179  -14.903 -22.804 1.00 44.15  ? 1222 ASP B CA  1 
ATOM   1388 C C   . ASP B 1 113 ? -10.330 -14.714 -21.824 1.00 44.40  ? 1222 ASP B C   1 
ATOM   1389 O O   . ASP B 1 113 ? -11.167 -15.596 -21.682 1.00 45.64  ? 1222 ASP B O   1 
ATOM   1390 C CB  . ASP B 1 113 ? -8.347  -16.135 -22.425 1.00 46.79  ? 1222 ASP B CB  1 
ATOM   1391 C CG  . ASP B 1 113 ? -7.357  -16.530 -23.509 1.00 47.18  ? 1222 ASP B CG  1 
ATOM   1392 O OD1 . ASP B 1 113 ? -7.779  -16.643 -24.683 1.00 49.93  ? 1222 ASP B OD1 1 
ATOM   1393 O OD2 . ASP B 1 113 ? -6.171  -16.755 -23.192 1.00 44.44  ? 1222 ASP B OD2 1 
ATOM   1394 N N   . TYR B 1 114 ? -10.374 -13.554 -21.173 1.00 44.24  ? 1223 TYR B N   1 
ATOM   1395 C CA  . TYR B 1 114 ? -11.391 -13.237 -20.169 1.00 44.49  ? 1223 TYR B CA  1 
ATOM   1396 C C   . TYR B 1 114 ? -11.545 -14.316 -19.105 1.00 43.20  ? 1223 TYR B C   1 
ATOM   1397 O O   . TYR B 1 114 ? -12.652 -14.578 -18.652 1.00 46.12  ? 1223 TYR B O   1 
ATOM   1398 C CB  . TYR B 1 114 ? -12.760 -13.020 -20.824 1.00 45.90  ? 1223 TYR B CB  1 
ATOM   1399 C CG  . TYR B 1 114 ? -12.990 -11.642 -21.414 1.00 49.17  ? 1223 TYR B CG  1 
ATOM   1400 C CD1 . TYR B 1 114 ? -13.055 -10.507 -20.616 1.00 45.17  ? 1223 TYR B CD1 1 
ATOM   1401 C CD2 . TYR B 1 114 ? -13.181 -11.490 -22.781 1.00 56.00  ? 1223 TYR B CD2 1 
ATOM   1402 C CE1 . TYR B 1 114 ? -13.271 -9.249  -21.181 1.00 48.52  ? 1223 TYR B CE1 1 
ATOM   1403 C CE2 . TYR B 1 114 ? -13.404 -10.257 -23.347 1.00 53.64  ? 1223 TYR B CE2 1 
ATOM   1404 C CZ  . TYR B 1 114 ? -13.448 -9.138  -22.552 1.00 51.56  ? 1223 TYR B CZ  1 
ATOM   1405 O OH  . TYR B 1 114 ? -13.666 -7.918  -23.153 1.00 54.94  ? 1223 TYR B OH  1 
ATOM   1406 N N   . LYS B 1 115 ? -10.457 -14.957 -18.718 1.00 43.77  ? 1224 LYS B N   1 
ATOM   1407 C CA  . LYS B 1 115 ? -10.520 -15.939 -17.645 1.00 44.56  ? 1224 LYS B CA  1 
ATOM   1408 C C   . LYS B 1 115 ? -9.645  -15.451 -16.521 1.00 42.56  ? 1224 LYS B C   1 
ATOM   1409 O O   . LYS B 1 115 ? -9.055  -16.243 -15.795 1.00 41.98  ? 1224 LYS B O   1 
ATOM   1410 C CB  . LYS B 1 115 ? -10.050 -17.298 -18.130 1.00 48.88  ? 1224 LYS B CB  1 
ATOM   1411 C CG  . LYS B 1 115 ? -10.909 -17.915 -19.209 1.00 53.81  ? 1224 LYS B CG  1 
ATOM   1412 C CD  . LYS B 1 115 ? -10.061 -18.793 -20.101 1.00 61.13  ? 1224 LYS B CD  1 
ATOM   1413 C CE  . LYS B 1 115 ? -8.714  -19.094 -19.443 1.00 76.07  ? 1224 LYS B CE  1 
ATOM   1414 N NZ  . LYS B 1 115 ? -7.685  -19.498 -20.432 1.00 111.37 ? 1224 LYS B NZ  1 
ATOM   1415 N N   . LEU B 1 116 ? -9.587  -14.131 -16.373 1.00 39.66  ? 1225 LEU B N   1 
ATOM   1416 C CA  . LEU B 1 116 ? -8.753  -13.501 -15.362 1.00 36.53  ? 1225 LEU B CA  1 
ATOM   1417 C C   . LEU B 1 116 ? -9.199  -14.017 -13.997 1.00 43.54  ? 1225 LEU B C   1 
ATOM   1418 O O   . LEU B 1 116 ? -8.389  -14.154 -13.076 1.00 39.48  ? 1225 LEU B O   1 
ATOM   1419 C CB  . LEU B 1 116 ? -8.812  -11.980 -15.443 1.00 36.20  ? 1225 LEU B CB  1 
ATOM   1420 C CG  . LEU B 1 116 ? -8.033  -11.341 -14.298 1.00 33.60  ? 1225 LEU B CG  1 
ATOM   1421 C CD1 . LEU B 1 116 ? -6.573  -11.781 -14.415 1.00 34.51  ? 1225 LEU B CD1 1 
ATOM   1422 C CD2 . LEU B 1 116 ? -8.130  -9.834  -14.330 1.00 32.67  ? 1225 LEU B CD2 1 
ATOM   1423 N N   . ARG B 1 117 ? -10.481 -14.353 -13.869 1.00 42.92  ? 1226 ARG B N   1 
ATOM   1424 C CA  . ARG B 1 117 ? -10.938 -15.087 -12.691 1.00 48.84  ? 1226 ARG B CA  1 
ATOM   1425 C C   . ARG B 1 117 ? -10.328 -16.483 -12.959 1.00 48.45  ? 1226 ARG B C   1 
ATOM   1426 O O   . ARG B 1 117 ? -11.024 -17.479 -13.163 1.00 50.91  ? 1226 ARG B O   1 
ATOM   1427 C CB  . ARG B 1 117 ? -12.470 -15.103 -12.613 1.00 48.10  ? 1226 ARG B CB  1 
ATOM   1428 C CG  . ARG B 1 117 ? -13.049 -13.758 -12.156 1.00 50.77  ? 1226 ARG B CG  1 
ATOM   1429 C CD  . ARG B 1 117 ? -14.572 -13.750 -12.022 1.00 51.51  ? 1226 ARG B CD  1 
ATOM   1430 N NE  . ARG B 1 117 ? -15.045 -12.523 -11.379 1.00 46.87  ? 1226 ARG B NE  1 
ATOM   1431 C CZ  . ARG B 1 117 ? -15.071 -12.326 -10.065 1.00 48.41  ? 1226 ARG B CZ  1 
ATOM   1432 N NH1 . ARG B 1 117 ? -14.664 -13.285 -9.247  1.00 54.59  ? 1226 ARG B NH1 1 
ATOM   1433 N NH2 . ARG B 1 117 ? -15.506 -11.179 -9.567  1.00 44.65  ? 1226 ARG B NH2 1 
ATOM   1434 N N   . GLU B 1 118 ? -8.994  -16.474 -13.007 1.00 50.01  ? 1227 GLU B N   1 
ATOM   1435 C CA  . GLU B 1 118 ? -8.073  -17.600 -13.027 1.00 42.27  ? 1227 GLU B CA  1 
ATOM   1436 C C   . GLU B 1 118 ? -7.550  -17.596 -11.616 1.00 49.08  ? 1227 GLU B C   1 
ATOM   1437 O O   . GLU B 1 118 ? -7.175  -18.622 -11.057 1.00 51.36  ? 1227 GLU B O   1 
ATOM   1438 C CB  . GLU B 1 118 ? -6.901  -17.391 -14.000 1.00 42.28  ? 1227 GLU B CB  1 
ATOM   1439 C CG  . GLU B 1 118 ? -5.671  -16.780 -13.302 1.00 43.65  ? 1227 GLU B CG  1 
ATOM   1440 C CD  . GLU B 1 118 ? -4.461  -16.570 -14.177 1.00 47.36  ? 1227 GLU B CD  1 
ATOM   1441 O OE1 . GLU B 1 118 ? -4.428  -15.571 -14.926 1.00 48.18  ? 1227 GLU B OE1 1 
ATOM   1442 O OE2 . GLU B 1 118 ? -3.520  -17.388 -14.084 1.00 47.03  ? 1227 GLU B OE2 1 
ATOM   1443 N N   . LEU B 1 119 ? -7.537  -16.394 -11.052 1.00 44.43  ? 1228 LEU B N   1 
ATOM   1444 C CA  . LEU B 1 119 ? -6.769  -16.092 -9.862  1.00 47.68  ? 1228 LEU B CA  1 
ATOM   1445 C C   . LEU B 1 119 ? -7.457  -16.562 -8.602  1.00 43.62  ? 1228 LEU B C   1 
ATOM   1446 O O   . LEU B 1 119 ? -6.851  -16.564 -7.538  1.00 42.38  ? 1228 LEU B O   1 
ATOM   1447 C CB  . LEU B 1 119 ? -6.477  -14.592 -9.796  1.00 39.92  ? 1228 LEU B CB  1 
ATOM   1448 C CG  . LEU B 1 119 ? -7.621  -13.588 -9.755  1.00 40.45  ? 1228 LEU B CG  1 
ATOM   1449 C CD1 . LEU B 1 119 ? -7.923  -13.229 -8.312  1.00 38.64  ? 1228 LEU B CD1 1 
ATOM   1450 C CD2 . LEU B 1 119 ? -7.261  -12.351 -10.566 1.00 36.54  ? 1228 LEU B CD2 1 
ATOM   1451 N N   . ILE B 1 120 ? -8.724  -16.936 -8.700  1.00 47.52  ? 1229 ILE B N   1 
ATOM   1452 C CA  . ILE B 1 120 ? -9.411  -17.401 -7.509  1.00 52.77  ? 1229 ILE B CA  1 
ATOM   1453 C C   . ILE B 1 120 ? -9.378  -18.941 -7.497  1.00 53.23  ? 1229 ILE B C   1 
ATOM   1454 O O   . ILE B 1 120 ? -9.498  -19.570 -6.443  1.00 55.47  ? 1229 ILE B O   1 
ATOM   1455 C CB  . ILE B 1 120 ? -10.846 -16.837 -7.479  1.00 55.65  ? 1229 ILE B CB  1 
ATOM   1456 C CG1 . ILE B 1 120 ? -10.783 -15.346 -7.138  1.00 53.03  ? 1229 ILE B CG1 1 
ATOM   1457 C CG2 . ILE B 1 120 ? -11.713 -17.559 -6.455  1.00 64.87  ? 1229 ILE B CG2 1 
ATOM   1458 C CD1 . ILE B 1 120 ? -11.770 -14.500 -7.916  1.00 47.13  ? 1229 ILE B CD1 1 
ATOM   1459 N N   . TYR B 1 121 ? -9.152  -19.539 -8.667  1.00 54.58  ? 1230 TYR B N   1 
ATOM   1460 C CA  . TYR B 1 121 ? -9.001  -20.995 -8.771  1.00 56.33  ? 1230 TYR B CA  1 
ATOM   1461 C C   . TYR B 1 121 ? -7.568  -21.402 -9.134  1.00 51.58  ? 1230 TYR B C   1 
ATOM   1462 O O   . TYR B 1 121 ? -7.352  -22.495 -9.653  1.00 58.97  ? 1230 TYR B O   1 
ATOM   1463 C CB  . TYR B 1 121 ? -9.988  -21.578 -9.788  1.00 59.05  ? 1230 TYR B CB  1 
ATOM   1464 C CG  . TYR B 1 121 ? -11.356 -20.932 -9.762  1.00 65.45  ? 1230 TYR B CG  1 
ATOM   1465 C CD1 . TYR B 1 121 ? -11.972 -20.599 -8.559  1.00 71.02  ? 1230 TYR B CD1 1 
ATOM   1466 C CD2 . TYR B 1 121 ? -12.030 -20.651 -10.939 1.00 71.41  ? 1230 TYR B CD2 1 
ATOM   1467 C CE1 . TYR B 1 121 ? -13.215 -19.998 -8.534  1.00 92.55  ? 1230 TYR B CE1 1 
ATOM   1468 C CE2 . TYR B 1 121 ? -13.278 -20.053 -10.923 1.00 78.68  ? 1230 TYR B CE2 1 
ATOM   1469 C CZ  . TYR B 1 121 ? -13.865 -19.730 -9.719  1.00 90.50  ? 1230 TYR B CZ  1 
ATOM   1470 O OH  . TYR B 1 121 ? -15.106 -19.136 -9.699  1.00 93.67  ? 1230 TYR B OH  1 
ATOM   1471 N N   . ASP B 1 122 ? -6.615  -20.509 -8.858  1.00 50.75  ? 1231 ASP B N   1 
ATOM   1472 C CA  . ASP B 1 122 ? -5.196  -20.640 -9.225  1.00 49.56  ? 1231 ASP B CA  1 
ATOM   1473 C C   . ASP B 1 122 ? -4.977  -20.479 -10.724 1.00 51.04  ? 1231 ASP B C   1 
ATOM   1474 O O   . ASP B 1 122 ? -4.208  -19.618 -11.152 1.00 47.15  ? 1231 ASP B O   1 
ATOM   1475 C CB  . ASP B 1 122 ? -4.608  -21.976 -8.765  1.00 52.80  ? 1231 ASP B CB  1 
ATOM   1476 C CG  . ASP B 1 122 ? -4.915  -22.277 -7.320  1.00 53.66  ? 1231 ASP B CG  1 
ATOM   1477 O OD1 . ASP B 1 122 ? -5.504  -21.403 -6.645  1.00 49.97  ? 1231 ASP B OD1 1 
ATOM   1478 O OD2 . ASP B 1 122 ? -4.551  -23.380 -6.856  1.00 53.59  ? 1231 ASP B OD2 1 
HETATM 1479 O O   . HOH C 2 .   ? -6.385  13.374  -3.000  1.00 44.20  ? 1301 HOH A O   1 
HETATM 1480 O O   . HOH C 2 .   ? 2.919   1.203   24.271  1.00 48.94  ? 1302 HOH A O   1 
HETATM 1481 O O   . HOH C 2 .   ? 3.559   -14.684 23.585  1.00 42.99  ? 1303 HOH A O   1 
HETATM 1482 O O   . HOH C 2 .   ? 1.300   1.398   22.168  1.00 42.26  ? 1304 HOH A O   1 
HETATM 1483 O O   . HOH C 2 .   ? -9.750  15.450  6.462   1.00 31.39  ? 1305 HOH A O   1 
HETATM 1484 O O   . HOH C 2 .   ? 7.107   9.124   -0.627  1.00 38.27  ? 1306 HOH A O   1 
HETATM 1485 O O   . HOH C 2 .   ? 5.821   -0.407  10.483  1.00 31.90  ? 1307 HOH A O   1 
HETATM 1486 O O   . HOH C 2 .   ? -7.654  19.945  5.776   1.00 27.68  ? 1308 HOH A O   1 
HETATM 1487 O O   . HOH C 2 .   ? -4.646  1.276   9.401   1.00 24.19  ? 1309 HOH A O   1 
HETATM 1488 O O   . HOH C 2 .   ? 0.293   -1.345  1.573   1.00 22.15  ? 1310 HOH A O   1 
HETATM 1489 O O   . HOH C 2 .   ? 1.615   23.221  1.668   1.00 31.72  ? 1311 HOH A O   1 
HETATM 1490 O O   . HOH C 2 .   ? -2.978  -2.619  10.937  1.00 30.46  ? 1312 HOH A O   1 
HETATM 1491 O O   . HOH C 2 .   ? -5.215  17.135  15.726  1.00 38.00  ? 1313 HOH A O   1 
HETATM 1492 O O   . HOH C 2 .   ? -12.811 13.229  12.787  1.00 26.49  ? 1314 HOH A O   1 
HETATM 1493 O O   . HOH C 2 .   ? -11.672 3.960   -1.290  1.00 35.03  ? 1315 HOH A O   1 
HETATM 1494 O O   . HOH C 2 .   ? 5.781   16.201  7.112   1.00 35.18  ? 1316 HOH A O   1 
HETATM 1495 O O   . HOH C 2 .   ? -5.727  7.779   -5.095  1.00 32.29  ? 1317 HOH A O   1 
HETATM 1496 O O   . HOH C 2 .   ? -4.121  20.771  2.138   1.00 27.02  ? 1318 HOH A O   1 
HETATM 1497 O O   . HOH C 2 .   ? 1.610   -8.644  18.257  1.00 35.76  ? 1319 HOH A O   1 
HETATM 1498 O O   . HOH C 2 .   ? 1.040   22.830  16.964  1.00 47.21  ? 1320 HOH A O   1 
HETATM 1499 O O   . HOH C 2 .   ? 0.576   15.871  -5.532  1.00 21.98  ? 1321 HOH A O   1 
HETATM 1500 O O   . HOH C 2 .   ? 3.245   -1.181  7.708   1.00 23.32  ? 1322 HOH A O   1 
HETATM 1501 O O   . HOH C 2 .   ? -3.633  0.546   0.419   1.00 21.77  ? 1323 HOH A O   1 
HETATM 1502 O O   . HOH C 2 .   ? -10.857 -1.818  0.175   1.00 33.62  ? 1324 HOH A O   1 
HETATM 1503 O O   . HOH C 2 .   ? 0.707   -2.777  4.011   1.00 34.27  ? 1325 HOH A O   1 
HETATM 1504 O O   . HOH C 2 .   ? -1.304  19.988  -5.716  1.00 27.91  ? 1326 HOH A O   1 
HETATM 1505 O O   . HOH C 2 .   ? -7.150  15.131  2.566   1.00 21.98  ? 1327 HOH A O   1 
HETATM 1506 O O   . HOH C 2 .   ? -5.120  11.968  15.970  1.00 37.97  ? 1328 HOH A O   1 
HETATM 1507 O O   . HOH C 2 .   ? 4.703   16.405  4.314   1.00 27.25  ? 1329 HOH A O   1 
HETATM 1508 O O   . HOH C 2 .   ? -17.347 7.547   10.460  1.00 46.67  ? 1330 HOH A O   1 
HETATM 1509 O O   . HOH C 2 .   ? 3.046   17.773  16.538  1.00 33.39  ? 1331 HOH A O   1 
HETATM 1510 O O   . HOH C 2 .   ? 4.135   -1.557  18.895  1.00 42.01  ? 1332 HOH A O   1 
HETATM 1511 O O   . HOH C 2 .   ? -4.487  -2.340  15.570  1.00 42.14  ? 1333 HOH A O   1 
HETATM 1512 O O   . HOH C 2 .   ? 9.578   1.171   4.830   1.00 23.87  ? 1334 HOH A O   1 
HETATM 1513 O O   . HOH C 2 .   ? -4.351  -2.369  19.198  1.00 30.28  ? 1335 HOH A O   1 
HETATM 1514 O O   . HOH C 2 .   ? 5.053   19.148  0.561   1.00 30.90  ? 1336 HOH A O   1 
HETATM 1515 O O   . HOH C 2 .   ? 9.346   3.211   17.377  1.00 41.98  ? 1337 HOH A O   1 
HETATM 1516 O O   . HOH C 2 .   ? 5.399   18.599  3.182   1.00 32.62  ? 1338 HOH A O   1 
HETATM 1517 O O   . HOH C 2 .   ? 8.264   1.396   16.199  1.00 46.19  ? 1339 HOH A O   1 
HETATM 1518 O O   . HOH D 2 .   ? -11.190 -19.520 -14.023 1.00 50.58  ? 1301 HOH B O   1 
HETATM 1519 O O   . HOH D 2 .   ? 4.058   0.291   0.983   1.00 22.48  ? 1302 HOH B O   1 
HETATM 1520 O O   . HOH D 2 .   ? -2.492  -22.285 -5.990  1.00 45.24  ? 1303 HOH B O   1 
HETATM 1521 O O   . HOH D 2 .   ? 9.912   -10.526 -16.859 1.00 27.79  ? 1304 HOH B O   1 
HETATM 1522 O O   . HOH D 2 .   ? -2.086  -1.720  0.350   1.00 20.21  ? 1305 HOH B O   1 
HETATM 1523 O O   . HOH D 2 .   ? 0.244   -3.816  -17.457 1.00 39.71  ? 1306 HOH B O   1 
HETATM 1524 O O   . HOH D 2 .   ? -3.967  0.091   -2.357  1.00 23.06  ? 1307 HOH B O   1 
HETATM 1525 O O   . HOH D 2 .   ? 0.933   -10.841 -0.158  1.00 29.84  ? 1308 HOH B O   1 
HETATM 1526 O O   . HOH D 2 .   ? -1.747  -6.227  -17.918 1.00 34.36  ? 1309 HOH B O   1 
HETATM 1527 O O   . HOH D 2 .   ? 9.896   1.643   -5.087  1.00 51.62  ? 1310 HOH B O   1 
HETATM 1528 O O   . HOH D 2 .   ? -5.674  2.870   -14.396 1.00 30.47  ? 1311 HOH B O   1 
HETATM 1529 O O   . HOH D 2 .   ? -9.204  -8.276  -2.831  1.00 28.83  ? 1312 HOH B O   1 
HETATM 1530 O O   . HOH D 2 .   ? 2.720   -2.053  0.236   1.00 21.62  ? 1313 HOH B O   1 
HETATM 1531 O O   . HOH D 2 .   ? -9.964  -2.905  -2.420  1.00 35.70  ? 1314 HOH B O   1 
HETATM 1532 O O   . HOH D 2 .   ? 5.056   -13.931 -17.362 1.00 32.08  ? 1315 HOH B O   1 
HETATM 1533 O O   . HOH D 2 .   ? -11.448 -2.894  -8.166  1.00 37.98  ? 1316 HOH B O   1 
HETATM 1534 O O   . HOH D 2 .   ? -1.357  -17.347 -0.036  1.00 35.68  ? 1317 HOH B O   1 
HETATM 1535 O O   . HOH D 2 .   ? 6.281   -23.236 -8.255  1.00 29.08  ? 1318 HOH B O   1 
HETATM 1536 O O   . HOH D 2 .   ? 8.647   3.255   -2.803  1.00 29.61  ? 1319 HOH B O   1 
HETATM 1537 O O   . HOH D 2 .   ? 4.100   -8.594  -23.447 1.00 27.35  ? 1320 HOH B O   1 
HETATM 1538 O O   . HOH D 2 .   ? -3.361  -3.801  1.650   1.00 23.74  ? 1321 HOH B O   1 
HETATM 1539 O O   . HOH D 2 .   ? -6.628  -6.335  -1.232  1.00 30.30  ? 1322 HOH B O   1 
HETATM 1540 O O   . HOH D 2 .   ? 2.938   -18.491 -5.494  1.00 28.16  ? 1323 HOH B O   1 
HETATM 1541 O O   . HOH D 2 .   ? 7.710   -3.134  -15.910 1.00 37.91  ? 1324 HOH B O   1 
HETATM 1542 O O   . HOH D 2 .   ? 10.647  -6.111  -11.906 1.00 29.31  ? 1325 HOH B O   1 
HETATM 1543 O O   . HOH D 2 .   ? 2.794   -18.099 -10.851 1.00 32.20  ? 1326 HOH B O   1 
HETATM 1544 O O   . HOH D 2 .   ? -13.093 -15.062 -0.733  1.00 44.49  ? 1327 HOH B O   1 
HETATM 1545 O O   . HOH D 2 .   ? 10.083  -3.052  -17.970 1.00 32.15  ? 1328 HOH B O   1 
HETATM 1546 O O   . HOH D 2 .   ? -2.759  -16.150 -18.640 1.00 31.20  ? 1329 HOH B O   1 
HETATM 1547 O O   . HOH D 2 .   ? 11.391  -1.023  3.252   1.00 21.31  ? 1330 HOH B O   1 
HETATM 1548 O O   . HOH D 2 .   ? 10.203  -13.661 -16.998 1.00 29.56  ? 1331 HOH B O   1 
HETATM 1549 O O   . HOH D 2 .   ? -9.252  -5.413  -1.419  1.00 32.81  ? 1332 HOH B O   1 
HETATM 1550 O O   . HOH D 2 .   ? -10.082 -9.123  2.075   1.00 44.70  ? 1333 HOH B O   1 
HETATM 1551 O O   . HOH D 2 .   ? 10.001  -2.524  -15.047 1.00 40.96  ? 1334 HOH B O   1 
HETATM 1552 O O   . HOH D 2 .   ? -11.260 -8.582  -0.575  1.00 36.64  ? 1335 HOH B O   1 
# 
